data_4ENB
# 
_entry.id   4ENB 
# 
_audit_conform.dict_name       mmcif_pdbx.dic 
_audit_conform.dict_version    5.387 
_audit_conform.dict_location   http://mmcif.pdb.org/dictionaries/ascii/mmcif_pdbx.dic 
# 
loop_
_database_2.database_id 
_database_2.database_code 
_database_2.pdbx_database_accession 
_database_2.pdbx_DOI 
PDB   4ENB         pdb_00004enb 10.2210/pdb4enb/pdb 
NDB   NA1732       ?            ?                   
RCSB  RCSB071833   ?            ?                   
WWPDB D_1000071833 ?            ?                   
# 
loop_
_pdbx_audit_revision_history.ordinal 
_pdbx_audit_revision_history.data_content_type 
_pdbx_audit_revision_history.major_revision 
_pdbx_audit_revision_history.minor_revision 
_pdbx_audit_revision_history.revision_date 
1 'Structure model' 1 0 2012-05-09 
2 'Structure model' 1 1 2012-06-20 
3 'Structure model' 1 2 2013-02-13 
4 'Structure model' 1 3 2024-02-28 
# 
_pdbx_audit_revision_details.ordinal             1 
_pdbx_audit_revision_details.revision_ordinal    1 
_pdbx_audit_revision_details.data_content_type   'Structure model' 
_pdbx_audit_revision_details.provider            repository 
_pdbx_audit_revision_details.type                'Initial release' 
_pdbx_audit_revision_details.description         ? 
_pdbx_audit_revision_details.details             ? 
# 
loop_
_pdbx_audit_revision_group.ordinal 
_pdbx_audit_revision_group.revision_ordinal 
_pdbx_audit_revision_group.data_content_type 
_pdbx_audit_revision_group.group 
1 2 'Structure model' 'Database references'  
2 3 'Structure model' 'Structure summary'    
3 4 'Structure model' 'Data collection'      
4 4 'Structure model' 'Database references'  
5 4 'Structure model' 'Derived calculations' 
# 
loop_
_pdbx_audit_revision_category.ordinal 
_pdbx_audit_revision_category.revision_ordinal 
_pdbx_audit_revision_category.data_content_type 
_pdbx_audit_revision_category.category 
1 4 'Structure model' chem_comp_atom         
2 4 'Structure model' chem_comp_bond         
3 4 'Structure model' database_2             
4 4 'Structure model' pdbx_struct_conn_angle 
5 4 'Structure model' struct_conn            
6 4 'Structure model' struct_site            
# 
loop_
_pdbx_audit_revision_item.ordinal 
_pdbx_audit_revision_item.revision_ordinal 
_pdbx_audit_revision_item.data_content_type 
_pdbx_audit_revision_item.item 
1  4 'Structure model' '_database_2.pdbx_DOI'                        
2  4 'Structure model' '_database_2.pdbx_database_accession'         
3  4 'Structure model' '_pdbx_struct_conn_angle.ptnr1_auth_comp_id'  
4  4 'Structure model' '_pdbx_struct_conn_angle.ptnr1_auth_seq_id'   
5  4 'Structure model' '_pdbx_struct_conn_angle.ptnr1_label_asym_id' 
6  4 'Structure model' '_pdbx_struct_conn_angle.ptnr1_label_atom_id' 
7  4 'Structure model' '_pdbx_struct_conn_angle.ptnr1_label_comp_id' 
8  4 'Structure model' '_pdbx_struct_conn_angle.ptnr1_label_seq_id'  
9  4 'Structure model' '_pdbx_struct_conn_angle.ptnr2_auth_comp_id'  
10 4 'Structure model' '_pdbx_struct_conn_angle.ptnr2_auth_seq_id'   
11 4 'Structure model' '_pdbx_struct_conn_angle.ptnr2_label_asym_id' 
12 4 'Structure model' '_pdbx_struct_conn_angle.ptnr2_label_atom_id' 
13 4 'Structure model' '_pdbx_struct_conn_angle.ptnr2_label_comp_id' 
14 4 'Structure model' '_pdbx_struct_conn_angle.ptnr3_auth_comp_id'  
15 4 'Structure model' '_pdbx_struct_conn_angle.ptnr3_auth_seq_id'   
16 4 'Structure model' '_pdbx_struct_conn_angle.ptnr3_label_asym_id' 
17 4 'Structure model' '_pdbx_struct_conn_angle.ptnr3_label_atom_id' 
18 4 'Structure model' '_pdbx_struct_conn_angle.ptnr3_label_comp_id' 
19 4 'Structure model' '_pdbx_struct_conn_angle.ptnr3_label_seq_id'  
20 4 'Structure model' '_pdbx_struct_conn_angle.value'               
21 4 'Structure model' '_struct_conn.pdbx_dist_value'                
22 4 'Structure model' '_struct_conn.pdbx_leaving_atom_flag'         
23 4 'Structure model' '_struct_conn.ptnr1_auth_comp_id'             
24 4 'Structure model' '_struct_conn.ptnr1_auth_seq_id'              
25 4 'Structure model' '_struct_conn.ptnr1_label_asym_id'            
26 4 'Structure model' '_struct_conn.ptnr1_label_atom_id'            
27 4 'Structure model' '_struct_conn.ptnr1_label_comp_id'            
28 4 'Structure model' '_struct_conn.ptnr1_label_seq_id'             
29 4 'Structure model' '_struct_conn.ptnr2_auth_comp_id'             
30 4 'Structure model' '_struct_conn.ptnr2_auth_seq_id'              
31 4 'Structure model' '_struct_conn.ptnr2_label_asym_id'            
32 4 'Structure model' '_struct_conn.ptnr2_label_atom_id'            
33 4 'Structure model' '_struct_conn.ptnr2_label_comp_id'            
34 4 'Structure model' '_struct_site.pdbx_auth_asym_id'              
35 4 'Structure model' '_struct_site.pdbx_auth_comp_id'              
36 4 'Structure model' '_struct_site.pdbx_auth_seq_id'               
# 
_pdbx_database_status.status_code                     REL 
_pdbx_database_status.entry_id                        4ENB 
_pdbx_database_status.recvd_initial_deposition_date   2012-04-12 
_pdbx_database_status.deposit_site                    RCSB 
_pdbx_database_status.process_site                    RCSB 
_pdbx_database_status.status_code_sf                  REL 
_pdbx_database_status.status_code_mr                  ? 
_pdbx_database_status.SG_entry                        ? 
_pdbx_database_status.status_code_cs                  ? 
_pdbx_database_status.methods_development_category    ? 
_pdbx_database_status.pdb_format_compatible           Y 
_pdbx_database_status.status_code_nmr_data            ? 
# 
loop_
_pdbx_database_related.db_name 
_pdbx_database_related.db_id 
_pdbx_database_related.details 
_pdbx_database_related.content_type 
PDB 4EN5 . unspecified 
PDB 4ENA . unspecified 
PDB 4ENC . unspecified 
PDB 3VRS . unspecified 
# 
loop_
_audit_author.name 
_audit_author.pdbx_ordinal 
'Ren, A.M.'         1 
'Rajashankar, K.R.' 2 
'Patel, D.J.'       3 
# 
_citation.id                        primary 
_citation.title                     'Fluoride ion encapsulation by Mg2+ ions and phosphates in a fluoride riboswitch.' 
_citation.journal_abbrev            Nature 
_citation.journal_volume            486 
_citation.page_first                85 
_citation.page_last                 89 
_citation.year                      2012 
_citation.journal_id_ASTM           NATUAS 
_citation.country                   UK 
_citation.journal_id_ISSN           0028-0836 
_citation.journal_id_CSD            0006 
_citation.book_publisher            ? 
_citation.pdbx_database_id_PubMed   22678284 
_citation.pdbx_database_id_DOI      10.1038/nature11152 
# 
loop_
_citation_author.citation_id 
_citation_author.name 
_citation_author.ordinal 
_citation_author.identifier_ORCID 
primary 'Ren, A.'           1 ? 
primary 'Rajashankar, K.R.' 2 ? 
primary 'Patel, D.J.'       3 ? 
# 
loop_
_entity.id 
_entity.type 
_entity.src_method 
_entity.pdbx_description 
_entity.formula_weight 
_entity.pdbx_number_of_molecules 
_entity.pdbx_ec 
_entity.pdbx_mutation 
_entity.pdbx_fragment 
_entity.details 
1 polymer     syn 'Fluoride riboswitch'   16936.996 1  ? ? ? ? 
2 non-polymer syn 'IRIDIUM HEXAMMINE ION' 294.400   4  ? ? ? ? 
3 non-polymer syn 'POTASSIUM ION'         39.098    1  ? ? ? ? 
4 non-polymer syn 'FLUORIDE ION'          18.998    1  ? ? ? ? 
5 non-polymer syn 'MAGNESIUM ION'         24.305    7  ? ? ? ? 
6 water       nat water                   18.015    35 ? ? ? ? 
# 
_entity_poly.entity_id                      1 
_entity_poly.type                           polyribonucleotide 
_entity_poly.nstd_linkage                   no 
_entity_poly.nstd_monomer                   yes 
_entity_poly.pdbx_seq_one_letter_code       '(GTP)GGCGAUGAGGCCCGCCCAAACUGCCCUGAAAAGGGCUGAUGGCCUCUACUG' 
_entity_poly.pdbx_seq_one_letter_code_can   GGGCGAUGAGGCCCGCCCAAACUGCCCUGAAAAGGGCUGAUGGCCUCUACUG 
_entity_poly.pdbx_strand_id                 A 
_entity_poly.pdbx_target_identifier         ? 
# 
loop_
_pdbx_entity_nonpoly.entity_id 
_pdbx_entity_nonpoly.name 
_pdbx_entity_nonpoly.comp_id 
2 'IRIDIUM HEXAMMINE ION' IRI 
3 'POTASSIUM ION'         K   
4 'FLUORIDE ION'          F   
5 'MAGNESIUM ION'         MG  
6 water                   HOH 
# 
loop_
_entity_poly_seq.entity_id 
_entity_poly_seq.num 
_entity_poly_seq.mon_id 
_entity_poly_seq.hetero 
1 1  GTP n 
1 2  G   n 
1 3  G   n 
1 4  C   n 
1 5  G   n 
1 6  A   n 
1 7  U   n 
1 8  G   n 
1 9  A   n 
1 10 G   n 
1 11 G   n 
1 12 C   n 
1 13 C   n 
1 14 C   n 
1 15 G   n 
1 16 C   n 
1 17 C   n 
1 18 C   n 
1 19 A   n 
1 20 A   n 
1 21 A   n 
1 22 C   n 
1 23 U   n 
1 24 G   n 
1 25 C   n 
1 26 C   n 
1 27 C   n 
1 28 U   n 
1 29 G   n 
1 30 A   n 
1 31 A   n 
1 32 A   n 
1 33 A   n 
1 34 G   n 
1 35 G   n 
1 36 G   n 
1 37 C   n 
1 38 U   n 
1 39 G   n 
1 40 A   n 
1 41 U   n 
1 42 G   n 
1 43 G   n 
1 44 C   n 
1 45 C   n 
1 46 U   n 
1 47 C   n 
1 48 U   n 
1 49 A   n 
1 50 C   n 
1 51 U   n 
1 52 G   n 
# 
_pdbx_entity_src_syn.entity_id              1 
_pdbx_entity_src_syn.pdbx_src_id            1 
_pdbx_entity_src_syn.pdbx_alt_source_flag   sample 
_pdbx_entity_src_syn.pdbx_beg_seq_num       ? 
_pdbx_entity_src_syn.pdbx_end_seq_num       ? 
_pdbx_entity_src_syn.organism_scientific    'Thermotoga petrophila' 
_pdbx_entity_src_syn.organism_common_name   ? 
_pdbx_entity_src_syn.ncbi_taxonomy_id       93929 
_pdbx_entity_src_syn.details                'RNA was prepared by in vitro transcription with T7 RNA polymerase.' 
# 
loop_
_chem_comp.id 
_chem_comp.type 
_chem_comp.mon_nstd_flag 
_chem_comp.name 
_chem_comp.pdbx_synonyms 
_chem_comp.formula 
_chem_comp.formula_weight 
A   'RNA linking' y "ADENOSINE-5'-MONOPHOSPHATE" ? 'C10 H14 N5 O7 P'   347.221 
C   'RNA linking' y "CYTIDINE-5'-MONOPHOSPHATE"  ? 'C9 H14 N3 O8 P'    323.197 
F   non-polymer   . 'FLUORIDE ION'               ? 'F -1'              18.998  
G   'RNA linking' y "GUANOSINE-5'-MONOPHOSPHATE" ? 'C10 H14 N5 O8 P'   363.221 
GTP non-polymer   n "GUANOSINE-5'-TRIPHOSPHATE"  ? 'C10 H16 N5 O14 P3' 523.180 
HOH non-polymer   . WATER                        ? 'H2 O'              18.015  
IRI non-polymer   . 'IRIDIUM HEXAMMINE ION'      ? 'H18 Ir N6 3'       294.400 
K   non-polymer   . 'POTASSIUM ION'              ? 'K 1'               39.098  
MG  non-polymer   . 'MAGNESIUM ION'              ? 'Mg 2'              24.305  
U   'RNA linking' y "URIDINE-5'-MONOPHOSPHATE"   ? 'C9 H13 N2 O9 P'    324.181 
# 
loop_
_pdbx_poly_seq_scheme.asym_id 
_pdbx_poly_seq_scheme.entity_id 
_pdbx_poly_seq_scheme.seq_id 
_pdbx_poly_seq_scheme.mon_id 
_pdbx_poly_seq_scheme.ndb_seq_num 
_pdbx_poly_seq_scheme.pdb_seq_num 
_pdbx_poly_seq_scheme.auth_seq_num 
_pdbx_poly_seq_scheme.pdb_mon_id 
_pdbx_poly_seq_scheme.auth_mon_id 
_pdbx_poly_seq_scheme.pdb_strand_id 
_pdbx_poly_seq_scheme.pdb_ins_code 
_pdbx_poly_seq_scheme.hetero 
A 1 1  GTP 1  1  1  GTP GTP A . n 
A 1 2  G   2  2  2  G   G   A . n 
A 1 3  G   3  3  3  G   G   A . n 
A 1 4  C   4  4  4  C   C   A . n 
A 1 5  G   5  5  5  G   G   A . n 
A 1 6  A   6  6  6  A   A   A . n 
A 1 7  U   7  7  7  U   U   A . n 
A 1 8  G   8  8  8  G   G   A . n 
A 1 9  A   9  9  9  A   A   A . n 
A 1 10 G   10 10 10 G   G   A . n 
A 1 11 G   11 11 11 G   G   A . n 
A 1 12 C   12 12 12 C   C   A . n 
A 1 13 C   13 13 13 C   C   A . n 
A 1 14 C   14 14 14 C   C   A . n 
A 1 15 G   15 15 15 G   G   A . n 
A 1 16 C   16 16 16 C   C   A . n 
A 1 17 C   17 17 17 C   C   A . n 
A 1 18 C   18 18 18 C   C   A . n 
A 1 19 A   19 19 19 A   A   A . n 
A 1 20 A   20 20 20 A   A   A . n 
A 1 21 A   21 21 21 A   A   A . n 
A 1 22 C   22 22 22 C   C   A . n 
A 1 23 U   23 23 23 U   U   A . n 
A 1 24 G   24 24 24 G   G   A . n 
A 1 25 C   25 25 25 C   C   A . n 
A 1 26 C   26 26 26 C   C   A . n 
A 1 27 C   27 27 27 C   C   A . n 
A 1 28 U   28 28 28 U   U   A . n 
A 1 29 G   29 29 29 G   G   A . n 
A 1 30 A   30 30 30 A   A   A . n 
A 1 31 A   31 31 31 A   A   A . n 
A 1 32 A   32 32 32 A   A   A . n 
A 1 33 A   33 33 33 A   A   A . n 
A 1 34 G   34 34 34 G   G   A . n 
A 1 35 G   35 35 35 G   G   A . n 
A 1 36 G   36 36 36 G   G   A . n 
A 1 37 C   37 37 37 C   C   A . n 
A 1 38 U   38 38 38 U   U   A . n 
A 1 39 G   39 39 39 G   G   A . n 
A 1 40 A   40 40 40 A   A   A . n 
A 1 41 U   41 41 41 U   U   A . n 
A 1 42 G   42 42 42 G   G   A . n 
A 1 43 G   43 43 43 G   G   A . n 
A 1 44 C   44 44 44 C   C   A . n 
A 1 45 C   45 45 45 C   C   A . n 
A 1 46 U   46 46 46 U   U   A . n 
A 1 47 C   47 47 47 C   C   A . n 
A 1 48 U   48 48 48 U   U   A . n 
A 1 49 A   49 49 49 A   A   A . n 
A 1 50 C   50 50 50 C   C   A . n 
A 1 51 U   51 51 51 U   U   A . n 
A 1 52 G   52 52 52 G   G   A . n 
# 
loop_
_pdbx_nonpoly_scheme.asym_id 
_pdbx_nonpoly_scheme.entity_id 
_pdbx_nonpoly_scheme.mon_id 
_pdbx_nonpoly_scheme.ndb_seq_num 
_pdbx_nonpoly_scheme.pdb_seq_num 
_pdbx_nonpoly_scheme.auth_seq_num 
_pdbx_nonpoly_scheme.pdb_mon_id 
_pdbx_nonpoly_scheme.auth_mon_id 
_pdbx_nonpoly_scheme.pdb_strand_id 
_pdbx_nonpoly_scheme.pdb_ins_code 
B 2 IRI 1  101 1  IRI IRI A . 
C 2 IRI 1  102 2  IRI IRI A . 
D 2 IRI 1  103 3  IRI IRI A . 
E 2 IRI 1  104 4  IRI IRI A . 
F 3 K   1  105 1  K   K   A . 
G 4 F   1  106 1  F   F   A . 
H 5 MG  1  107 1  MG  MG  A . 
I 5 MG  1  108 2  MG  MG  A . 
J 5 MG  1  109 3  MG  MG  A . 
K 5 MG  1  110 4  MG  MG  A . 
L 5 MG  1  111 5  MG  MG  A . 
M 5 MG  1  112 6  MG  MG  A . 
N 5 MG  1  113 7  MG  MG  A . 
O 6 HOH 1  201 1  HOH HOH A . 
O 6 HOH 2  202 2  HOH HOH A . 
O 6 HOH 3  203 3  HOH HOH A . 
O 6 HOH 4  204 4  HOH HOH A . 
O 6 HOH 5  205 5  HOH HOH A . 
O 6 HOH 6  206 6  HOH HOH A . 
O 6 HOH 7  207 7  HOH HOH A . 
O 6 HOH 8  208 8  HOH HOH A . 
O 6 HOH 9  209 9  HOH HOH A . 
O 6 HOH 10 210 10 HOH HOH A . 
O 6 HOH 11 211 11 HOH HOH A . 
O 6 HOH 12 212 12 HOH HOH A . 
O 6 HOH 13 213 13 HOH HOH A . 
O 6 HOH 14 214 14 HOH HOH A . 
O 6 HOH 15 215 15 HOH HOH A . 
O 6 HOH 16 216 16 HOH HOH A . 
O 6 HOH 17 217 17 HOH HOH A . 
O 6 HOH 18 218 18 HOH HOH A . 
O 6 HOH 19 219 19 HOH HOH A . 
O 6 HOH 20 220 20 HOH HOH A . 
O 6 HOH 21 221 21 HOH HOH A . 
O 6 HOH 22 222 22 HOH HOH A . 
O 6 HOH 23 223 23 HOH HOH A . 
O 6 HOH 24 224 24 HOH HOH A . 
O 6 HOH 25 225 25 HOH HOH A . 
O 6 HOH 26 226 26 HOH HOH A . 
O 6 HOH 27 227 27 HOH HOH A . 
O 6 HOH 28 228 28 HOH HOH A . 
O 6 HOH 29 229 29 HOH HOH A . 
O 6 HOH 30 230 30 HOH HOH A . 
O 6 HOH 31 231 31 HOH HOH A . 
O 6 HOH 32 232 32 HOH HOH A . 
O 6 HOH 33 233 33 HOH HOH A . 
O 6 HOH 34 234 34 HOH HOH A . 
O 6 HOH 35 235 35 HOH HOH A . 
# 
loop_
_pdbx_unobs_or_zero_occ_atoms.id 
_pdbx_unobs_or_zero_occ_atoms.PDB_model_num 
_pdbx_unobs_or_zero_occ_atoms.polymer_flag 
_pdbx_unobs_or_zero_occ_atoms.occupancy_flag 
_pdbx_unobs_or_zero_occ_atoms.auth_asym_id 
_pdbx_unobs_or_zero_occ_atoms.auth_comp_id 
_pdbx_unobs_or_zero_occ_atoms.auth_seq_id 
_pdbx_unobs_or_zero_occ_atoms.PDB_ins_code 
_pdbx_unobs_or_zero_occ_atoms.auth_atom_id 
_pdbx_unobs_or_zero_occ_atoms.label_alt_id 
_pdbx_unobs_or_zero_occ_atoms.label_asym_id 
_pdbx_unobs_or_zero_occ_atoms.label_comp_id 
_pdbx_unobs_or_zero_occ_atoms.label_seq_id 
_pdbx_unobs_or_zero_occ_atoms.label_atom_id 
1  1 Y 0 A GTP 1   ? PA ? A GTP 1 PA 
2  1 N 1 A IRI 101 ? N1 ? B IRI 1 N1 
3  1 N 1 A IRI 101 ? N2 ? B IRI 1 N2 
4  1 N 1 A IRI 101 ? N3 ? B IRI 1 N3 
5  1 N 1 A IRI 101 ? N4 ? B IRI 1 N4 
6  1 N 1 A IRI 101 ? N5 ? B IRI 1 N5 
7  1 N 1 A IRI 101 ? N6 ? B IRI 1 N6 
8  1 N 1 A IRI 102 ? N1 ? C IRI 1 N1 
9  1 N 1 A IRI 102 ? N2 ? C IRI 1 N2 
10 1 N 1 A IRI 102 ? N3 ? C IRI 1 N3 
11 1 N 1 A IRI 102 ? N4 ? C IRI 1 N4 
12 1 N 1 A IRI 102 ? N5 ? C IRI 1 N5 
13 1 N 1 A IRI 102 ? N6 ? C IRI 1 N6 
14 1 N 1 A IRI 103 ? N1 ? D IRI 1 N1 
15 1 N 1 A IRI 103 ? N2 ? D IRI 1 N2 
16 1 N 1 A IRI 103 ? N3 ? D IRI 1 N3 
17 1 N 1 A IRI 103 ? N4 ? D IRI 1 N4 
18 1 N 1 A IRI 103 ? N5 ? D IRI 1 N5 
19 1 N 1 A IRI 103 ? N6 ? D IRI 1 N6 
20 1 N 1 A IRI 104 ? N1 ? E IRI 1 N1 
21 1 N 1 A IRI 104 ? N2 ? E IRI 1 N2 
22 1 N 1 A IRI 104 ? N3 ? E IRI 1 N3 
23 1 N 1 A IRI 104 ? N4 ? E IRI 1 N4 
24 1 N 1 A IRI 104 ? N5 ? E IRI 1 N5 
25 1 N 1 A IRI 104 ? N6 ? E IRI 1 N6 
# 
loop_
_software.name 
_software.classification 
_software.version 
_software.citation_id 
_software.pdbx_ordinal 
ADSC     'data collection' .                            ? 1 
PHENIX   'model building'  .                            ? 2 
PHENIX   refinement        '(phenix.refine: 1.7.3_928)' ? 3 
HKL-2000 'data reduction'  .                            ? 4 
HKL-2000 'data scaling'    .                            ? 5 
PHENIX   phasing           .                            ? 6 
# 
_cell.entry_id           4ENB 
_cell.length_a           57.949 
_cell.length_b           76.466 
_cell.length_c           42.824 
_cell.angle_alpha        90.00 
_cell.angle_beta         90.00 
_cell.angle_gamma        90.00 
_cell.Z_PDB              4 
_cell.pdbx_unique_axis   ? 
_cell.length_a_esd       ? 
_cell.length_b_esd       ? 
_cell.length_c_esd       ? 
_cell.angle_alpha_esd    ? 
_cell.angle_beta_esd     ? 
_cell.angle_gamma_esd    ? 
# 
_symmetry.entry_id                         4ENB 
_symmetry.space_group_name_H-M             'P 21 21 2' 
_symmetry.pdbx_full_space_group_name_H-M   ? 
_symmetry.cell_setting                     ? 
_symmetry.Int_Tables_number                18 
_symmetry.space_group_name_Hall            ? 
# 
_exptl.entry_id          4ENB 
_exptl.method            'X-RAY DIFFRACTION' 
_exptl.crystals_number   ? 
# 
_exptl_crystal.id                    1 
_exptl_crystal.density_meas          ? 
_exptl_crystal.density_Matthews      2.80 
_exptl_crystal.density_percent_sol   56.09 
_exptl_crystal.description           ? 
_exptl_crystal.F_000                 ? 
_exptl_crystal.preparation           ? 
# 
_exptl_crystal_grow.crystal_id      1 
_exptl_crystal_grow.method          'VAPOR DIFFUSION' 
_exptl_crystal_grow.temp            293 
_exptl_crystal_grow.temp_details    ? 
_exptl_crystal_grow.pH              7.0 
_exptl_crystal_grow.pdbx_details    
'0.1 M sodium cacodylate, pH 7.0, 20 mM spermine, 0.2 M strontium chloride, 20% MPD, VAPOR DIFFUSION, temperature 293K' 
_exptl_crystal_grow.pdbx_pH_range   ? 
# 
_diffrn.id                     1 
_diffrn.ambient_temp           100 
_diffrn.ambient_temp_details   ? 
_diffrn.crystal_id             1 
# 
_diffrn_detector.diffrn_id              1 
_diffrn_detector.detector               CCD 
_diffrn_detector.type                   'ADSC QUANTUM 315' 
_diffrn_detector.pdbx_collection_date   ? 
_diffrn_detector.details                ? 
# 
_diffrn_radiation.diffrn_id                        1 
_diffrn_radiation.wavelength_id                    1 
_diffrn_radiation.pdbx_monochromatic_or_laue_m_l   M 
_diffrn_radiation.monochromator                    'double crystal Si(111)' 
_diffrn_radiation.pdbx_diffrn_protocol             'SINGLE WAVELENGTH' 
_diffrn_radiation.pdbx_scattering_type             x-ray 
# 
_diffrn_radiation_wavelength.id           1 
_diffrn_radiation_wavelength.wavelength   . 
_diffrn_radiation_wavelength.wt           1.0 
# 
_diffrn_source.diffrn_id                   1 
_diffrn_source.source                      SYNCHROTRON 
_diffrn_source.type                        'APS BEAMLINE 24-ID-C' 
_diffrn_source.pdbx_synchrotron_site       APS 
_diffrn_source.pdbx_synchrotron_beamline   24-ID-C 
_diffrn_source.pdbx_wavelength             ? 
_diffrn_source.pdbx_wavelength_list        ? 
# 
_reflns.entry_id                     4ENB 
_reflns.observed_criterion_sigma_I   ? 
_reflns.observed_criterion_sigma_F   ? 
_reflns.d_resolution_low             50.0 
_reflns.d_resolution_high            2.3 
_reflns.number_obs                   8596 
_reflns.number_all                   ? 
_reflns.percent_possible_obs         ? 
_reflns.pdbx_Rmerge_I_obs            0.058 
_reflns.pdbx_Rsym_value              0.122 
_reflns.pdbx_netI_over_sigmaI        34.2 
_reflns.B_iso_Wilson_estimate        ? 
_reflns.pdbx_redundancy              4.5 
_reflns.R_free_details               ? 
_reflns.limit_h_max                  ? 
_reflns.limit_h_min                  ? 
_reflns.limit_k_max                  ? 
_reflns.limit_k_min                  ? 
_reflns.limit_l_max                  ? 
_reflns.limit_l_min                  ? 
_reflns.observed_criterion_F_max     ? 
_reflns.observed_criterion_F_min     ? 
_reflns.pdbx_chi_squared             ? 
_reflns.pdbx_scaling_rejects         ? 
_reflns.pdbx_ordinal                 1 
_reflns.pdbx_diffrn_id               1 
# 
_refine.entry_id                                 4ENB 
_refine.ls_number_reflns_obs                     8596 
_refine.ls_number_reflns_all                     ? 
_refine.pdbx_ls_sigma_I                          ? 
_refine.pdbx_ls_sigma_F                          1.39 
_refine.pdbx_data_cutoff_high_absF               ? 
_refine.pdbx_data_cutoff_low_absF                ? 
_refine.pdbx_data_cutoff_high_rms_absF           ? 
_refine.ls_d_res_low                             46.185 
_refine.ls_d_res_high                            2.302 
_refine.ls_percent_reflns_obs                    99.72 
_refine.ls_R_factor_obs                          0.2279 
_refine.ls_R_factor_all                          ? 
_refine.ls_R_factor_R_work                       0.2250 
_refine.ls_R_factor_R_free                       0.2534 
_refine.ls_R_factor_R_free_error                 ? 
_refine.ls_R_factor_R_free_error_details         ? 
_refine.ls_percent_reflns_R_free                 9.95 
_refine.ls_number_reflns_R_free                  855 
_refine.ls_number_parameters                     ? 
_refine.ls_number_restraints                     ? 
_refine.occupancy_min                            ? 
_refine.occupancy_max                            ? 
_refine.correlation_coeff_Fo_to_Fc               ? 
_refine.correlation_coeff_Fo_to_Fc_free          ? 
_refine.B_iso_mean                               ? 
_refine.aniso_B[1][1]                            -4.4906 
_refine.aniso_B[2][2]                            -9.1137 
_refine.aniso_B[3][3]                            13.6043 
_refine.aniso_B[1][2]                            -0.0000 
_refine.aniso_B[1][3]                            -0.0000 
_refine.aniso_B[2][3]                            0.0000 
_refine.solvent_model_details                    'FLAT BULK SOLVENT MODEL' 
_refine.solvent_model_param_ksol                 0.375 
_refine.solvent_model_param_bsol                 38.477 
_refine.pdbx_solvent_vdw_probe_radii             0.90 
_refine.pdbx_solvent_ion_probe_radii             ? 
_refine.pdbx_solvent_shrinkage_radii             0.60 
_refine.pdbx_ls_cross_valid_method               ? 
_refine.details                                  ? 
_refine.pdbx_starting_model                      ? 
_refine.pdbx_method_to_determine_struct          SAD 
_refine.pdbx_isotropic_thermal_model             ? 
_refine.pdbx_stereochemistry_target_values       ML 
_refine.pdbx_stereochem_target_val_spec_case     ? 
_refine.pdbx_R_Free_selection_details            ? 
_refine.pdbx_overall_ESU_R                       ? 
_refine.pdbx_overall_ESU_R_Free                  ? 
_refine.overall_SU_ML                            0.37 
_refine.pdbx_overall_phase_error                 27.28 
_refine.overall_SU_B                             ? 
_refine.overall_SU_R_Cruickshank_DPI             ? 
_refine.ls_redundancy_reflns_obs                 ? 
_refine.B_iso_min                                ? 
_refine.B_iso_max                                ? 
_refine.overall_SU_R_free                        ? 
_refine.ls_wR_factor_R_free                      ? 
_refine.ls_wR_factor_R_work                      ? 
_refine.overall_FOM_free_R_set                   ? 
_refine.overall_FOM_work_R_set                   ? 
_refine.pdbx_diffrn_id                           1 
_refine.pdbx_refine_id                           'X-RAY DIFFRACTION' 
_refine.pdbx_TLS_residual_ADP_flag               ? 
_refine.pdbx_overall_SU_R_free_Cruickshank_DPI   ? 
_refine.pdbx_overall_SU_R_Blow_DPI               ? 
_refine.pdbx_overall_SU_R_free_Blow_DPI          ? 
# 
_refine_hist.pdbx_refine_id                   'X-RAY DIFFRACTION' 
_refine_hist.cycle_id                         LAST 
_refine_hist.pdbx_number_atoms_protein        0 
_refine_hist.pdbx_number_atoms_nucleic_acid   1122 
_refine_hist.pdbx_number_atoms_ligand         13 
_refine_hist.number_atoms_solvent             35 
_refine_hist.number_atoms_total               1170 
_refine_hist.d_res_high                       2.302 
_refine_hist.d_res_low                        46.185 
# 
loop_
_refine_ls_restr.type 
_refine_ls_restr.dev_ideal 
_refine_ls_restr.dev_ideal_target 
_refine_ls_restr.weight 
_refine_ls_restr.number 
_refine_ls_restr.pdbx_restraint_function 
_refine_ls_restr.pdbx_refine_id 
f_bond_d           0.029  ? ? 1296 ? 'X-RAY DIFFRACTION' 
f_angle_d          0.831  ? ? 2046 ? 'X-RAY DIFFRACTION' 
f_dihedral_angle_d 13.859 ? ? 623  ? 'X-RAY DIFFRACTION' 
f_chiral_restr     0.068  ? ? 259  ? 'X-RAY DIFFRACTION' 
f_plane_restr      0.008  ? ? 52   ? 'X-RAY DIFFRACTION' 
# 
loop_
_refine_ls_shell.pdbx_total_number_of_bins_used 
_refine_ls_shell.d_res_high 
_refine_ls_shell.d_res_low 
_refine_ls_shell.number_reflns_R_work 
_refine_ls_shell.R_factor_R_work 
_refine_ls_shell.percent_reflns_obs 
_refine_ls_shell.R_factor_R_free 
_refine_ls_shell.R_factor_R_free_error 
_refine_ls_shell.percent_reflns_R_free 
_refine_ls_shell.number_reflns_R_free 
_refine_ls_shell.number_reflns_all 
_refine_ls_shell.R_factor_all 
_refine_ls_shell.number_reflns_obs 
_refine_ls_shell.redundancy_reflns_obs 
_refine_ls_shell.pdbx_refine_id 
. 2.302  2.3702  1205 0.3448 98.0  0.3978 . . 131 . . . . 'X-RAY DIFFRACTION' 
. 2.3702 2.4467  1198 0.3277 100.0 0.3881 . . 136 . . . . 'X-RAY DIFFRACTION' 
. 2.4467 2.5342  1234 0.3132 100.0 0.3499 . . 130 . . . . 'X-RAY DIFFRACTION' 
. 2.5342 2.6356  1233 0.3312 100.0 0.3371 . . 136 . . . . 'X-RAY DIFFRACTION' 
. 2.6356 2.7555  1216 0.3225 100.0 0.3240 . . 129 . . . . 'X-RAY DIFFRACTION' 
. 2.7555 2.9008  1223 0.3137 100.0 0.3374 . . 139 . . . . 'X-RAY DIFFRACTION' 
. 2.9008 3.0825  1227 0.2631 100.0 0.3245 . . 137 . . . . 'X-RAY DIFFRACTION' 
. 3.0825 3.3205  1207 0.2587 100.0 0.2977 . . 139 . . . . 'X-RAY DIFFRACTION' 
. 3.3205 3.6545  1215 0.2400 100.0 0.2241 . . 137 . . . . 'X-RAY DIFFRACTION' 
. 3.6545 4.1830  1225 0.1946 100.0 0.2512 . . 138 . . . . 'X-RAY DIFFRACTION' 
. 4.1830 5.2689  1219 0.1576 100.0 0.1956 . . 132 . . . . 'X-RAY DIFFRACTION' 
. 5.2689 46.1941 1225 0.1758 100.0 0.1876 . . 133 . . . . 'X-RAY DIFFRACTION' 
# 
_struct.entry_id                  4ENB 
_struct.title                     'Crystal structure of fluoride riboswitch, bound to Iridium' 
_struct.pdbx_model_details        ? 
_struct.pdbx_CASP_flag            ? 
_struct.pdbx_model_type_details   ? 
# 
_struct_keywords.entry_id        4ENB 
_struct_keywords.pdbx_keywords   RNA 
_struct_keywords.text            'pseudoknot, RNA' 
# 
loop_
_struct_asym.id 
_struct_asym.pdbx_blank_PDB_chainid_flag 
_struct_asym.pdbx_modified 
_struct_asym.entity_id 
_struct_asym.details 
A N N 1 ? 
B N N 2 ? 
C N N 2 ? 
D N N 2 ? 
E N N 2 ? 
F N N 3 ? 
G N N 4 ? 
H N N 5 ? 
I N N 5 ? 
J N N 5 ? 
K N N 5 ? 
L N N 5 ? 
M N N 5 ? 
N N N 5 ? 
O N N 6 ? 
# 
_struct_ref.id                         1 
_struct_ref.db_name                    PDB 
_struct_ref.db_code                    4ENB 
_struct_ref.pdbx_db_accession          4ENB 
_struct_ref.entity_id                  1 
_struct_ref.pdbx_align_begin           1 
_struct_ref.pdbx_seq_one_letter_code   '(GTP)GGCGAUGAGGCCCGCCCAAACUGCCCUGAAAAGGGCUGAUGGCCUCUACUG' 
_struct_ref.pdbx_db_isoform            ? 
# 
_struct_ref_seq.align_id                      1 
_struct_ref_seq.ref_id                        1 
_struct_ref_seq.pdbx_PDB_id_code              4ENB 
_struct_ref_seq.pdbx_strand_id                A 
_struct_ref_seq.seq_align_beg                 1 
_struct_ref_seq.pdbx_seq_align_beg_ins_code   ? 
_struct_ref_seq.seq_align_end                 52 
_struct_ref_seq.pdbx_seq_align_end_ins_code   ? 
_struct_ref_seq.pdbx_db_accession             4ENB 
_struct_ref_seq.db_align_beg                  1 
_struct_ref_seq.pdbx_db_align_beg_ins_code    ? 
_struct_ref_seq.db_align_end                  52 
_struct_ref_seq.pdbx_db_align_end_ins_code    ? 
_struct_ref_seq.pdbx_auth_seq_align_beg       1 
_struct_ref_seq.pdbx_auth_seq_align_end       52 
# 
_pdbx_struct_assembly.id                   1 
_pdbx_struct_assembly.details              author_and_software_defined_assembly 
_pdbx_struct_assembly.method_details       PISA 
_pdbx_struct_assembly.oligomeric_details   monomeric 
_pdbx_struct_assembly.oligomeric_count     1 
# 
_pdbx_struct_assembly_gen.assembly_id       1 
_pdbx_struct_assembly_gen.oper_expression   1 
_pdbx_struct_assembly_gen.asym_id_list      A,B,C,D,E,F,G,H,I,J,K,L,M,N,O 
# 
_pdbx_struct_oper_list.id                   1 
_pdbx_struct_oper_list.type                 'identity operation' 
_pdbx_struct_oper_list.name                 1_555 
_pdbx_struct_oper_list.symmetry_operation   x,y,z 
_pdbx_struct_oper_list.matrix[1][1]         1.0000000000 
_pdbx_struct_oper_list.matrix[1][2]         0.0000000000 
_pdbx_struct_oper_list.matrix[1][3]         0.0000000000 
_pdbx_struct_oper_list.vector[1]            0.0000000000 
_pdbx_struct_oper_list.matrix[2][1]         0.0000000000 
_pdbx_struct_oper_list.matrix[2][2]         1.0000000000 
_pdbx_struct_oper_list.matrix[2][3]         0.0000000000 
_pdbx_struct_oper_list.vector[2]            0.0000000000 
_pdbx_struct_oper_list.matrix[3][1]         0.0000000000 
_pdbx_struct_oper_list.matrix[3][2]         0.0000000000 
_pdbx_struct_oper_list.matrix[3][3]         1.0000000000 
_pdbx_struct_oper_list.vector[3]            0.0000000000 
# 
_struct_biol.id        1 
_struct_biol.details   ? 
# 
loop_
_struct_conn.id 
_struct_conn.conn_type_id 
_struct_conn.pdbx_leaving_atom_flag 
_struct_conn.pdbx_PDB_id 
_struct_conn.ptnr1_label_asym_id 
_struct_conn.ptnr1_label_comp_id 
_struct_conn.ptnr1_label_seq_id 
_struct_conn.ptnr1_label_atom_id 
_struct_conn.pdbx_ptnr1_label_alt_id 
_struct_conn.pdbx_ptnr1_PDB_ins_code 
_struct_conn.pdbx_ptnr1_standard_comp_id 
_struct_conn.ptnr1_symmetry 
_struct_conn.ptnr2_label_asym_id 
_struct_conn.ptnr2_label_comp_id 
_struct_conn.ptnr2_label_seq_id 
_struct_conn.ptnr2_label_atom_id 
_struct_conn.pdbx_ptnr2_label_alt_id 
_struct_conn.pdbx_ptnr2_PDB_ins_code 
_struct_conn.ptnr1_auth_asym_id 
_struct_conn.ptnr1_auth_comp_id 
_struct_conn.ptnr1_auth_seq_id 
_struct_conn.ptnr2_auth_asym_id 
_struct_conn.ptnr2_auth_comp_id 
_struct_conn.ptnr2_auth_seq_id 
_struct_conn.ptnr2_symmetry 
_struct_conn.pdbx_ptnr3_label_atom_id 
_struct_conn.pdbx_ptnr3_label_seq_id 
_struct_conn.pdbx_ptnr3_label_comp_id 
_struct_conn.pdbx_ptnr3_label_asym_id 
_struct_conn.pdbx_ptnr3_label_alt_id 
_struct_conn.pdbx_ptnr3_PDB_ins_code 
_struct_conn.details 
_struct_conn.pdbx_dist_value 
_struct_conn.pdbx_value_order 
_struct_conn.pdbx_role 
covale1  covale both ? A GTP 1  "O3'" ? ? ? 1_555 A G   2  P  ? ? A GTP 1   A G   2   1_555 ? ? ? ? ? ? ?                       
1.601 ? ? 
metalc1  metalc ?    ? A GTP 1  O2G   ? ? ? 1_555 I MG  .  MG ? ? A GTP 1   A MG  108 1_555 ? ? ? ? ? ? ?                       
2.419 ? ? 
metalc2  metalc ?    ? A GTP 1  O1G   ? ? ? 1_555 I MG  .  MG ? ? A GTP 1   A MG  108 1_555 ? ? ? ? ? ? ?                       
2.485 ? ? 
metalc3  metalc ?    ? A G   5  OP1   ? ? ? 1_555 F K   .  K  ? ? A G   5   A K   105 1_555 ? ? ? ? ? ? ?                       
2.559 ? ? 
metalc4  metalc ?    ? A A   6  OP1   ? ? ? 1_555 F K   .  K  ? ? A A   6   A K   105 1_555 ? ? ? ? ? ? ?                       
2.676 ? ? 
metalc5  metalc ?    ? A A   6  "O3'" ? ? ? 1_555 F K   .  K  ? ? A A   6   A K   105 1_555 ? ? ? ? ? ? ?                       
3.328 ? ? 
metalc6  metalc ?    ? A A   6  OP2   ? ? ? 1_555 M MG  .  MG ? ? A A   6   A MG  112 1_555 ? ? ? ? ? ? ?                       
2.077 ? ? 
metalc7  metalc ?    ? A A   6  OP1   ? ? ? 1_555 N MG  .  MG ? ? A A   6   A MG  113 1_555 ? ? ? ? ? ? ?                       
1.965 ? ? 
metalc8  metalc ?    ? A U   7  OP1   ? ? ? 1_555 F K   .  K  ? ? A U   7   A K   105 1_555 ? ? ? ? ? ? ?                       
2.364 ? ? 
metalc9  metalc ?    ? A U   7  OP1   ? ? ? 1_555 K MG  .  MG ? ? A U   7   A MG  110 1_555 ? ? ? ? ? ? ?                       
2.108 ? ? 
metalc10 metalc ?    ? A U   7  OP2   ? ? ? 1_555 M MG  .  MG ? ? A U   7   A MG  112 1_555 ? ? ? ? ? ? ?                       
2.051 ? ? 
metalc11 metalc ?    ? A G   8  OP2   ? ? ? 1_555 K MG  .  MG ? ? A G   8   A MG  110 1_555 ? ? ? ? ? ? ?                       
2.017 ? ? 
metalc12 metalc ?    ? A A   40 OP2   ? ? ? 1_555 L MG  .  MG ? ? A A   40  A MG  111 1_555 ? ? ? ? ? ? ?                       
2.354 ? ? 
metalc13 metalc ?    ? A U   41 OP1   ? ? ? 1_555 M MG  .  MG ? ? A U   41  A MG  112 1_555 ? ? ? ? ? ? ?                       
1.943 ? ? 
metalc14 metalc ?    ? A G   42 OP2   ? ? ? 1_555 M MG  .  MG ? ? A G   42  A MG  112 1_555 ? ? ? ? ? ? ?                       
2.058 ? ? 
metalc15 metalc ?    ? A G   42 OP1   ? ? ? 1_555 N MG  .  MG ? ? A G   42  A MG  113 1_555 ? ? ? ? ? ? ?                       
2.007 ? ? 
metalc16 metalc ?    ? F K   .  K     ? ? ? 1_555 O HOH .  O  ? ? A K   105 A HOH 226 1_555 ? ? ? ? ? ? ?                       
2.649 ? ? 
metalc17 metalc ?    ? F K   .  K     ? ? ? 1_555 O HOH .  O  ? ? A K   105 A HOH 230 1_555 ? ? ? ? ? ? ?                       
2.447 ? ? 
metalc18 metalc ?    ? F K   .  K     ? ? ? 1_555 O HOH .  O  ? ? A K   105 A HOH 231 1_555 ? ? ? ? ? ? ?                       
2.671 ? ? 
metalc19 metalc ?    ? J MG  .  MG    ? ? ? 1_555 O HOH .  O  ? ? A MG  109 A HOH 212 1_555 ? ? ? ? ? ? ?                       
2.082 ? ? 
metalc20 metalc ?    ? J MG  .  MG    ? ? ? 1_555 O HOH .  O  ? ? A MG  109 A HOH 220 1_555 ? ? ? ? ? ? ?                       
2.098 ? ? 
metalc21 metalc ?    ? K MG  .  MG    ? ? ? 1_555 O HOH .  O  ? ? A MG  110 A HOH 226 1_555 ? ? ? ? ? ? ?                       
1.986 ? ? 
metalc22 metalc ?    ? K MG  .  MG    ? ? ? 1_555 O HOH .  O  ? ? A MG  110 A HOH 232 1_555 ? ? ? ? ? ? ?                       
2.049 ? ? 
metalc23 metalc ?    ? K MG  .  MG    ? ? ? 1_555 O HOH .  O  ? ? A MG  110 A HOH 235 1_555 ? ? ? ? ? ? ?                       
2.105 ? ? 
metalc24 metalc ?    ? L MG  .  MG    ? ? ? 1_555 O HOH .  O  ? ? A MG  111 A HOH 214 1_555 ? ? ? ? ? ? ?                       
2.136 ? ? 
metalc25 metalc ?    ? L MG  .  MG    ? ? ? 1_555 O HOH .  O  ? ? A MG  111 A HOH 221 1_555 ? ? ? ? ? ? ?                       
2.131 ? ? 
metalc26 metalc ?    ? L MG  .  MG    ? ? ? 1_555 O HOH .  O  ? ? A MG  111 A HOH 223 1_555 ? ? ? ? ? ? ?                       
2.113 ? ? 
metalc27 metalc ?    ? L MG  .  MG    ? ? ? 1_555 O HOH .  O  ? ? A MG  111 A HOH 224 1_555 ? ? ? ? ? ? ?                       
2.085 ? ? 
metalc28 metalc ?    ? L MG  .  MG    ? ? ? 1_555 O HOH .  O  ? ? A MG  111 A HOH 225 1_555 ? ? ? ? ? ? ?                       
2.030 ? ? 
metalc29 metalc ?    ? M MG  .  MG    ? ? ? 1_555 O HOH .  O  ? ? A MG  112 A HOH 222 1_555 ? ? ? ? ? ? ?                       
2.119 ? ? 
metalc30 metalc ?    ? N MG  .  MG    ? ? ? 1_555 O HOH .  O  ? ? A MG  113 A HOH 226 1_555 ? ? ? ? ? ? ?                       
1.992 ? ? 
metalc31 metalc ?    ? N MG  .  MG    ? ? ? 1_555 O HOH .  O  ? ? A MG  113 A HOH 233 1_555 ? ? ? ? ? ? ?                       
2.148 ? ? 
metalc32 metalc ?    ? N MG  .  MG    ? ? ? 1_555 O HOH .  O  ? ? A MG  113 A HOH 234 1_555 ? ? ? ? ? ? ?                       
2.111 ? ? 
hydrog1  hydrog ?    ? A G   2  N1    ? ? ? 1_555 A C   17 N3 ? ? A G   2   A C   17  1_555 ? ? ? ? ? ? WATSON-CRICK            ? 
? ? 
hydrog2  hydrog ?    ? A G   2  N2    ? ? ? 1_555 A C   17 O2 ? ? A G   2   A C   17  1_555 ? ? ? ? ? ? WATSON-CRICK            ? 
? ? 
hydrog3  hydrog ?    ? A G   2  O6    ? ? ? 1_555 A C   17 N4 ? ? A G   2   A C   17  1_555 ? ? ? ? ? ? WATSON-CRICK            ? 
? ? 
hydrog4  hydrog ?    ? A G   3  N1    ? ? ? 1_555 A C   16 N3 ? ? A G   3   A C   16  1_555 ? ? ? ? ? ? WATSON-CRICK            ? 
? ? 
hydrog5  hydrog ?    ? A G   3  N2    ? ? ? 1_555 A C   16 O2 ? ? A G   3   A C   16  1_555 ? ? ? ? ? ? WATSON-CRICK            ? 
? ? 
hydrog6  hydrog ?    ? A G   3  O6    ? ? ? 1_555 A C   16 N4 ? ? A G   3   A C   16  1_555 ? ? ? ? ? ? WATSON-CRICK            ? 
? ? 
hydrog7  hydrog ?    ? A G   3  N2    ? ? ? 1_555 A A   21 N3 ? ? A G   3   A A   21  1_555 ? ? ? ? ? ? 'G-A MISPAIR'           ? 
? ? 
hydrog8  hydrog ?    ? A C   4  N3    ? ? ? 1_555 A G   15 N1 ? ? A C   4   A G   15  1_555 ? ? ? ? ? ? WATSON-CRICK            ? 
? ? 
hydrog9  hydrog ?    ? A C   4  N4    ? ? ? 1_555 A G   15 O6 ? ? A C   4   A G   15  1_555 ? ? ? ? ? ? WATSON-CRICK            ? 
? ? 
hydrog10 hydrog ?    ? A C   4  O2    ? ? ? 1_555 A G   15 N2 ? ? A C   4   A G   15  1_555 ? ? ? ? ? ? WATSON-CRICK            ? 
? ? 
hydrog11 hydrog ?    ? A G   5  N1    ? ? ? 1_555 A C   14 N3 ? ? A G   5   A C   14  1_555 ? ? ? ? ? ? WATSON-CRICK            ? 
? ? 
hydrog12 hydrog ?    ? A G   5  N2    ? ? ? 1_555 A C   14 O2 ? ? A G   5   A C   14  1_555 ? ? ? ? ? ? WATSON-CRICK            ? 
? ? 
hydrog13 hydrog ?    ? A G   5  O6    ? ? ? 1_555 A C   14 N4 ? ? A G   5   A C   14  1_555 ? ? ? ? ? ? WATSON-CRICK            ? 
? ? 
hydrog14 hydrog ?    ? A A   6  N1    ? ? ? 1_555 A U   38 N3 ? ? A A   6   A U   38  1_555 ? ? ? ? ? ? 'REVERSED WATSON-CRICK' ? 
? ? 
hydrog15 hydrog ?    ? A A   6  N6    ? ? ? 1_555 A U   38 O2 ? ? A A   6   A U   38  1_555 ? ? ? ? ? ? 'REVERSED WATSON-CRICK' ? 
? ? 
hydrog16 hydrog ?    ? A G   8  N1    ? ? ? 1_555 A C   47 N3 ? ? A G   8   A C   47  1_555 ? ? ? ? ? ? WATSON-CRICK            ? 
? ? 
hydrog17 hydrog ?    ? A G   8  N2    ? ? ? 1_555 A C   47 O2 ? ? A G   8   A C   47  1_555 ? ? ? ? ? ? WATSON-CRICK            ? 
? ? 
hydrog18 hydrog ?    ? A G   8  O6    ? ? ? 1_555 A C   47 N4 ? ? A G   8   A C   47  1_555 ? ? ? ? ? ? WATSON-CRICK            ? 
? ? 
hydrog19 hydrog ?    ? A A   9  N1    ? ? ? 1_555 A U   46 N3 ? ? A A   9   A U   46  1_555 ? ? ? ? ? ? WATSON-CRICK            ? 
? ? 
hydrog20 hydrog ?    ? A A   9  N6    ? ? ? 1_555 A U   46 O4 ? ? A A   9   A U   46  1_555 ? ? ? ? ? ? WATSON-CRICK            ? 
? ? 
hydrog21 hydrog ?    ? A G   10 N1    ? ? ? 1_555 A C   45 N3 ? ? A G   10  A C   45  1_555 ? ? ? ? ? ? WATSON-CRICK            ? 
? ? 
hydrog22 hydrog ?    ? A G   10 N2    ? ? ? 1_555 A C   45 O2 ? ? A G   10  A C   45  1_555 ? ? ? ? ? ? WATSON-CRICK            ? 
? ? 
hydrog23 hydrog ?    ? A G   10 O6    ? ? ? 1_555 A C   45 N4 ? ? A G   10  A C   45  1_555 ? ? ? ? ? ? WATSON-CRICK            ? 
? ? 
hydrog24 hydrog ?    ? A G   11 N1    ? ? ? 1_555 A C   44 N3 ? ? A G   11  A C   44  1_555 ? ? ? ? ? ? WATSON-CRICK            ? 
? ? 
hydrog25 hydrog ?    ? A G   11 N2    ? ? ? 1_555 A C   44 O2 ? ? A G   11  A C   44  1_555 ? ? ? ? ? ? WATSON-CRICK            ? 
? ? 
hydrog26 hydrog ?    ? A G   11 O6    ? ? ? 1_555 A C   44 N4 ? ? A G   11  A C   44  1_555 ? ? ? ? ? ? WATSON-CRICK            ? 
? ? 
hydrog27 hydrog ?    ? A C   12 N3    ? ? ? 1_555 A G   43 N1 ? ? A C   12  A G   43  1_555 ? ? ? ? ? ? WATSON-CRICK            ? 
? ? 
hydrog28 hydrog ?    ? A C   12 N4    ? ? ? 1_555 A G   43 O6 ? ? A C   12  A G   43  1_555 ? ? ? ? ? ? WATSON-CRICK            ? 
? ? 
hydrog29 hydrog ?    ? A C   12 O2    ? ? ? 1_555 A G   43 N2 ? ? A C   12  A G   43  1_555 ? ? ? ? ? ? WATSON-CRICK            ? 
? ? 
hydrog30 hydrog ?    ? A C   13 N3    ? ? ? 1_555 A G   42 N1 ? ? A C   13  A G   42  1_555 ? ? ? ? ? ? WATSON-CRICK            ? 
? ? 
hydrog31 hydrog ?    ? A C   13 N4    ? ? ? 1_555 A G   42 O6 ? ? A C   13  A G   42  1_555 ? ? ? ? ? ? WATSON-CRICK            ? 
? ? 
hydrog32 hydrog ?    ? A C   13 O2    ? ? ? 1_555 A G   42 N2 ? ? A C   13  A G   42  1_555 ? ? ? ? ? ? WATSON-CRICK            ? 
? ? 
hydrog33 hydrog ?    ? A G   24 N1    ? ? ? 1_555 A C   37 N3 ? ? A G   24  A C   37  1_555 ? ? ? ? ? ? WATSON-CRICK            ? 
? ? 
hydrog34 hydrog ?    ? A G   24 N2    ? ? ? 1_555 A C   37 O2 ? ? A G   24  A C   37  1_555 ? ? ? ? ? ? WATSON-CRICK            ? 
? ? 
hydrog35 hydrog ?    ? A G   24 O6    ? ? ? 1_555 A C   37 N4 ? ? A G   24  A C   37  1_555 ? ? ? ? ? ? WATSON-CRICK            ? 
? ? 
hydrog36 hydrog ?    ? A C   25 N3    ? ? ? 1_555 A G   36 N1 ? ? A C   25  A G   36  1_555 ? ? ? ? ? ? WATSON-CRICK            ? 
? ? 
hydrog37 hydrog ?    ? A C   25 N4    ? ? ? 1_555 A G   36 O6 ? ? A C   25  A G   36  1_555 ? ? ? ? ? ? WATSON-CRICK            ? 
? ? 
hydrog38 hydrog ?    ? A C   25 O2    ? ? ? 1_555 A G   36 N2 ? ? A C   25  A G   36  1_555 ? ? ? ? ? ? WATSON-CRICK            ? 
? ? 
hydrog39 hydrog ?    ? A C   26 N3    ? ? ? 1_555 A G   35 N1 ? ? A C   26  A G   35  1_555 ? ? ? ? ? ? WATSON-CRICK            ? 
? ? 
hydrog40 hydrog ?    ? A C   26 N4    ? ? ? 1_555 A G   35 O6 ? ? A C   26  A G   35  1_555 ? ? ? ? ? ? WATSON-CRICK            ? 
? ? 
hydrog41 hydrog ?    ? A C   26 O2    ? ? ? 1_555 A G   35 N2 ? ? A C   26  A G   35  1_555 ? ? ? ? ? ? WATSON-CRICK            ? 
? ? 
hydrog42 hydrog ?    ? A C   27 N3    ? ? ? 1_555 A G   34 N1 ? ? A C   27  A G   34  1_555 ? ? ? ? ? ? WATSON-CRICK            ? 
? ? 
hydrog43 hydrog ?    ? A C   27 N4    ? ? ? 1_555 A G   34 O6 ? ? A C   27  A G   34  1_555 ? ? ? ? ? ? WATSON-CRICK            ? 
? ? 
hydrog44 hydrog ?    ? A C   27 O2    ? ? ? 1_555 A G   34 N2 ? ? A C   27  A G   34  1_555 ? ? ? ? ? ? WATSON-CRICK            ? 
? ? 
hydrog45 hydrog ?    ? A U   28 N3    ? ? ? 1_555 A A   33 N1 ? ? A U   28  A A   33  1_555 ? ? ? ? ? ? WATSON-CRICK            ? 
? ? 
hydrog46 hydrog ?    ? A U   28 O4    ? ? ? 1_555 A A   33 N6 ? ? A U   28  A A   33  1_555 ? ? ? ? ? ? WATSON-CRICK            ? 
? ? 
hydrog47 hydrog ?    ? A G   29 N2    ? ? ? 1_555 A A   32 N7 ? ? A G   29  A A   32  1_555 ? ? ? ? ? ? 'G-A MISPAIR'           ? 
? ? 
hydrog48 hydrog ?    ? A A   40 N6    ? ? ? 1_555 A U   48 O2 ? ? A A   40  A U   48  1_555 ? ? ? ? ? ? 'REVERSED HOOGSTEEN'    ? 
? ? 
hydrog49 hydrog ?    ? A A   40 N7    ? ? ? 1_555 A U   48 N3 ? ? A A   40  A U   48  1_555 ? ? ? ? ? ? 'REVERSED HOOGSTEEN'    ? 
? ? 
# 
loop_
_struct_conn_type.id 
_struct_conn_type.criteria 
_struct_conn_type.reference 
covale ? ? 
metalc ? ? 
hydrog ? ? 
# 
loop_
_pdbx_struct_conn_angle.id 
_pdbx_struct_conn_angle.ptnr1_label_atom_id 
_pdbx_struct_conn_angle.ptnr1_label_alt_id 
_pdbx_struct_conn_angle.ptnr1_label_asym_id 
_pdbx_struct_conn_angle.ptnr1_label_comp_id 
_pdbx_struct_conn_angle.ptnr1_label_seq_id 
_pdbx_struct_conn_angle.ptnr1_auth_atom_id 
_pdbx_struct_conn_angle.ptnr1_auth_asym_id 
_pdbx_struct_conn_angle.ptnr1_auth_comp_id 
_pdbx_struct_conn_angle.ptnr1_auth_seq_id 
_pdbx_struct_conn_angle.ptnr1_PDB_ins_code 
_pdbx_struct_conn_angle.ptnr1_symmetry 
_pdbx_struct_conn_angle.ptnr2_label_atom_id 
_pdbx_struct_conn_angle.ptnr2_label_alt_id 
_pdbx_struct_conn_angle.ptnr2_label_asym_id 
_pdbx_struct_conn_angle.ptnr2_label_comp_id 
_pdbx_struct_conn_angle.ptnr2_label_seq_id 
_pdbx_struct_conn_angle.ptnr2_auth_atom_id 
_pdbx_struct_conn_angle.ptnr2_auth_asym_id 
_pdbx_struct_conn_angle.ptnr2_auth_comp_id 
_pdbx_struct_conn_angle.ptnr2_auth_seq_id 
_pdbx_struct_conn_angle.ptnr2_PDB_ins_code 
_pdbx_struct_conn_angle.ptnr2_symmetry 
_pdbx_struct_conn_angle.ptnr3_label_atom_id 
_pdbx_struct_conn_angle.ptnr3_label_alt_id 
_pdbx_struct_conn_angle.ptnr3_label_asym_id 
_pdbx_struct_conn_angle.ptnr3_label_comp_id 
_pdbx_struct_conn_angle.ptnr3_label_seq_id 
_pdbx_struct_conn_angle.ptnr3_auth_atom_id 
_pdbx_struct_conn_angle.ptnr3_auth_asym_id 
_pdbx_struct_conn_angle.ptnr3_auth_comp_id 
_pdbx_struct_conn_angle.ptnr3_auth_seq_id 
_pdbx_struct_conn_angle.ptnr3_PDB_ins_code 
_pdbx_struct_conn_angle.ptnr3_symmetry 
_pdbx_struct_conn_angle.value 
_pdbx_struct_conn_angle.value_esd 
1  O2G   ? A GTP 1  ? A GTP 1   ? 1_555 MG ? I MG . ? A MG 108 ? 1_555 O1G   ? A GTP 1  ? A GTP 1   ? 1_555 59.9  ? 
2  OP1   ? A G   5  ? A G   5   ? 1_555 K  ? F K  . ? A K  105 ? 1_555 OP1   ? A A   6  ? A A   6   ? 1_555 82.6  ? 
3  OP1   ? A G   5  ? A G   5   ? 1_555 K  ? F K  . ? A K  105 ? 1_555 "O3'" ? A A   6  ? A A   6   ? 1_555 119.7 ? 
4  OP1   ? A A   6  ? A A   6   ? 1_555 K  ? F K  . ? A K  105 ? 1_555 "O3'" ? A A   6  ? A A   6   ? 1_555 83.8  ? 
5  OP1   ? A G   5  ? A G   5   ? 1_555 K  ? F K  . ? A K  105 ? 1_555 OP1   ? A U   7  ? A U   7   ? 1_555 168.0 ? 
6  OP1   ? A A   6  ? A A   6   ? 1_555 K  ? F K  . ? A K  105 ? 1_555 OP1   ? A U   7  ? A U   7   ? 1_555 93.8  ? 
7  "O3'" ? A A   6  ? A A   6   ? 1_555 K  ? F K  . ? A K  105 ? 1_555 OP1   ? A U   7  ? A U   7   ? 1_555 48.4  ? 
8  OP1   ? A G   5  ? A G   5   ? 1_555 K  ? F K  . ? A K  105 ? 1_555 O     ? O HOH .  ? A HOH 226 ? 1_555 114.7 ? 
9  OP1   ? A A   6  ? A A   6   ? 1_555 K  ? F K  . ? A K  105 ? 1_555 O     ? O HOH .  ? A HOH 226 ? 1_555 72.5  ? 
10 "O3'" ? A A   6  ? A A   6   ? 1_555 K  ? F K  . ? A K  105 ? 1_555 O     ? O HOH .  ? A HOH 226 ? 1_555 116.3 ? 
11 OP1   ? A U   7  ? A U   7   ? 1_555 K  ? F K  . ? A K  105 ? 1_555 O     ? O HOH .  ? A HOH 226 ? 1_555 74.7  ? 
12 OP1   ? A G   5  ? A G   5   ? 1_555 K  ? F K  . ? A K  105 ? 1_555 O     ? O HOH .  ? A HOH 230 ? 1_555 76.4  ? 
13 OP1   ? A A   6  ? A A   6   ? 1_555 K  ? F K  . ? A K  105 ? 1_555 O     ? O HOH .  ? A HOH 230 ? 1_555 135.3 ? 
14 "O3'" ? A A   6  ? A A   6   ? 1_555 K  ? F K  . ? A K  105 ? 1_555 O     ? O HOH .  ? A HOH 230 ? 1_555 140.8 ? 
15 OP1   ? A U   7  ? A U   7   ? 1_555 K  ? F K  . ? A K  105 ? 1_555 O     ? O HOH .  ? A HOH 230 ? 1_555 113.5 ? 
16 O     ? O HOH .  ? A HOH 226 ? 1_555 K  ? F K  . ? A K  105 ? 1_555 O     ? O HOH .  ? A HOH 230 ? 1_555 81.1  ? 
17 OP1   ? A G   5  ? A G   5   ? 1_555 K  ? F K  . ? A K  105 ? 1_555 O     ? O HOH .  ? A HOH 231 ? 1_555 83.5  ? 
18 OP1   ? A A   6  ? A A   6   ? 1_555 K  ? F K  . ? A K  105 ? 1_555 O     ? O HOH .  ? A HOH 231 ? 1_555 134.5 ? 
19 "O3'" ? A A   6  ? A A   6   ? 1_555 K  ? F K  . ? A K  105 ? 1_555 O     ? O HOH .  ? A HOH 231 ? 1_555 66.3  ? 
20 OP1   ? A U   7  ? A U   7   ? 1_555 K  ? F K  . ? A K  105 ? 1_555 O     ? O HOH .  ? A HOH 231 ? 1_555 91.0  ? 
21 O     ? O HOH .  ? A HOH 226 ? 1_555 K  ? F K  . ? A K  105 ? 1_555 O     ? O HOH .  ? A HOH 231 ? 1_555 151.1 ? 
22 O     ? O HOH .  ? A HOH 230 ? 1_555 K  ? F K  . ? A K  105 ? 1_555 O     ? O HOH .  ? A HOH 231 ? 1_555 82.0  ? 
23 OP2   ? A A   6  ? A A   6   ? 1_555 MG ? M MG . ? A MG 112 ? 1_555 OP2   ? A U   7  ? A U   7   ? 1_555 84.4  ? 
24 OP2   ? A A   6  ? A A   6   ? 1_555 MG ? M MG . ? A MG 112 ? 1_555 OP1   ? A U   41 ? A U   41  ? 1_555 165.4 ? 
25 OP2   ? A U   7  ? A U   7   ? 1_555 MG ? M MG . ? A MG 112 ? 1_555 OP1   ? A U   41 ? A U   41  ? 1_555 91.3  ? 
26 OP2   ? A A   6  ? A A   6   ? 1_555 MG ? M MG . ? A MG 112 ? 1_555 OP2   ? A G   42 ? A G   42  ? 1_555 90.0  ? 
27 OP2   ? A U   7  ? A U   7   ? 1_555 MG ? M MG . ? A MG 112 ? 1_555 OP2   ? A G   42 ? A G   42  ? 1_555 173.1 ? 
28 OP1   ? A U   41 ? A U   41  ? 1_555 MG ? M MG . ? A MG 112 ? 1_555 OP2   ? A G   42 ? A G   42  ? 1_555 93.3  ? 
29 OP2   ? A A   6  ? A A   6   ? 1_555 MG ? M MG . ? A MG 112 ? 1_555 O     ? O HOH .  ? A HOH 222 ? 1_555 81.7  ? 
30 OP2   ? A U   7  ? A U   7   ? 1_555 MG ? M MG . ? A MG 112 ? 1_555 O     ? O HOH .  ? A HOH 222 ? 1_555 88.8  ? 
31 OP1   ? A U   41 ? A U   41  ? 1_555 MG ? M MG . ? A MG 112 ? 1_555 O     ? O HOH .  ? A HOH 222 ? 1_555 84.3  ? 
32 OP2   ? A G   42 ? A G   42  ? 1_555 MG ? M MG . ? A MG 112 ? 1_555 O     ? O HOH .  ? A HOH 222 ? 1_555 86.6  ? 
33 OP1   ? A A   6  ? A A   6   ? 1_555 MG ? N MG . ? A MG 113 ? 1_555 OP1   ? A G   42 ? A G   42  ? 1_555 89.7  ? 
34 OP1   ? A A   6  ? A A   6   ? 1_555 MG ? N MG . ? A MG 113 ? 1_555 O     ? O HOH .  ? A HOH 226 ? 1_555 105.5 ? 
35 OP1   ? A G   42 ? A G   42  ? 1_555 MG ? N MG . ? A MG 113 ? 1_555 O     ? O HOH .  ? A HOH 226 ? 1_555 162.6 ? 
36 OP1   ? A A   6  ? A A   6   ? 1_555 MG ? N MG . ? A MG 113 ? 1_555 O     ? O HOH .  ? A HOH 233 ? 1_555 160.1 ? 
37 OP1   ? A G   42 ? A G   42  ? 1_555 MG ? N MG . ? A MG 113 ? 1_555 O     ? O HOH .  ? A HOH 233 ? 1_555 87.4  ? 
38 O     ? O HOH .  ? A HOH 226 ? 1_555 MG ? N MG . ? A MG 113 ? 1_555 O     ? O HOH .  ? A HOH 233 ? 1_555 75.4  ? 
39 OP1   ? A A   6  ? A A   6   ? 1_555 MG ? N MG . ? A MG 113 ? 1_555 O     ? O HOH .  ? A HOH 234 ? 1_555 87.3  ? 
40 OP1   ? A G   42 ? A G   42  ? 1_555 MG ? N MG . ? A MG 113 ? 1_555 O     ? O HOH .  ? A HOH 234 ? 1_555 92.0  ? 
41 O     ? O HOH .  ? A HOH 226 ? 1_555 MG ? N MG . ? A MG 113 ? 1_555 O     ? O HOH .  ? A HOH 234 ? 1_555 80.5  ? 
42 O     ? O HOH .  ? A HOH 233 ? 1_555 MG ? N MG . ? A MG 113 ? 1_555 O     ? O HOH .  ? A HOH 234 ? 1_555 73.1  ? 
43 OP1   ? A U   7  ? A U   7   ? 1_555 MG ? K MG . ? A MG 110 ? 1_555 OP2   ? A G   8  ? A G   8   ? 1_555 89.3  ? 
44 OP1   ? A U   7  ? A U   7   ? 1_555 MG ? K MG . ? A MG 110 ? 1_555 O     ? O HOH .  ? A HOH 226 ? 1_555 96.3  ? 
45 OP2   ? A G   8  ? A G   8   ? 1_555 MG ? K MG . ? A MG 110 ? 1_555 O     ? O HOH .  ? A HOH 226 ? 1_555 103.2 ? 
46 OP1   ? A U   7  ? A U   7   ? 1_555 MG ? K MG . ? A MG 110 ? 1_555 O     ? O HOH .  ? A HOH 232 ? 1_555 84.6  ? 
47 OP2   ? A G   8  ? A G   8   ? 1_555 MG ? K MG . ? A MG 110 ? 1_555 O     ? O HOH .  ? A HOH 232 ? 1_555 83.3  ? 
48 O     ? O HOH .  ? A HOH 226 ? 1_555 MG ? K MG . ? A MG 110 ? 1_555 O     ? O HOH .  ? A HOH 232 ? 1_555 173.4 ? 
49 OP1   ? A U   7  ? A U   7   ? 1_555 MG ? K MG . ? A MG 110 ? 1_555 O     ? O HOH .  ? A HOH 235 ? 1_555 178.9 ? 
50 OP2   ? A G   8  ? A G   8   ? 1_555 MG ? K MG . ? A MG 110 ? 1_555 O     ? O HOH .  ? A HOH 235 ? 1_555 91.6  ? 
51 O     ? O HOH .  ? A HOH 226 ? 1_555 MG ? K MG . ? A MG 110 ? 1_555 O     ? O HOH .  ? A HOH 235 ? 1_555 84.1  ? 
52 O     ? O HOH .  ? A HOH 232 ? 1_555 MG ? K MG . ? A MG 110 ? 1_555 O     ? O HOH .  ? A HOH 235 ? 1_555 94.9  ? 
53 OP2   ? A A   40 ? A A   40  ? 1_555 MG ? L MG . ? A MG 111 ? 1_555 O     ? O HOH .  ? A HOH 214 ? 1_555 100.4 ? 
54 OP2   ? A A   40 ? A A   40  ? 1_555 MG ? L MG . ? A MG 111 ? 1_555 O     ? O HOH .  ? A HOH 221 ? 1_555 82.5  ? 
55 O     ? O HOH .  ? A HOH 214 ? 1_555 MG ? L MG . ? A MG 111 ? 1_555 O     ? O HOH .  ? A HOH 221 ? 1_555 159.9 ? 
56 OP2   ? A A   40 ? A A   40  ? 1_555 MG ? L MG . ? A MG 111 ? 1_555 O     ? O HOH .  ? A HOH 223 ? 1_555 90.0  ? 
57 O     ? O HOH .  ? A HOH 214 ? 1_555 MG ? L MG . ? A MG 111 ? 1_555 O     ? O HOH .  ? A HOH 223 ? 1_555 84.5  ? 
58 O     ? O HOH .  ? A HOH 221 ? 1_555 MG ? L MG . ? A MG 111 ? 1_555 O     ? O HOH .  ? A HOH 223 ? 1_555 75.5  ? 
59 OP2   ? A A   40 ? A A   40  ? 1_555 MG ? L MG . ? A MG 111 ? 1_555 O     ? O HOH .  ? A HOH 224 ? 1_555 98.7  ? 
60 O     ? O HOH .  ? A HOH 214 ? 1_555 MG ? L MG . ? A MG 111 ? 1_555 O     ? O HOH .  ? A HOH 224 ? 1_555 107.7 ? 
61 O     ? O HOH .  ? A HOH 221 ? 1_555 MG ? L MG . ? A MG 111 ? 1_555 O     ? O HOH .  ? A HOH 224 ? 1_555 91.4  ? 
62 O     ? O HOH .  ? A HOH 223 ? 1_555 MG ? L MG . ? A MG 111 ? 1_555 O     ? O HOH .  ? A HOH 224 ? 1_555 163.2 ? 
63 OP2   ? A A   40 ? A A   40  ? 1_555 MG ? L MG . ? A MG 111 ? 1_555 O     ? O HOH .  ? A HOH 225 ? 1_555 172.6 ? 
64 O     ? O HOH .  ? A HOH 214 ? 1_555 MG ? L MG . ? A MG 111 ? 1_555 O     ? O HOH .  ? A HOH 225 ? 1_555 87.0  ? 
65 O     ? O HOH .  ? A HOH 221 ? 1_555 MG ? L MG . ? A MG 111 ? 1_555 O     ? O HOH .  ? A HOH 225 ? 1_555 90.2  ? 
66 O     ? O HOH .  ? A HOH 223 ? 1_555 MG ? L MG . ? A MG 111 ? 1_555 O     ? O HOH .  ? A HOH 225 ? 1_555 89.8  ? 
67 O     ? O HOH .  ? A HOH 224 ? 1_555 MG ? L MG . ? A MG 111 ? 1_555 O     ? O HOH .  ? A HOH 225 ? 1_555 79.6  ? 
68 O     ? O HOH .  ? A HOH 212 ? 1_555 MG ? J MG . ? A MG 109 ? 1_555 O     ? O HOH .  ? A HOH 220 ? 1_555 78.3  ? 
# 
loop_
_struct_site.id 
_struct_site.pdbx_evidence_code 
_struct_site.pdbx_auth_asym_id 
_struct_site.pdbx_auth_comp_id 
_struct_site.pdbx_auth_seq_id 
_struct_site.pdbx_auth_ins_code 
_struct_site.pdbx_num_residues 
_struct_site.details 
AC1 Software A IRI 101 ? 3  'BINDING SITE FOR RESIDUE IRI A 101' 
AC2 Software A IRI 102 ? 2  'BINDING SITE FOR RESIDUE IRI A 102' 
AC3 Software A IRI 103 ? 3  'BINDING SITE FOR RESIDUE IRI A 103' 
AC4 Software A IRI 104 ? 2  'BINDING SITE FOR RESIDUE IRI A 104' 
AC5 Software A K   105 ? 8  'BINDING SITE FOR RESIDUE K A 105'   
AC6 Software A F   106 ? 11 'BINDING SITE FOR RESIDUE F A 106'   
AC7 Software A MG  107 ? 3  'BINDING SITE FOR RESIDUE MG A 107'  
AC8 Software A MG  108 ? 3  'BINDING SITE FOR RESIDUE MG A 108'  
AC9 Software A MG  109 ? 2  'BINDING SITE FOR RESIDUE MG A 109'  
BC1 Software A MG  110 ? 9  'BINDING SITE FOR RESIDUE MG A 110'  
BC2 Software A MG  111 ? 6  'BINDING SITE FOR RESIDUE MG A 111'  
BC3 Software A MG  112 ? 8  'BINDING SITE FOR RESIDUE MG A 112'  
BC4 Software A MG  113 ? 10 'BINDING SITE FOR RESIDUE MG A 113'  
# 
loop_
_struct_site_gen.id 
_struct_site_gen.site_id 
_struct_site_gen.pdbx_num_res 
_struct_site_gen.label_comp_id 
_struct_site_gen.label_asym_id 
_struct_site_gen.label_seq_id 
_struct_site_gen.pdbx_auth_ins_code 
_struct_site_gen.auth_comp_id 
_struct_site_gen.auth_asym_id 
_struct_site_gen.auth_seq_id 
_struct_site_gen.label_atom_id 
_struct_site_gen.label_alt_id 
_struct_site_gen.symmetry 
_struct_site_gen.details 
1  AC1 3  HOH O .  ? HOH A 206 . ? 1_555 ? 
2  AC1 3  HOH O .  ? HOH A 207 . ? 1_555 ? 
3  AC1 3  HOH O .  ? HOH A 213 . ? 1_555 ? 
4  AC2 2  G   A 35 ? G   A 35  . ? 1_555 ? 
5  AC2 2  HOH O .  ? HOH A 218 . ? 1_555 ? 
6  AC3 3  HOH O .  ? HOH A 212 . ? 1_555 ? 
7  AC3 3  HOH O .  ? HOH A 217 . ? 1_555 ? 
8  AC3 3  HOH O .  ? HOH A 219 . ? 1_555 ? 
9  AC4 2  G   A 10 ? G   A 10  . ? 1_555 ? 
10 AC4 2  HOH O .  ? HOH A 202 . ? 1_555 ? 
11 AC5 8  G   A 5  ? G   A 5   . ? 1_555 ? 
12 AC5 8  A   A 6  ? A   A 6   . ? 1_555 ? 
13 AC5 8  U   A 7  ? U   A 7   . ? 1_555 ? 
14 AC5 8  MG  K .  ? MG  A 110 . ? 1_555 ? 
15 AC5 8  MG  N .  ? MG  A 113 . ? 1_555 ? 
16 AC5 8  HOH O .  ? HOH A 226 . ? 1_555 ? 
17 AC5 8  HOH O .  ? HOH A 230 . ? 1_555 ? 
18 AC5 8  HOH O .  ? HOH A 231 . ? 1_555 ? 
19 AC6 11 A   A 6  ? A   A 6   . ? 1_555 ? 
20 AC6 11 U   A 7  ? U   A 7   . ? 1_555 ? 
21 AC6 11 U   A 41 ? U   A 41  . ? 1_555 ? 
22 AC6 11 G   A 42 ? G   A 42  . ? 1_555 ? 
23 AC6 11 MG  K .  ? MG  A 110 . ? 1_555 ? 
24 AC6 11 MG  M .  ? MG  A 112 . ? 1_555 ? 
25 AC6 11 MG  N .  ? MG  A 113 . ? 1_555 ? 
26 AC6 11 HOH O .  ? HOH A 226 . ? 1_555 ? 
27 AC6 11 HOH O .  ? HOH A 232 . ? 1_555 ? 
28 AC6 11 HOH O .  ? HOH A 233 . ? 1_555 ? 
29 AC6 11 HOH O .  ? HOH A 235 . ? 1_555 ? 
30 AC7 3  G   A 2  ? G   A 2   . ? 1_555 ? 
31 AC7 3  G   A 3  ? G   A 3   . ? 1_555 ? 
32 AC7 3  A   A 19 ? A   A 19  . ? 1_555 ? 
33 AC8 3  GTP A 1  ? GTP A 1   . ? 1_555 ? 
34 AC8 3  C   A 18 ? C   A 18  . ? 2_455 ? 
35 AC8 3  HOH O .  ? HOH A 216 . ? 1_555 ? 
36 AC9 2  HOH O .  ? HOH A 212 . ? 1_555 ? 
37 AC9 2  HOH O .  ? HOH A 220 . ? 1_555 ? 
38 BC1 9  U   A 7  ? U   A 7   . ? 1_555 ? 
39 BC1 9  G   A 8  ? G   A 8   . ? 1_555 ? 
40 BC1 9  K   F .  ? K   A 105 . ? 1_555 ? 
41 BC1 9  F   G .  ? F   A 106 . ? 1_555 ? 
42 BC1 9  MG  M .  ? MG  A 112 . ? 1_555 ? 
43 BC1 9  MG  N .  ? MG  A 113 . ? 1_555 ? 
44 BC1 9  HOH O .  ? HOH A 226 . ? 1_555 ? 
45 BC1 9  HOH O .  ? HOH A 232 . ? 1_555 ? 
46 BC1 9  HOH O .  ? HOH A 235 . ? 1_555 ? 
47 BC2 6  A   A 40 ? A   A 40  . ? 1_555 ? 
48 BC2 6  HOH O .  ? HOH A 214 . ? 1_555 ? 
49 BC2 6  HOH O .  ? HOH A 221 . ? 1_555 ? 
50 BC2 6  HOH O .  ? HOH A 223 . ? 1_555 ? 
51 BC2 6  HOH O .  ? HOH A 224 . ? 1_555 ? 
52 BC2 6  HOH O .  ? HOH A 225 . ? 1_555 ? 
53 BC3 8  A   A 6  ? A   A 6   . ? 1_555 ? 
54 BC3 8  U   A 7  ? U   A 7   . ? 1_555 ? 
55 BC3 8  U   A 41 ? U   A 41  . ? 1_555 ? 
56 BC3 8  G   A 42 ? G   A 42  . ? 1_555 ? 
57 BC3 8  F   G .  ? F   A 106 . ? 1_555 ? 
58 BC3 8  MG  K .  ? MG  A 110 . ? 1_555 ? 
59 BC3 8  MG  N .  ? MG  A 113 . ? 1_555 ? 
60 BC3 8  HOH O .  ? HOH A 222 . ? 1_555 ? 
61 BC4 10 A   A 6  ? A   A 6   . ? 1_555 ? 
62 BC4 10 U   A 7  ? U   A 7   . ? 1_555 ? 
63 BC4 10 G   A 42 ? G   A 42  . ? 1_555 ? 
64 BC4 10 K   F .  ? K   A 105 . ? 1_555 ? 
65 BC4 10 F   G .  ? F   A 106 . ? 1_555 ? 
66 BC4 10 MG  K .  ? MG  A 110 . ? 1_555 ? 
67 BC4 10 MG  M .  ? MG  A 112 . ? 1_555 ? 
68 BC4 10 HOH O .  ? HOH A 226 . ? 1_555 ? 
69 BC4 10 HOH O .  ? HOH A 233 . ? 1_555 ? 
70 BC4 10 HOH O .  ? HOH A 234 . ? 1_555 ? 
# 
_pdbx_validate_close_contact.id               1 
_pdbx_validate_close_contact.PDB_model_num    1 
_pdbx_validate_close_contact.auth_atom_id_1   O 
_pdbx_validate_close_contact.auth_asym_id_1   A 
_pdbx_validate_close_contact.auth_comp_id_1   HOH 
_pdbx_validate_close_contact.auth_seq_id_1    212 
_pdbx_validate_close_contact.PDB_ins_code_1   ? 
_pdbx_validate_close_contact.label_alt_id_1   ? 
_pdbx_validate_close_contact.auth_atom_id_2   O 
_pdbx_validate_close_contact.auth_asym_id_2   A 
_pdbx_validate_close_contact.auth_comp_id_2   HOH 
_pdbx_validate_close_contact.auth_seq_id_2    219 
_pdbx_validate_close_contact.PDB_ins_code_2   ? 
_pdbx_validate_close_contact.label_alt_id_2   ? 
_pdbx_validate_close_contact.dist             1.91 
# 
loop_
_pdbx_validate_rmsd_angle.id 
_pdbx_validate_rmsd_angle.PDB_model_num 
_pdbx_validate_rmsd_angle.auth_atom_id_1 
_pdbx_validate_rmsd_angle.auth_asym_id_1 
_pdbx_validate_rmsd_angle.auth_comp_id_1 
_pdbx_validate_rmsd_angle.auth_seq_id_1 
_pdbx_validate_rmsd_angle.PDB_ins_code_1 
_pdbx_validate_rmsd_angle.label_alt_id_1 
_pdbx_validate_rmsd_angle.auth_atom_id_2 
_pdbx_validate_rmsd_angle.auth_asym_id_2 
_pdbx_validate_rmsd_angle.auth_comp_id_2 
_pdbx_validate_rmsd_angle.auth_seq_id_2 
_pdbx_validate_rmsd_angle.PDB_ins_code_2 
_pdbx_validate_rmsd_angle.label_alt_id_2 
_pdbx_validate_rmsd_angle.auth_atom_id_3 
_pdbx_validate_rmsd_angle.auth_asym_id_3 
_pdbx_validate_rmsd_angle.auth_comp_id_3 
_pdbx_validate_rmsd_angle.auth_seq_id_3 
_pdbx_validate_rmsd_angle.PDB_ins_code_3 
_pdbx_validate_rmsd_angle.label_alt_id_3 
_pdbx_validate_rmsd_angle.angle_value 
_pdbx_validate_rmsd_angle.angle_target_value 
_pdbx_validate_rmsd_angle.angle_deviation 
_pdbx_validate_rmsd_angle.angle_standard_deviation 
_pdbx_validate_rmsd_angle.linker_flag 
1 1 "C3'" A GTP 1 ? ? "O3'" A GTP 1 ? ? P     A G 2 ? ? 156.48 119.70 36.78  1.20 Y 
2 1 "O3'" A GTP 1 ? ? P     A G   2 ? ? "O5'" A G 2 ? ? 80.36  104.00 -23.64 1.90 Y 
3 1 "O3'" A GTP 1 ? ? P     A G   2 ? ? OP2   A G 2 ? ? 145.18 110.50 34.68  1.10 Y 
4 1 "O3'" A GTP 1 ? ? P     A G   2 ? ? OP1   A G 2 ? ? 83.50  105.20 -21.70 2.20 Y 
# 
_pdbx_struct_mod_residue.id               1 
_pdbx_struct_mod_residue.label_asym_id    A 
_pdbx_struct_mod_residue.label_comp_id    GTP 
_pdbx_struct_mod_residue.label_seq_id     1 
_pdbx_struct_mod_residue.auth_asym_id     A 
_pdbx_struct_mod_residue.auth_comp_id     GTP 
_pdbx_struct_mod_residue.auth_seq_id      1 
_pdbx_struct_mod_residue.PDB_ins_code     ? 
_pdbx_struct_mod_residue.parent_comp_id   G 
_pdbx_struct_mod_residue.details          "GUANOSINE-5'-TRIPHOSPHATE" 
# 
loop_
_chem_comp_atom.comp_id 
_chem_comp_atom.atom_id 
_chem_comp_atom.type_symbol 
_chem_comp_atom.pdbx_aromatic_flag 
_chem_comp_atom.pdbx_stereo_config 
_chem_comp_atom.pdbx_ordinal 
A   OP3    O  N N 1   
A   P      P  N N 2   
A   OP1    O  N N 3   
A   OP2    O  N N 4   
A   "O5'"  O  N N 5   
A   "C5'"  C  N N 6   
A   "C4'"  C  N R 7   
A   "O4'"  O  N N 8   
A   "C3'"  C  N S 9   
A   "O3'"  O  N N 10  
A   "C2'"  C  N R 11  
A   "O2'"  O  N N 12  
A   "C1'"  C  N R 13  
A   N9     N  Y N 14  
A   C8     C  Y N 15  
A   N7     N  Y N 16  
A   C5     C  Y N 17  
A   C6     C  Y N 18  
A   N6     N  N N 19  
A   N1     N  Y N 20  
A   C2     C  Y N 21  
A   N3     N  Y N 22  
A   C4     C  Y N 23  
A   HOP3   H  N N 24  
A   HOP2   H  N N 25  
A   "H5'"  H  N N 26  
A   "H5''" H  N N 27  
A   "H4'"  H  N N 28  
A   "H3'"  H  N N 29  
A   "HO3'" H  N N 30  
A   "H2'"  H  N N 31  
A   "HO2'" H  N N 32  
A   "H1'"  H  N N 33  
A   H8     H  N N 34  
A   H61    H  N N 35  
A   H62    H  N N 36  
A   H2     H  N N 37  
C   OP3    O  N N 38  
C   P      P  N N 39  
C   OP1    O  N N 40  
C   OP2    O  N N 41  
C   "O5'"  O  N N 42  
C   "C5'"  C  N N 43  
C   "C4'"  C  N R 44  
C   "O4'"  O  N N 45  
C   "C3'"  C  N S 46  
C   "O3'"  O  N N 47  
C   "C2'"  C  N R 48  
C   "O2'"  O  N N 49  
C   "C1'"  C  N R 50  
C   N1     N  N N 51  
C   C2     C  N N 52  
C   O2     O  N N 53  
C   N3     N  N N 54  
C   C4     C  N N 55  
C   N4     N  N N 56  
C   C5     C  N N 57  
C   C6     C  N N 58  
C   HOP3   H  N N 59  
C   HOP2   H  N N 60  
C   "H5'"  H  N N 61  
C   "H5''" H  N N 62  
C   "H4'"  H  N N 63  
C   "H3'"  H  N N 64  
C   "HO3'" H  N N 65  
C   "H2'"  H  N N 66  
C   "HO2'" H  N N 67  
C   "H1'"  H  N N 68  
C   H41    H  N N 69  
C   H42    H  N N 70  
C   H5     H  N N 71  
C   H6     H  N N 72  
F   F      F  N N 73  
G   OP3    O  N N 74  
G   P      P  N N 75  
G   OP1    O  N N 76  
G   OP2    O  N N 77  
G   "O5'"  O  N N 78  
G   "C5'"  C  N N 79  
G   "C4'"  C  N R 80  
G   "O4'"  O  N N 81  
G   "C3'"  C  N S 82  
G   "O3'"  O  N N 83  
G   "C2'"  C  N R 84  
G   "O2'"  O  N N 85  
G   "C1'"  C  N R 86  
G   N9     N  Y N 87  
G   C8     C  Y N 88  
G   N7     N  Y N 89  
G   C5     C  Y N 90  
G   C6     C  N N 91  
G   O6     O  N N 92  
G   N1     N  N N 93  
G   C2     C  N N 94  
G   N2     N  N N 95  
G   N3     N  N N 96  
G   C4     C  Y N 97  
G   HOP3   H  N N 98  
G   HOP2   H  N N 99  
G   "H5'"  H  N N 100 
G   "H5''" H  N N 101 
G   "H4'"  H  N N 102 
G   "H3'"  H  N N 103 
G   "HO3'" H  N N 104 
G   "H2'"  H  N N 105 
G   "HO2'" H  N N 106 
G   "H1'"  H  N N 107 
G   H8     H  N N 108 
G   H1     H  N N 109 
G   H21    H  N N 110 
G   H22    H  N N 111 
GTP PG     P  N N 112 
GTP O1G    O  N N 113 
GTP O2G    O  N N 114 
GTP O3G    O  N N 115 
GTP O3B    O  N N 116 
GTP PB     P  N N 117 
GTP O1B    O  N N 118 
GTP O2B    O  N N 119 
GTP O3A    O  N N 120 
GTP PA     P  N N 121 
GTP O1A    O  N N 122 
GTP O2A    O  N N 123 
GTP "O5'"  O  N N 124 
GTP "C5'"  C  N N 125 
GTP "C4'"  C  N R 126 
GTP "O4'"  O  N N 127 
GTP "C3'"  C  N S 128 
GTP "O3'"  O  N N 129 
GTP "C2'"  C  N R 130 
GTP "O2'"  O  N N 131 
GTP "C1'"  C  N R 132 
GTP N9     N  Y N 133 
GTP C8     C  Y N 134 
GTP N7     N  Y N 135 
GTP C5     C  Y N 136 
GTP C6     C  N N 137 
GTP O6     O  N N 138 
GTP N1     N  N N 139 
GTP C2     C  N N 140 
GTP N2     N  N N 141 
GTP N3     N  N N 142 
GTP C4     C  Y N 143 
GTP HOG2   H  N N 144 
GTP HOG3   H  N N 145 
GTP HOB2   H  N N 146 
GTP HOA2   H  N N 147 
GTP "H5'"  H  N N 148 
GTP "H5''" H  N N 149 
GTP "H4'"  H  N N 150 
GTP "H3'"  H  N N 151 
GTP "HO3'" H  N N 152 
GTP "H2'"  H  N N 153 
GTP "HO2'" H  N N 154 
GTP "H1'"  H  N N 155 
GTP H8     H  N N 156 
GTP HN1    H  N N 157 
GTP HN21   H  N N 158 
GTP HN22   H  N N 159 
HOH O      O  N N 160 
HOH H1     H  N N 161 
HOH H2     H  N N 162 
IRI IR     IR N N 163 
IRI N1     N  N N 164 
IRI N2     N  N N 165 
IRI N3     N  N N 166 
IRI N4     N  N N 167 
IRI N5     N  N N 168 
IRI N6     N  N N 169 
IRI HN11   H  N N 170 
IRI HN12   H  N N 171 
IRI HN13   H  N N 172 
IRI HN21   H  N N 173 
IRI HN22   H  N N 174 
IRI HN23   H  N N 175 
IRI HN31   H  N N 176 
IRI HN32   H  N N 177 
IRI HN33   H  N N 178 
IRI HN41   H  N N 179 
IRI HN42   H  N N 180 
IRI HN43   H  N N 181 
IRI HN51   H  N N 182 
IRI HN52   H  N N 183 
IRI HN53   H  N N 184 
IRI HN61   H  N N 185 
IRI HN62   H  N N 186 
IRI HN63   H  N N 187 
K   K      K  N N 188 
MG  MG     MG N N 189 
U   OP3    O  N N 190 
U   P      P  N N 191 
U   OP1    O  N N 192 
U   OP2    O  N N 193 
U   "O5'"  O  N N 194 
U   "C5'"  C  N N 195 
U   "C4'"  C  N R 196 
U   "O4'"  O  N N 197 
U   "C3'"  C  N S 198 
U   "O3'"  O  N N 199 
U   "C2'"  C  N R 200 
U   "O2'"  O  N N 201 
U   "C1'"  C  N R 202 
U   N1     N  N N 203 
U   C2     C  N N 204 
U   O2     O  N N 205 
U   N3     N  N N 206 
U   C4     C  N N 207 
U   O4     O  N N 208 
U   C5     C  N N 209 
U   C6     C  N N 210 
U   HOP3   H  N N 211 
U   HOP2   H  N N 212 
U   "H5'"  H  N N 213 
U   "H5''" H  N N 214 
U   "H4'"  H  N N 215 
U   "H3'"  H  N N 216 
U   "HO3'" H  N N 217 
U   "H2'"  H  N N 218 
U   "HO2'" H  N N 219 
U   "H1'"  H  N N 220 
U   H3     H  N N 221 
U   H5     H  N N 222 
U   H6     H  N N 223 
# 
loop_
_chem_comp_bond.comp_id 
_chem_comp_bond.atom_id_1 
_chem_comp_bond.atom_id_2 
_chem_comp_bond.value_order 
_chem_comp_bond.pdbx_aromatic_flag 
_chem_comp_bond.pdbx_stereo_config 
_chem_comp_bond.pdbx_ordinal 
A   OP3   P      sing N N 1   
A   OP3   HOP3   sing N N 2   
A   P     OP1    doub N N 3   
A   P     OP2    sing N N 4   
A   P     "O5'"  sing N N 5   
A   OP2   HOP2   sing N N 6   
A   "O5'" "C5'"  sing N N 7   
A   "C5'" "C4'"  sing N N 8   
A   "C5'" "H5'"  sing N N 9   
A   "C5'" "H5''" sing N N 10  
A   "C4'" "O4'"  sing N N 11  
A   "C4'" "C3'"  sing N N 12  
A   "C4'" "H4'"  sing N N 13  
A   "O4'" "C1'"  sing N N 14  
A   "C3'" "O3'"  sing N N 15  
A   "C3'" "C2'"  sing N N 16  
A   "C3'" "H3'"  sing N N 17  
A   "O3'" "HO3'" sing N N 18  
A   "C2'" "O2'"  sing N N 19  
A   "C2'" "C1'"  sing N N 20  
A   "C2'" "H2'"  sing N N 21  
A   "O2'" "HO2'" sing N N 22  
A   "C1'" N9     sing N N 23  
A   "C1'" "H1'"  sing N N 24  
A   N9    C8     sing Y N 25  
A   N9    C4     sing Y N 26  
A   C8    N7     doub Y N 27  
A   C8    H8     sing N N 28  
A   N7    C5     sing Y N 29  
A   C5    C6     sing Y N 30  
A   C5    C4     doub Y N 31  
A   C6    N6     sing N N 32  
A   C6    N1     doub Y N 33  
A   N6    H61    sing N N 34  
A   N6    H62    sing N N 35  
A   N1    C2     sing Y N 36  
A   C2    N3     doub Y N 37  
A   C2    H2     sing N N 38  
A   N3    C4     sing Y N 39  
C   OP3   P      sing N N 40  
C   OP3   HOP3   sing N N 41  
C   P     OP1    doub N N 42  
C   P     OP2    sing N N 43  
C   P     "O5'"  sing N N 44  
C   OP2   HOP2   sing N N 45  
C   "O5'" "C5'"  sing N N 46  
C   "C5'" "C4'"  sing N N 47  
C   "C5'" "H5'"  sing N N 48  
C   "C5'" "H5''" sing N N 49  
C   "C4'" "O4'"  sing N N 50  
C   "C4'" "C3'"  sing N N 51  
C   "C4'" "H4'"  sing N N 52  
C   "O4'" "C1'"  sing N N 53  
C   "C3'" "O3'"  sing N N 54  
C   "C3'" "C2'"  sing N N 55  
C   "C3'" "H3'"  sing N N 56  
C   "O3'" "HO3'" sing N N 57  
C   "C2'" "O2'"  sing N N 58  
C   "C2'" "C1'"  sing N N 59  
C   "C2'" "H2'"  sing N N 60  
C   "O2'" "HO2'" sing N N 61  
C   "C1'" N1     sing N N 62  
C   "C1'" "H1'"  sing N N 63  
C   N1    C2     sing N N 64  
C   N1    C6     sing N N 65  
C   C2    O2     doub N N 66  
C   C2    N3     sing N N 67  
C   N3    C4     doub N N 68  
C   C4    N4     sing N N 69  
C   C4    C5     sing N N 70  
C   N4    H41    sing N N 71  
C   N4    H42    sing N N 72  
C   C5    C6     doub N N 73  
C   C5    H5     sing N N 74  
C   C6    H6     sing N N 75  
G   OP3   P      sing N N 76  
G   OP3   HOP3   sing N N 77  
G   P     OP1    doub N N 78  
G   P     OP2    sing N N 79  
G   P     "O5'"  sing N N 80  
G   OP2   HOP2   sing N N 81  
G   "O5'" "C5'"  sing N N 82  
G   "C5'" "C4'"  sing N N 83  
G   "C5'" "H5'"  sing N N 84  
G   "C5'" "H5''" sing N N 85  
G   "C4'" "O4'"  sing N N 86  
G   "C4'" "C3'"  sing N N 87  
G   "C4'" "H4'"  sing N N 88  
G   "O4'" "C1'"  sing N N 89  
G   "C3'" "O3'"  sing N N 90  
G   "C3'" "C2'"  sing N N 91  
G   "C3'" "H3'"  sing N N 92  
G   "O3'" "HO3'" sing N N 93  
G   "C2'" "O2'"  sing N N 94  
G   "C2'" "C1'"  sing N N 95  
G   "C2'" "H2'"  sing N N 96  
G   "O2'" "HO2'" sing N N 97  
G   "C1'" N9     sing N N 98  
G   "C1'" "H1'"  sing N N 99  
G   N9    C8     sing Y N 100 
G   N9    C4     sing Y N 101 
G   C8    N7     doub Y N 102 
G   C8    H8     sing N N 103 
G   N7    C5     sing Y N 104 
G   C5    C6     sing N N 105 
G   C5    C4     doub Y N 106 
G   C6    O6     doub N N 107 
G   C6    N1     sing N N 108 
G   N1    C2     sing N N 109 
G   N1    H1     sing N N 110 
G   C2    N2     sing N N 111 
G   C2    N3     doub N N 112 
G   N2    H21    sing N N 113 
G   N2    H22    sing N N 114 
G   N3    C4     sing N N 115 
GTP PG    O1G    doub N N 116 
GTP PG    O2G    sing N N 117 
GTP PG    O3G    sing N N 118 
GTP PG    O3B    sing N N 119 
GTP O2G   HOG2   sing N N 120 
GTP O3G   HOG3   sing N N 121 
GTP O3B   PB     sing N N 122 
GTP PB    O1B    doub N N 123 
GTP PB    O2B    sing N N 124 
GTP PB    O3A    sing N N 125 
GTP O2B   HOB2   sing N N 126 
GTP O3A   PA     sing N N 127 
GTP PA    O1A    doub N N 128 
GTP PA    O2A    sing N N 129 
GTP PA    "O5'"  sing N N 130 
GTP O2A   HOA2   sing N N 131 
GTP "O5'" "C5'"  sing N N 132 
GTP "C5'" "C4'"  sing N N 133 
GTP "C5'" "H5'"  sing N N 134 
GTP "C5'" "H5''" sing N N 135 
GTP "C4'" "O4'"  sing N N 136 
GTP "C4'" "C3'"  sing N N 137 
GTP "C4'" "H4'"  sing N N 138 
GTP "O4'" "C1'"  sing N N 139 
GTP "C3'" "O3'"  sing N N 140 
GTP "C3'" "C2'"  sing N N 141 
GTP "C3'" "H3'"  sing N N 142 
GTP "O3'" "HO3'" sing N N 143 
GTP "C2'" "O2'"  sing N N 144 
GTP "C2'" "C1'"  sing N N 145 
GTP "C2'" "H2'"  sing N N 146 
GTP "O2'" "HO2'" sing N N 147 
GTP "C1'" N9     sing N N 148 
GTP "C1'" "H1'"  sing N N 149 
GTP N9    C8     sing Y N 150 
GTP N9    C4     sing Y N 151 
GTP C8    N7     doub Y N 152 
GTP C8    H8     sing N N 153 
GTP N7    C5     sing Y N 154 
GTP C5    C6     sing N N 155 
GTP C5    C4     doub Y N 156 
GTP C6    O6     doub N N 157 
GTP C6    N1     sing N N 158 
GTP N1    C2     sing N N 159 
GTP N1    HN1    sing N N 160 
GTP C2    N2     sing N N 161 
GTP C2    N3     doub N N 162 
GTP N2    HN21   sing N N 163 
GTP N2    HN22   sing N N 164 
GTP N3    C4     sing N N 165 
HOH O     H1     sing N N 166 
HOH O     H2     sing N N 167 
IRI IR    N1     sing N N 168 
IRI IR    N2     sing N N 169 
IRI IR    N3     sing N N 170 
IRI IR    N4     sing N N 171 
IRI IR    N5     sing N N 172 
IRI IR    N6     sing N N 173 
IRI N1    HN11   sing N N 174 
IRI N1    HN12   sing N N 175 
IRI N1    HN13   sing N N 176 
IRI N2    HN21   sing N N 177 
IRI N2    HN22   sing N N 178 
IRI N2    HN23   sing N N 179 
IRI N3    HN31   sing N N 180 
IRI N3    HN32   sing N N 181 
IRI N3    HN33   sing N N 182 
IRI N4    HN41   sing N N 183 
IRI N4    HN42   sing N N 184 
IRI N4    HN43   sing N N 185 
IRI N5    HN51   sing N N 186 
IRI N5    HN52   sing N N 187 
IRI N5    HN53   sing N N 188 
IRI N6    HN61   sing N N 189 
IRI N6    HN62   sing N N 190 
IRI N6    HN63   sing N N 191 
U   OP3   P      sing N N 192 
U   OP3   HOP3   sing N N 193 
U   P     OP1    doub N N 194 
U   P     OP2    sing N N 195 
U   P     "O5'"  sing N N 196 
U   OP2   HOP2   sing N N 197 
U   "O5'" "C5'"  sing N N 198 
U   "C5'" "C4'"  sing N N 199 
U   "C5'" "H5'"  sing N N 200 
U   "C5'" "H5''" sing N N 201 
U   "C4'" "O4'"  sing N N 202 
U   "C4'" "C3'"  sing N N 203 
U   "C4'" "H4'"  sing N N 204 
U   "O4'" "C1'"  sing N N 205 
U   "C3'" "O3'"  sing N N 206 
U   "C3'" "C2'"  sing N N 207 
U   "C3'" "H3'"  sing N N 208 
U   "O3'" "HO3'" sing N N 209 
U   "C2'" "O2'"  sing N N 210 
U   "C2'" "C1'"  sing N N 211 
U   "C2'" "H2'"  sing N N 212 
U   "O2'" "HO2'" sing N N 213 
U   "C1'" N1     sing N N 214 
U   "C1'" "H1'"  sing N N 215 
U   N1    C2     sing N N 216 
U   N1    C6     sing N N 217 
U   C2    O2     doub N N 218 
U   C2    N3     sing N N 219 
U   N3    C4     sing N N 220 
U   N3    H3     sing N N 221 
U   C4    O4     doub N N 222 
U   C4    C5     sing N N 223 
U   C5    C6     doub N N 224 
U   C5    H5     sing N N 225 
U   C6    H6     sing N N 226 
# 
loop_
_ndb_struct_conf_na.entry_id 
_ndb_struct_conf_na.feature 
4ENB 'double helix'         
4ENB 'a-form double helix'  
4ENB tetraloop              
4ENB 'mismatched base pair' 
# 
loop_
_ndb_struct_na_base_pair.model_number 
_ndb_struct_na_base_pair.i_label_asym_id 
_ndb_struct_na_base_pair.i_label_comp_id 
_ndb_struct_na_base_pair.i_label_seq_id 
_ndb_struct_na_base_pair.i_symmetry 
_ndb_struct_na_base_pair.j_label_asym_id 
_ndb_struct_na_base_pair.j_label_comp_id 
_ndb_struct_na_base_pair.j_label_seq_id 
_ndb_struct_na_base_pair.j_symmetry 
_ndb_struct_na_base_pair.shear 
_ndb_struct_na_base_pair.stretch 
_ndb_struct_na_base_pair.stagger 
_ndb_struct_na_base_pair.buckle 
_ndb_struct_na_base_pair.propeller 
_ndb_struct_na_base_pair.opening 
_ndb_struct_na_base_pair.pair_number 
_ndb_struct_na_base_pair.pair_name 
_ndb_struct_na_base_pair.i_auth_asym_id 
_ndb_struct_na_base_pair.i_auth_seq_id 
_ndb_struct_na_base_pair.i_PDB_ins_code 
_ndb_struct_na_base_pair.j_auth_asym_id 
_ndb_struct_na_base_pair.j_auth_seq_id 
_ndb_struct_na_base_pair.j_PDB_ins_code 
_ndb_struct_na_base_pair.hbond_type_28 
_ndb_struct_na_base_pair.hbond_type_12 
1 A G 2  1_555 A C 17 1_555 -0.081 -0.054 0.503  9.930   -7.155  -4.060  1  A_G2:C17_A  A 2  ? A 17 ? 19 1 
1 A G 3  1_555 A C 16 1_555 -0.346 -0.120 0.206  2.232   -15.941 4.498   2  A_G3:C16_A  A 3  ? A 16 ? 19 1 
1 A C 4  1_555 A G 15 1_555 0.282  -0.244 0.369  -0.022  -11.432 -0.051  3  A_C4:G15_A  A 4  ? A 15 ? 19 1 
1 A G 5  1_555 A C 14 1_555 -0.135 -0.068 0.314  4.127   -2.153  -2.480  4  A_G5:C14_A  A 5  ? A 14 ? 19 1 
1 A G 42 1_555 A C 13 1_555 -0.341 -0.131 -0.236 -4.070  -9.695  -2.628  5  A_G42:C13_A A 42 ? A 13 ? 19 1 
1 A G 43 1_555 A C 12 1_555 0.273  -0.200 -0.126 0.631   -8.399  0.430   6  A_G43:C12_A A 43 ? A 12 ? 19 1 
1 A C 44 1_555 A G 11 1_555 -0.065 -0.009 0.029  -3.238  -8.250  0.359   7  A_C44:G11_A A 44 ? A 11 ? 19 1 
1 A C 45 1_555 A G 10 1_555 0.350  0.019  -0.164 4.149   -14.689 5.681   8  A_C45:G10_A A 45 ? A 10 ? 19 1 
1 A U 46 1_555 A A 9  1_555 0.197  -0.150 -0.034 2.176   -4.864  4.734   9  A_U46:A9_A  A 46 ? A 9  ? 20 1 
1 A C 47 1_555 A G 8  1_555 0.304  -0.205 -0.098 4.860   -8.605  0.338   10 A_C47:G8_A  A 47 ? A 8  ? 19 1 
1 A U 48 1_555 A A 40 1_555 4.415  -2.575 -0.420 -19.955 -4.578  -91.031 11 A_U48:A40_A A 48 ? A 40 ? 24 4 
1 A A 6  1_555 A U 38 1_555 0.151  1.307  0.326  0.721   -0.136  168.366 12 A_A6:U38_A  A 6  ? A 38 ? 21 2 
1 A G 24 1_555 A C 37 1_555 -0.247 -0.067 0.225  8.885   1.553   3.602   13 A_G24:C37_A A 24 ? A 37 ? 19 1 
1 A C 25 1_555 A G 36 1_555 0.007  -0.003 -0.194 15.618  -10.111 6.182   14 A_C25:G36_A A 25 ? A 36 ? 19 1 
1 A C 26 1_555 A G 35 1_555 0.026  0.036  -0.151 8.550   -11.917 3.024   15 A_C26:G35_A A 26 ? A 35 ? 19 1 
1 A C 27 1_555 A G 34 1_555 0.442  -0.332 0.088  0.939   -8.178  1.512   16 A_C27:G34_A A 27 ? A 34 ? 19 1 
1 A U 28 1_555 A A 33 1_555 0.073  -0.069 0.033  3.648   -1.431  5.495   17 A_U28:A33_A A 28 ? A 33 ? 20 1 
1 A G 29 1_555 A A 32 1_555 7.034  -5.054 0.941  10.176  6.702   -15.114 18 A_G29:A32_A A 29 ? A 32 ? ?  ? 
# 
loop_
_ndb_struct_na_base_pair_step.model_number 
_ndb_struct_na_base_pair_step.i_label_asym_id_1 
_ndb_struct_na_base_pair_step.i_label_comp_id_1 
_ndb_struct_na_base_pair_step.i_label_seq_id_1 
_ndb_struct_na_base_pair_step.i_symmetry_1 
_ndb_struct_na_base_pair_step.j_label_asym_id_1 
_ndb_struct_na_base_pair_step.j_label_comp_id_1 
_ndb_struct_na_base_pair_step.j_label_seq_id_1 
_ndb_struct_na_base_pair_step.j_symmetry_1 
_ndb_struct_na_base_pair_step.i_label_asym_id_2 
_ndb_struct_na_base_pair_step.i_label_comp_id_2 
_ndb_struct_na_base_pair_step.i_label_seq_id_2 
_ndb_struct_na_base_pair_step.i_symmetry_2 
_ndb_struct_na_base_pair_step.j_label_asym_id_2 
_ndb_struct_na_base_pair_step.j_label_comp_id_2 
_ndb_struct_na_base_pair_step.j_label_seq_id_2 
_ndb_struct_na_base_pair_step.j_symmetry_2 
_ndb_struct_na_base_pair_step.shift 
_ndb_struct_na_base_pair_step.slide 
_ndb_struct_na_base_pair_step.rise 
_ndb_struct_na_base_pair_step.tilt 
_ndb_struct_na_base_pair_step.roll 
_ndb_struct_na_base_pair_step.twist 
_ndb_struct_na_base_pair_step.x_displacement 
_ndb_struct_na_base_pair_step.y_displacement 
_ndb_struct_na_base_pair_step.helical_rise 
_ndb_struct_na_base_pair_step.inclination 
_ndb_struct_na_base_pair_step.tip 
_ndb_struct_na_base_pair_step.helical_twist 
_ndb_struct_na_base_pair_step.step_number 
_ndb_struct_na_base_pair_step.step_name 
_ndb_struct_na_base_pair_step.i_auth_asym_id_1 
_ndb_struct_na_base_pair_step.i_auth_seq_id_1 
_ndb_struct_na_base_pair_step.i_PDB_ins_code_1 
_ndb_struct_na_base_pair_step.j_auth_asym_id_1 
_ndb_struct_na_base_pair_step.j_auth_seq_id_1 
_ndb_struct_na_base_pair_step.j_PDB_ins_code_1 
_ndb_struct_na_base_pair_step.i_auth_asym_id_2 
_ndb_struct_na_base_pair_step.i_auth_seq_id_2 
_ndb_struct_na_base_pair_step.i_PDB_ins_code_2 
_ndb_struct_na_base_pair_step.j_auth_asym_id_2 
_ndb_struct_na_base_pair_step.j_auth_seq_id_2 
_ndb_struct_na_base_pair_step.j_PDB_ins_code_2 
1 A G 2  1_555 A C 17 1_555 A G 3  1_555 A C 16 1_555 0.662  -1.943 3.261  1.985   4.905    33.007  -4.159 -0.836 2.983  8.565  
-3.467  33.416   1  AA_G2G3:C16C17_AA   A 2  ? A 17 ? A 3  ? A 16 ? 
1 A G 3  1_555 A C 16 1_555 A C 4  1_555 A G 15 1_555 -0.228 -1.768 3.345  -1.205  0.760    35.306  -3.027 0.194  3.313  1.252  
1.986   35.334   2  AA_G3C4:G15C16_AA   A 3  ? A 16 ? A 4  ? A 15 ? 
1 A C 4  1_555 A G 15 1_555 A G 5  1_555 A C 14 1_555 -0.468 -1.759 2.915  2.558   5.940    31.943  -4.003 1.208  2.512  10.657 
-4.590  32.575   3  AA_C4G5:C14G15_AA   A 4  ? A 15 ? A 5  ? A 14 ? 
1 A G 5  1_555 A C 14 1_555 A G 42 1_555 A C 13 1_555 0.363  -1.999 3.528  3.501   3.409    27.633  -4.966 0.118  3.282  7.066  
-7.257  28.054   4  AA_G5G42:C13C14_AA  A 5  ? A 14 ? A 42 ? A 13 ? 
1 A G 42 1_555 A C 13 1_555 A G 43 1_555 A C 12 1_555 -0.241 -1.304 3.088  -0.744  6.299    36.932  -2.784 0.285  2.839  9.854  
1.164   37.454   5  AA_G42G43:C12C13_AA A 42 ? A 13 ? A 43 ? A 12 ? 
1 A G 43 1_555 A C 12 1_555 A C 44 1_555 A G 11 1_555 -0.102 -1.362 3.271  -1.474  14.862   33.883  -3.996 -0.023 2.480  24.101 
2.390   36.940   6  AA_G43C44:G11C12_AA A 43 ? A 12 ? A 44 ? A 11 ? 
1 A C 44 1_555 A G 11 1_555 A C 45 1_555 A G 10 1_555 1.802  -1.628 2.903  7.475   13.196   27.780  -5.078 -2.129 2.313  25.242 
-14.299 31.579   7  AA_C44C45:G10G11_AA A 44 ? A 11 ? A 45 ? A 10 ? 
1 A C 45 1_555 A G 10 1_555 A U 46 1_555 A A 9  1_555 -0.507 -1.526 3.205  -3.517  10.212   30.510  -4.399 0.341  2.612  18.686 
6.434   32.322   8  AA_C45U46:A9G10_AA  A 45 ? A 10 ? A 46 ? A 9  ? 
1 A U 46 1_555 A A 9  1_555 A C 47 1_555 A G 8  1_555 -0.024 -1.829 3.093  0.397   6.268    32.754  -4.121 0.101  2.705  10.989 
-0.697  33.335   9  AA_U46C47:G8A9_AA   A 46 ? A 9  ? A 47 ? A 8  ? 
1 A C 47 1_555 A G 8  1_555 A U 48 1_555 A A 40 1_555 -2.503 -2.317 3.815  10.737  11.890   82.011  -2.057 2.166  3.230  8.984  
-8.113  83.288   10 AA_C47U48:A40G8_AA  A 47 ? A 8  ? A 48 ? A 40 ? 
1 A A 6  1_555 A U 38 1_555 A G 24 1_555 A C 37 1_555 -0.375 -4.118 -1.525 114.548 -130.211 -51.071 0.937  -1.177 -3.224 66.509 
58.509  -174.067 11 AA_A6G24:C37U38_AA  A 6  ? A 38 ? A 24 ? A 37 ? 
1 A G 24 1_555 A C 37 1_555 A C 25 1_555 A G 36 1_555 0.179  -1.853 3.184  2.664   0.823    31.337  -3.567 0.152  3.139  1.520  
-4.920  31.458   12 AA_G24C25:G36C37_AA A 24 ? A 37 ? A 25 ? A 36 ? 
1 A C 25 1_555 A G 36 1_555 A C 26 1_555 A G 35 1_555 -0.457 -2.123 3.362  -2.774  7.904    29.391  -5.525 0.343  2.742  15.193 
5.332   30.536   13 AA_C25C26:G35G36_AA A 25 ? A 36 ? A 26 ? A 35 ? 
1 A C 26 1_555 A G 35 1_555 A C 27 1_555 A G 34 1_555 -0.465 -2.022 3.378  -3.064  8.473    32.922  -4.747 0.324  2.816  14.612 
5.284   34.099   14 AA_C26C27:G34G35_AA A 26 ? A 35 ? A 27 ? A 34 ? 
1 A C 27 1_555 A G 34 1_555 A U 28 1_555 A A 33 1_555 0.570  -1.702 3.102  0.160   4.812    30.966  -3.978 -1.027 2.815  8.945  
-0.298  31.330   15 AA_C27U28:A33G34_AA A 27 ? A 34 ? A 28 ? A 33 ? 
1 A U 28 1_555 A A 33 1_555 A G 29 1_555 A A 32 1_555 -2.583 -1.091 3.073  -1.392  9.572    50.681  -1.856 2.883  2.901  11.067 
1.609   51.536   16 AA_U28G29:A32A33_AA A 28 ? A 33 ? A 29 ? A 32 ? 
# 
_atom_sites.entry_id                    4ENB 
_atom_sites.fract_transf_matrix[1][1]   -0.01654311 
_atom_sites.fract_transf_matrix[1][2]   0.00191341 
_atom_sites.fract_transf_matrix[1][3]   -0.00452422 
_atom_sites.fract_transf_matrix[2][1]   -0.00299447 
_atom_sites.fract_transf_matrix[2][2]   -0.01108414 
_atom_sites.fract_transf_matrix[2][3]   0.00626171 
_atom_sites.fract_transf_matrix[3][1]   -0.00394888 
_atom_sites.fract_transf_matrix[3][2]   0.01211960 
_atom_sites.fract_transf_matrix[3][3]   0.01956504 
_atom_sites.fract_transf_vector[1]      -0.220011 
_atom_sites.fract_transf_vector[2]      0.241978 
_atom_sites.fract_transf_vector[3]      -0.262856 
# 
loop_
_atom_type.symbol 
C  
F  
IR 
K  
MG 
N  
O  
P  
# 
loop_
_atom_site.group_PDB 
_atom_site.id 
_atom_site.type_symbol 
_atom_site.label_atom_id 
_atom_site.label_alt_id 
_atom_site.label_comp_id 
_atom_site.label_asym_id 
_atom_site.label_entity_id 
_atom_site.label_seq_id 
_atom_site.pdbx_PDB_ins_code 
_atom_site.Cartn_x 
_atom_site.Cartn_y 
_atom_site.Cartn_z 
_atom_site.occupancy 
_atom_site.B_iso_or_equiv 
_atom_site.pdbx_formal_charge 
_atom_site.auth_seq_id 
_atom_site.auth_comp_id 
_atom_site.auth_asym_id 
_atom_site.auth_atom_id 
_atom_site.pdbx_PDB_model_num 
HETATM 1    P  PG    . GTP A 1 1  ? 15.631  26.833  -0.901  0.01 68.75 ? 1   GTP A PG    1 
HETATM 2    O  O1G   . GTP A 1 1  ? 15.658  27.425  -2.293  1.00 66.53 ? 1   GTP A O1G   1 
HETATM 3    O  O2G   . GTP A 1 1  ? 15.564  27.968  0.094   1.00 68.83 ? 1   GTP A O2G   1 
HETATM 4    O  O3G   . GTP A 1 1  ? 16.908  26.090  -0.634  1.00 74.40 ? 1   GTP A O3G   1 
HETATM 5    O  O3B   . GTP A 1 1  ? 14.412  25.770  -0.797  1.00 74.52 ? 1   GTP A O3B   1 
HETATM 6    P  PB    . GTP A 1 1  ? 14.570  24.386  -1.615  0.11 71.51 ? 1   GTP A PB    1 
HETATM 7    O  O1B   . GTP A 1 1  ? 15.541  24.638  -2.735  1.00 66.69 ? 1   GTP A O1B   1 
HETATM 8    O  O2B   . GTP A 1 1  ? 13.268  23.864  -2.167  1.00 72.36 ? 1   GTP A O2B   1 
HETATM 9    O  O3A   . GTP A 1 1  ? 15.227  23.340  -0.580  1.00 76.44 ? 1   GTP A O3A   1 
HETATM 10   P  PA    . GTP A 1 1  ? 14.328  22.643  0.555   0.00 74.38 ? 1   GTP A PA    1 
HETATM 11   O  O1A   . GTP A 1 1  ? 15.160  22.351  1.782   1.00 80.66 ? 1   GTP A O1A   1 
HETATM 12   O  O2A   . GTP A 1 1  ? 13.210  23.586  0.924   1.00 80.24 ? 1   GTP A O2A   1 
HETATM 13   O  "O5'" . GTP A 1 1  ? 13.833  21.253  -0.118  1.00 71.94 ? 1   GTP A "O5'" 1 
HETATM 14   C  "C5'" . GTP A 1 1  ? 14.454  20.031  0.257   1.00 76.44 ? 1   GTP A "C5'" 1 
HETATM 15   C  "C4'" . GTP A 1 1  ? 15.221  19.314  -0.871  1.00 79.14 ? 1   GTP A "C4'" 1 
HETATM 16   O  "O4'" . GTP A 1 1  ? 15.903  20.221  -1.734  1.00 79.03 ? 1   GTP A "O4'" 1 
HETATM 17   C  "C3'" . GTP A 1 1  ? 16.271  18.338  -0.322  1.00 71.40 ? 1   GTP A "C3'" 1 
HETATM 18   O  "O3'" . GTP A 1 1  ? 15.877  16.988  -0.391  1.00 70.47 ? 1   GTP A "O3'" 1 
HETATM 19   C  "C2'" . GTP A 1 1  ? 17.516  18.567  -1.163  1.00 76.39 ? 1   GTP A "C2'" 1 
HETATM 20   O  "O2'" . GTP A 1 1  ? 17.664  17.629  -2.215  1.00 71.55 ? 1   GTP A "O2'" 1 
HETATM 21   C  "C1'" . GTP A 1 1  ? 17.299  19.937  -1.771  1.00 74.73 ? 1   GTP A "C1'" 1 
HETATM 22   N  N9    . GTP A 1 1  ? 17.936  20.935  -0.901  1.00 68.01 ? 1   GTP A N9    1 
HETATM 23   C  C8    . GTP A 1 1  ? 18.275  20.813  0.432   1.00 67.53 ? 1   GTP A C8    1 
HETATM 24   N  N7    . GTP A 1 1  ? 18.814  21.983  0.851   1.00 66.47 ? 1   GTP A N7    1 
HETATM 25   C  C5    . GTP A 1 1  ? 18.816  22.836  -0.209  1.00 65.52 ? 1   GTP A C5    1 
HETATM 26   C  C6    . GTP A 1 1  ? 19.234  24.144  -0.364  1.00 60.82 ? 1   GTP A C6    1 
HETATM 27   O  O6    . GTP A 1 1  ? 19.728  24.743  0.588   1.00 68.15 ? 1   GTP A O6    1 
HETATM 28   N  N1    . GTP A 1 1  ? 19.106  24.762  -1.585  1.00 60.20 ? 1   GTP A N1    1 
HETATM 29   C  C2    . GTP A 1 1  ? 18.563  24.089  -2.660  1.00 61.68 ? 1   GTP A C2    1 
HETATM 30   N  N2    . GTP A 1 1  ? 18.432  24.689  -3.841  1.00 63.33 ? 1   GTP A N2    1 
HETATM 31   N  N3    . GTP A 1 1  ? 18.142  22.795  -2.506  1.00 60.85 ? 1   GTP A N3    1 
HETATM 32   C  C4    . GTP A 1 1  ? 18.265  22.190  -1.305  1.00 63.93 ? 1   GTP A C4    1 
ATOM   33   P  P     . G   A 1 2  ? 14.861  15.762  -0.561  1.00 76.69 ? 2   G   A P     1 
ATOM   34   O  OP1   . G   A 1 2  ? 14.736  16.279  -1.950  1.00 75.01 ? 2   G   A OP1   1 
ATOM   35   O  OP2   . G   A 1 2  ? 13.722  15.019  0.057   1.00 72.26 ? 2   G   A OP2   1 
ATOM   36   O  "O5'" . G   A 1 2  ? 16.226  14.956  -0.383  1.00 64.22 ? 2   G   A "O5'" 1 
ATOM   37   C  "C5'" . G   A 1 2  ? 16.636  13.999  -1.347  1.00 63.82 ? 2   G   A "C5'" 1 
ATOM   38   C  "C4'" . G   A 1 2  ? 17.030  12.691  -0.698  1.00 59.59 ? 2   G   A "C4'" 1 
ATOM   39   O  "O4'" . G   A 1 2  ? 17.461  12.929  0.669   1.00 60.39 ? 2   G   A "O4'" 1 
ATOM   40   C  "C3'" . G   A 1 2  ? 15.925  11.655  -0.546  1.00 60.88 ? 2   G   A "C3'" 1 
ATOM   41   O  "O3'" . G   A 1 2  ? 15.641  10.951  -1.745  1.00 61.05 ? 2   G   A "O3'" 1 
ATOM   42   C  "C2'" . G   A 1 2  ? 16.464  10.777  0.576   1.00 59.76 ? 2   G   A "C2'" 1 
ATOM   43   O  "O2'" . G   A 1 2  ? 17.496  9.919   0.100   1.00 57.24 ? 2   G   A "O2'" 1 
ATOM   44   C  "C1'" . G   A 1 2  ? 17.094  11.833  1.487   1.00 58.03 ? 2   G   A "C1'" 1 
ATOM   45   N  N9    . G   A 1 2  ? 16.142  12.313  2.507   1.00 56.84 ? 2   G   A N9    1 
ATOM   46   C  C8    . G   A 1 2  ? 15.568  13.561  2.580   1.00 60.88 ? 2   G   A C8    1 
ATOM   47   N  N7    . G   A 1 2  ? 14.749  13.699  3.588   1.00 61.41 ? 2   G   A N7    1 
ATOM   48   C  C5    . G   A 1 2  ? 14.779  12.459  4.218   1.00 59.59 ? 2   G   A C5    1 
ATOM   49   C  C6    . G   A 1 2  ? 14.105  11.993  5.379   1.00 55.16 ? 2   G   A C6    1 
ATOM   50   O  O6    . G   A 1 2  ? 13.301  12.602  6.100   1.00 56.87 ? 2   G   A O6    1 
ATOM   51   N  N1    . G   A 1 2  ? 14.432  10.673  5.665   1.00 51.38 ? 2   G   A N1    1 
ATOM   52   C  C2    . G   A 1 2  ? 15.286  9.886   4.942   1.00 53.42 ? 2   G   A C2    1 
ATOM   53   N  N2    . G   A 1 2  ? 15.477  8.628   5.373   1.00 55.41 ? 2   G   A N2    1 
ATOM   54   N  N3    . G   A 1 2  ? 15.922  10.309  3.865   1.00 59.64 ? 2   G   A N3    1 
ATOM   55   C  C4    . G   A 1 2  ? 15.631  11.595  3.563   1.00 57.60 ? 2   G   A C4    1 
ATOM   56   P  P     . G   A 1 3  ? 14.113  10.610  -2.144  1.00 60.96 ? 3   G   A P     1 
ATOM   57   O  OP1   . G   A 1 3  ? 14.123  10.153  -3.560  1.00 60.73 ? 3   G   A OP1   1 
ATOM   58   O  OP2   . G   A 1 3  ? 13.282  11.791  -1.774  1.00 59.22 ? 3   G   A OP2   1 
ATOM   59   O  "O5'" . G   A 1 3  ? 13.756  9.389   -1.187  1.00 53.58 ? 3   G   A "O5'" 1 
ATOM   60   C  "C5'" . G   A 1 3  ? 14.492  8.181   -1.243  1.00 55.00 ? 3   G   A "C5'" 1 
ATOM   61   C  "C4'" . G   A 1 3  ? 14.239  7.328   -0.029  1.00 54.23 ? 3   G   A "C4'" 1 
ATOM   62   O  "O4'" . G   A 1 3  ? 14.596  8.059   1.173   1.00 52.78 ? 3   G   A "O4'" 1 
ATOM   63   C  "C3'" . G   A 1 3  ? 12.791  6.922   0.223   1.00 51.89 ? 3   G   A "C3'" 1 
ATOM   64   O  "O3'" . G   A 1 3  ? 12.363  5.847   -0.602  1.00 50.73 ? 3   G   A "O3'" 1 
ATOM   65   C  "C2'" . G   A 1 3  ? 12.823  6.572   1.702   1.00 49.38 ? 3   G   A "C2'" 1 
ATOM   66   O  "O2'" . G   A 1 3  ? 13.452  5.313   1.901   1.00 49.99 ? 3   G   A "O2'" 1 
ATOM   67   C  "C1'" . G   A 1 3  ? 13.751  7.659   2.240   1.00 52.57 ? 3   G   A "C1'" 1 
ATOM   68   N  N9    . G   A 1 3  ? 12.999  8.838   2.721   1.00 51.06 ? 3   G   A N9    1 
ATOM   69   C  C8    . G   A 1 3  ? 12.970  10.081  2.130   1.00 50.56 ? 3   G   A C8    1 
ATOM   70   N  N7    . G   A 1 3  ? 12.223  10.931  2.774   1.00 50.82 ? 3   G   A N7    1 
ATOM   71   C  C5    . G   A 1 3  ? 11.731  10.219  3.861   1.00 48.43 ? 3   G   A C5    1 
ATOM   72   C  C6    . G   A 1 3  ? 10.859  10.636  4.904   1.00 50.74 ? 3   G   A C6    1 
ATOM   73   O  O6    . G   A 1 3  ? 10.343  11.752  5.070   1.00 54.69 ? 3   G   A O6    1 
ATOM   74   N  N1    . G   A 1 3  ? 10.589  9.606   5.805   1.00 47.88 ? 3   G   A N1    1 
ATOM   75   C  C2    . G   A 1 3  ? 11.100  8.328   5.717   1.00 51.66 ? 3   G   A C2    1 
ATOM   76   N  N2    . G   A 1 3  ? 10.715  7.486   6.696   1.00 45.87 ? 3   G   A N2    1 
ATOM   77   N  N3    . G   A 1 3  ? 11.926  7.925   4.742   1.00 48.50 ? 3   G   A N3    1 
ATOM   78   C  C4    . G   A 1 3  ? 12.199  8.918   3.848   1.00 50.18 ? 3   G   A C4    1 
ATOM   79   P  P     . C   A 1 4  ? 10.862  5.797   -1.181  1.00 52.87 ? 4   C   A P     1 
ATOM   80   O  OP1   . C   A 1 4  ? 10.834  4.727   -2.213  1.00 54.75 ? 4   C   A OP1   1 
ATOM   81   O  OP2   . C   A 1 4  ? 10.492  7.174   -1.569  1.00 49.94 ? 4   C   A OP2   1 
ATOM   82   O  "O5'" . C   A 1 4  ? 10.007  5.346   0.085   1.00 46.29 ? 4   C   A "O5'" 1 
ATOM   83   C  "C5'" . C   A 1 4  ? 10.297  4.136   0.765   1.00 47.80 ? 4   C   A "C5'" 1 
ATOM   84   C  "C4'" . C   A 1 4  ? 9.488   4.006   2.028   1.00 46.35 ? 4   C   A "C4'" 1 
ATOM   85   O  "O4'" . C   A 1 4  ? 9.901   5.026   2.980   1.00 51.39 ? 4   C   A "O4'" 1 
ATOM   86   C  "C3'" . C   A 1 4  ? 7.998   4.249   1.888   1.00 43.34 ? 4   C   A "C3'" 1 
ATOM   87   O  "O3'" . C   A 1 4  ? 7.300   3.144   1.346   1.00 41.86 ? 4   C   A "O3'" 1 
ATOM   88   C  "C2'" . C   A 1 4  ? 7.593   4.603   3.308   1.00 44.05 ? 4   C   A "C2'" 1 
ATOM   89   O  "O2'" . C   A 1 4  ? 7.553   3.446   4.127   1.00 41.51 ? 4   C   A "O2'" 1 
ATOM   90   C  "C1'" . C   A 1 4  ? 8.790   5.444   3.744   1.00 50.18 ? 4   C   A "C1'" 1 
ATOM   91   N  N1    . C   A 1 4  ? 8.561   6.882   3.505   1.00 48.98 ? 4   C   A N1    1 
ATOM   92   C  C2    . C   A 1 4  ? 7.753   7.529   4.439   1.00 46.94 ? 4   C   A C2    1 
ATOM   93   O  O2    . C   A 1 4  ? 7.288   6.869   5.380   1.00 45.50 ? 4   C   A O2    1 
ATOM   94   N  N3    . C   A 1 4  ? 7.503   8.848   4.296   1.00 49.04 ? 4   C   A N3    1 
ATOM   95   C  C4    . C   A 1 4  ? 8.024   9.513   3.254   1.00 54.15 ? 4   C   A C4    1 
ATOM   96   N  N4    . C   A 1 4  ? 7.731   10.817  3.152   1.00 47.31 ? 4   C   A N4    1 
ATOM   97   C  C5    . C   A 1 4  ? 8.855   8.874   2.274   1.00 45.74 ? 4   C   A C5    1 
ATOM   98   C  C6    . C   A 1 4  ? 9.093   7.562   2.439   1.00 45.63 ? 4   C   A C6    1 
ATOM   99   P  P     . G   A 1 5  ? 5.856   3.358   0.673   1.00 40.50 ? 5   G   A P     1 
ATOM   100  O  OP1   . G   A 1 5  ? 5.455   2.050   0.091   1.00 44.91 ? 5   G   A OP1   1 
ATOM   101  O  OP2   . G   A 1 5  ? 5.968   4.537   -0.221  1.00 40.73 ? 5   G   A OP2   1 
ATOM   102  O  "O5'" . G   A 1 5  ? 4.919   3.700   1.914   1.00 40.36 ? 5   G   A "O5'" 1 
ATOM   103  C  "C5'" . G   A 1 5  ? 4.366   2.664   2.710   1.00 38.69 ? 5   G   A "C5'" 1 
ATOM   104  C  "C4'" . G   A 1 5  ? 3.349   3.191   3.698   1.00 42.22 ? 5   G   A "C4'" 1 
ATOM   105  O  "O4'" . G   A 1 5  ? 3.965   4.195   4.558   1.00 40.09 ? 5   G   A "O4'" 1 
ATOM   106  C  "C3'" . G   A 1 5  ? 2.138   3.908   3.109   1.00 43.62 ? 5   G   A "C3'" 1 
ATOM   107  O  "O3'" . G   A 1 5  ? 1.125   3.019   2.651   1.00 42.76 ? 5   G   A "O3'" 1 
ATOM   108  C  "C2'" . G   A 1 5  ? 1.686   4.773   4.281   1.00 46.71 ? 5   G   A "C2'" 1 
ATOM   109  O  "O2'" . G   A 1 5  ? 1.004   3.981   5.249   1.00 46.35 ? 5   G   A "O2'" 1 
ATOM   110  C  "C1'" . G   A 1 5  ? 3.027   5.202   4.873   1.00 38.25 ? 5   G   A "C1'" 1 
ATOM   111  N  N9    . G   A 1 5  ? 3.493   6.479   4.294   1.00 51.65 ? 5   G   A N9    1 
ATOM   112  C  C8    . G   A 1 5  ? 4.334   6.645   3.218   1.00 42.51 ? 5   G   A C8    1 
ATOM   113  N  N7    . G   A 1 5  ? 4.556   7.902   2.935   1.00 43.13 ? 5   G   A N7    1 
ATOM   114  C  C5    . G   A 1 5  ? 3.808   8.610   3.859   1.00 49.87 ? 5   G   A C5    1 
ATOM   115  C  C6    . G   A 1 5  ? 3.652   10.017  4.026   1.00 53.99 ? 5   G   A C6    1 
ATOM   116  O  O6    . G   A 1 5  ? 4.173   10.915  3.358   1.00 52.02 ? 5   G   A O6    1 
ATOM   117  N  N1    . G   A 1 5  ? 2.795   10.332  5.084   1.00 53.32 ? 5   G   A N1    1 
ATOM   118  C  C2    . G   A 1 5  ? 2.169   9.393   5.879   1.00 57.50 ? 5   G   A C2    1 
ATOM   119  N  N2    . G   A 1 5  ? 1.376   9.879   6.851   1.00 57.76 ? 5   G   A N2    1 
ATOM   120  N  N3    . G   A 1 5  ? 2.315   8.071   5.735   1.00 52.28 ? 5   G   A N3    1 
ATOM   121  C  C4    . G   A 1 5  ? 3.141   7.751   4.707   1.00 49.05 ? 5   G   A C4    1 
ATOM   122  P  P     . A   A 1 6  ? 1.248   2.268   1.233   1.00 36.17 ? 6   A   A P     1 
ATOM   123  O  OP1   . A   A 1 6  ? 2.160   3.054   0.385   1.00 35.39 ? 6   A   A OP1   1 
ATOM   124  O  OP2   . A   A 1 6  ? -0.147  2.029   0.748   1.00 36.13 ? 6   A   A OP2   1 
ATOM   125  O  "O5'" . A   A 1 6  ? 1.935   0.882   1.628   1.00 41.27 ? 6   A   A "O5'" 1 
ATOM   126  C  "C5'" . A   A 1 6  ? 1.211   -0.120  2.330   1.00 39.96 ? 6   A   A "C5'" 1 
ATOM   127  C  "C4'" . A   A 1 6  ? 1.152   -1.393  1.526   1.00 43.72 ? 6   A   A "C4'" 1 
ATOM   128  O  "O4'" . A   A 1 6  ? 0.380   -2.405  2.235   1.00 45.74 ? 6   A   A "O4'" 1 
ATOM   129  C  "C3'" . A   A 1 6  ? 0.451   -1.289  0.182   1.00 39.38 ? 6   A   A "C3'" 1 
ATOM   130  O  "O3'" . A   A 1 6  ? 1.247   -0.690  -0.829  1.00 40.21 ? 6   A   A "O3'" 1 
ATOM   131  C  "C2'" . A   A 1 6  ? 0.084   -2.734  -0.089  1.00 37.49 ? 6   A   A "C2'" 1 
ATOM   132  O  "O2'" . A   A 1 6  ? 1.236   -3.485  -0.424  1.00 34.61 ? 6   A   A "O2'" 1 
ATOM   133  C  "C1'" . A   A 1 6  ? -0.380  -3.156  1.305   1.00 43.15 ? 6   A   A "C1'" 1 
ATOM   134  N  N9    . A   A 1 6  ? -1.788  -2.813  1.501   1.00 42.90 ? 6   A   A N9    1 
ATOM   135  C  C8    . A   A 1 6  ? -2.286  -1.814  2.299   1.00 39.32 ? 6   A   A C8    1 
ATOM   136  N  N7    . A   A 1 6  ? -3.591  -1.712  2.220   1.00 40.93 ? 6   A   A N7    1 
ATOM   137  C  C5    . A   A 1 6  ? -3.957  -2.690  1.300   1.00 41.21 ? 6   A   A C5    1 
ATOM   138  C  C6    . A   A 1 6  ? -5.204  -3.090  0.796   1.00 41.76 ? 6   A   A C6    1 
ATOM   139  N  N6    . A   A 1 6  ? -6.361  -2.511  1.156   1.00 42.51 ? 6   A   A N6    1 
ATOM   140  N  N1    . A   A 1 6  ? -5.207  -4.092  -0.119  1.00 39.92 ? 6   A   A N1    1 
ATOM   141  C  C2    . A   A 1 6  ? -4.046  -4.660  -0.484  1.00 37.66 ? 6   A   A C2    1 
ATOM   142  N  N3    . A   A 1 6  ? -2.809  -4.370  -0.077  1.00 38.25 ? 6   A   A N3    1 
ATOM   143  C  C4    . A   A 1 6  ? -2.847  -3.373  0.832   1.00 40.36 ? 6   A   A C4    1 
ATOM   144  P  P     . U   A 1 7  ? 0.528   0.069   -2.053  1.00 34.20 ? 7   U   A P     1 
ATOM   145  O  OP1   . U   A 1 7  ? 1.510   1.022   -2.621  1.00 29.16 ? 7   U   A OP1   1 
ATOM   146  O  OP2   . U   A 1 7  ? -0.778  0.588   -1.534  1.00 36.92 ? 7   U   A OP2   1 
ATOM   147  O  "O5'" . U   A 1 7  ? 0.252   -1.112  -3.090  1.00 36.60 ? 7   U   A "O5'" 1 
ATOM   148  C  "C5'" . U   A 1 7  ? 1.313   -1.925  -3.575  1.00 38.23 ? 7   U   A "C5'" 1 
ATOM   149  C  "C4'" . U   A 1 7  ? 1.316   -1.944  -5.078  1.00 37.26 ? 7   U   A "C4'" 1 
ATOM   150  O  "O4'" . U   A 1 7  ? 0.126   -2.613  -5.556  1.00 35.71 ? 7   U   A "O4'" 1 
ATOM   151  C  "C3'" . U   A 1 7  ? 1.294   -0.578  -5.736  1.00 36.51 ? 7   U   A "C3'" 1 
ATOM   152  O  "O3'" . U   A 1 7  ? 2.613   -0.067  -5.872  1.00 35.29 ? 7   U   A "O3'" 1 
ATOM   153  C  "C2'" . U   A 1 7  ? 0.585   -0.842  -7.078  1.00 35.92 ? 7   U   A "C2'" 1 
ATOM   154  O  "O2'" . U   A 1 7  ? 1.518   -1.290  -8.053  1.00 38.91 ? 7   U   A "O2'" 1 
ATOM   155  C  "C1'" . U   A 1 7  ? -0.333  -2.016  -6.744  1.00 37.21 ? 7   U   A "C1'" 1 
ATOM   156  N  N1    . U   A 1 7  ? -1.756  -1.637  -6.561  1.00 36.64 ? 7   U   A N1    1 
ATOM   157  C  C2    . U   A 1 7  ? -2.648  -2.157  -7.494  1.00 37.71 ? 7   U   A C2    1 
ATOM   158  O  O2    . U   A 1 7  ? -2.295  -2.824  -8.448  1.00 33.81 ? 7   U   A O2    1 
ATOM   159  N  N3    . U   A 1 7  ? -3.969  -1.836  -7.301  1.00 39.09 ? 7   U   A N3    1 
ATOM   160  C  C4    . U   A 1 7  ? -4.474  -1.066  -6.274  1.00 39.22 ? 7   U   A C4    1 
ATOM   161  O  O4    . U   A 1 7  ? -5.680  -0.866  -6.222  1.00 42.83 ? 7   U   A O4    1 
ATOM   162  C  C5    . U   A 1 7  ? -3.501  -0.581  -5.346  1.00 37.01 ? 7   U   A C5    1 
ATOM   163  C  C6    . U   A 1 7  ? -2.210  -0.898  -5.499  1.00 35.23 ? 7   U   A C6    1 
ATOM   164  P  P     . G   A 1 8  ? 2.923   1.512   -5.981  1.00 38.90 ? 8   G   A P     1 
ATOM   165  O  OP1   . G   A 1 8  ? 4.352   1.689   -5.580  1.00 38.15 ? 8   G   A OP1   1 
ATOM   166  O  OP2   . G   A 1 8  ? 1.865   2.260   -5.218  1.00 31.23 ? 8   G   A OP2   1 
ATOM   167  O  "O5'" . G   A 1 8  ? 2.757   1.787   -7.544  1.00 41.33 ? 8   G   A "O5'" 1 
ATOM   168  C  "C5'" . G   A 1 8  ? 3.691   1.267   -8.485  1.00 38.88 ? 8   G   A "C5'" 1 
ATOM   169  C  "C4'" . G   A 1 8  ? 3.656   2.060   -9.770  1.00 43.72 ? 8   G   A "C4'" 1 
ATOM   170  O  "O4'" . G   A 1 8  ? 2.359   1.898   -10.420 1.00 46.38 ? 8   G   A "O4'" 1 
ATOM   171  C  "C3'" . G   A 1 8  ? 3.794   3.566   -9.621  1.00 41.85 ? 8   G   A "C3'" 1 
ATOM   172  O  "O3'" . G   A 1 8  ? 5.139   3.990   -9.426  1.00 38.73 ? 8   G   A "O3'" 1 
ATOM   173  C  "C2'" . G   A 1 8  ? 3.168   4.069   -10.916 1.00 38.78 ? 8   G   A "C2'" 1 
ATOM   174  O  "O2'" . G   A 1 8  ? 4.051   3.859   -12.010 1.00 39.82 ? 8   G   A "O2'" 1 
ATOM   175  C  "C1'" . G   A 1 8  ? 1.990   3.106   -11.061 1.00 37.13 ? 8   G   A "C1'" 1 
ATOM   176  N  N9    . G   A 1 8  ? 0.782   3.640   -10.404 1.00 39.93 ? 8   G   A N9    1 
ATOM   177  C  C8    . G   A 1 8  ? 0.160   3.229   -9.243  1.00 41.36 ? 8   G   A C8    1 
ATOM   178  N  N7    . G   A 1 8  ? -0.880  3.956   -8.900  1.00 37.46 ? 8   G   A N7    1 
ATOM   179  C  C5    . G   A 1 8  ? -0.939  4.920   -9.907  1.00 40.25 ? 8   G   A C5    1 
ATOM   180  C  C6    . G   A 1 8  ? -1.850  5.995   -10.091 1.00 41.22 ? 8   G   A C6    1 
ATOM   181  O  O6    . G   A 1 8  ? -2.827  6.300   -9.372  1.00 38.32 ? 8   G   A O6    1 
ATOM   182  N  N1    . G   A 1 8  ? -1.528  6.735   -11.239 1.00 40.94 ? 8   G   A N1    1 
ATOM   183  C  C2    . G   A 1 8  ? -0.486  6.472   -12.099 1.00 43.94 ? 8   G   A C2    1 
ATOM   184  N  N2    . G   A 1 8  ? -0.349  7.291   -13.156 1.00 45.59 ? 8   G   A N2    1 
ATOM   185  N  N3    . G   A 1 8  ? 0.380   5.471   -11.937 1.00 41.77 ? 8   G   A N3    1 
ATOM   186  C  C4    . G   A 1 8  ? 0.082   4.744   -10.827 1.00 41.67 ? 8   G   A C4    1 
ATOM   187  P  P     . A   A 1 9  ? 5.465   5.262   -8.486  1.00 42.76 ? 9   A   A P     1 
ATOM   188  O  OP1   . A   A 1 9  ? 6.944   5.269   -8.258  1.00 46.75 ? 9   A   A OP1   1 
ATOM   189  O  OP2   . A   A 1 9  ? 4.557   5.188   -7.310  1.00 37.00 ? 9   A   A OP2   1 
ATOM   190  O  "O5'" . A   A 1 9  ? 5.051   6.500   -9.411  1.00 42.40 ? 9   A   A "O5'" 1 
ATOM   191  C  "C5'" . A   A 1 9  ? 5.743   6.770   -10.621 1.00 38.02 ? 9   A   A "C5'" 1 
ATOM   192  C  "C4'" . A   A 1 9  ? 5.174   7.981   -11.311 1.00 46.07 ? 9   A   A "C4'" 1 
ATOM   193  O  "O4'" . A   A 1 9  ? 3.819   7.704   -11.787 1.00 40.19 ? 9   A   A "O4'" 1 
ATOM   194  C  "C3'" . A   A 1 9  ? 5.020   9.215   -10.443 1.00 47.12 ? 9   A   A "C3'" 1 
ATOM   195  O  "O3'" . A   A 1 9  ? 6.238   9.925   -10.291 1.00 48.29 ? 9   A   A "O3'" 1 
ATOM   196  C  "C2'" . A   A 1 9  ? 3.934   9.995   -11.177 1.00 49.57 ? 9   A   A "C2'" 1 
ATOM   197  O  "O2'" . A   A 1 9  ? 4.467   10.648  -12.321 1.00 52.72 ? 9   A   A "O2'" 1 
ATOM   198  C  "C1'" . A   A 1 9  ? 3.016   8.861   -11.645 1.00 45.68 ? 9   A   A "C1'" 1 
ATOM   199  N  N9    . A   A 1 9  ? 1.961   8.582   -10.647 1.00 42.92 ? 9   A   A N9    1 
ATOM   200  C  C8    . A   A 1 9  ? 1.924   7.593   -9.682  1.00 37.71 ? 9   A   A C8    1 
ATOM   201  N  N7    . A   A 1 9  ? 0.874   7.658   -8.898  1.00 37.09 ? 9   A   A N7    1 
ATOM   202  C  C5    . A   A 1 9  ? 0.159   8.762   -9.378  1.00 48.72 ? 9   A   A C5    1 
ATOM   203  C  C6    . A   A 1 9  ? -1.061  9.376   -9.005  1.00 48.35 ? 9   A   A C6    1 
ATOM   204  N  N6    . A   A 1 9  ? -1.845  8.951   -8.014  1.00 43.34 ? 9   A   A N6    1 
ATOM   205  N  N1    . A   A 1 9  ? -1.464  10.477  -9.688  1.00 48.99 ? 9   A   A N1    1 
ATOM   206  C  C2    . A   A 1 9  ? -0.699  10.912  -10.692 1.00 48.50 ? 9   A   A C2    1 
ATOM   207  N  N3    . A   A 1 9  ? 0.455   10.428  -11.149 1.00 50.23 ? 9   A   A N3    1 
ATOM   208  C  C4    . A   A 1 9  ? 0.837   9.344   -10.446 1.00 46.42 ? 9   A   A C4    1 
ATOM   209  P  P     . G   A 1 10 ? 6.588   10.664  -8.905  1.00 51.92 ? 10  G   A P     1 
ATOM   210  O  OP1   . G   A 1 10 ? 8.026   11.049  -8.956  1.00 52.71 ? 10  G   A OP1   1 
ATOM   211  O  OP2   . G   A 1 10 ? 6.130   9.775   -7.796  1.00 49.30 ? 10  G   A OP2   1 
ATOM   212  O  "O5'" . G   A 1 10 ? 5.678   11.964  -8.975  1.00 51.67 ? 10  G   A "O5'" 1 
ATOM   213  C  "C5'" . G   A 1 10 ? 5.857   12.912  -10.017 1.00 54.68 ? 10  G   A "C5'" 1 
ATOM   214  C  "C4'" . G   A 1 10 ? 4.662   13.815  -10.147 1.00 55.91 ? 10  G   A "C4'" 1 
ATOM   215  O  "O4'" . G   A 1 10 ? 3.467   13.019  -10.371 1.00 59.32 ? 10  G   A "O4'" 1 
ATOM   216  C  "C3'" . G   A 1 10 ? 4.315   14.648  -8.923  1.00 64.26 ? 10  G   A "C3'" 1 
ATOM   217  O  "O3'" . G   A 1 10 ? 5.144   15.795  -8.772  1.00 62.68 ? 10  G   A "O3'" 1 
ATOM   218  C  "C2'" . G   A 1 10 ? 2.844   14.975  -9.164  1.00 64.42 ? 10  G   A "C2'" 1 
ATOM   219  O  "O2'" . G   A 1 10 ? 2.717   16.007  -10.137 1.00 61.56 ? 10  G   A "O2'" 1 
ATOM   220  C  "C1'" . G   A 1 10 ? 2.348   13.661  -9.782  1.00 61.36 ? 10  G   A "C1'" 1 
ATOM   221  N  N9    . G   A 1 10 ? 1.762   12.762  -8.769  1.00 56.16 ? 10  G   A N9    1 
ATOM   222  C  C8    . G   A 1 10 ? 2.326   11.643  -8.194  1.00 56.96 ? 10  G   A C8    1 
ATOM   223  N  N7    . G   A 1 10 ? 1.561   11.068  -7.295  1.00 52.72 ? 10  G   A N7    1 
ATOM   224  C  C5    . G   A 1 10 ? 0.424   11.862  -7.276  1.00 56.37 ? 10  G   A C5    1 
ATOM   225  C  C6    . G   A 1 10 ? -0.756  11.735  -6.503  1.00 60.37 ? 10  G   A C6    1 
ATOM   226  O  O6    . G   A 1 10 ? -1.035  10.866  -5.654  1.00 60.23 ? 10  G   A O6    1 
ATOM   227  N  N1    . G   A 1 10 ? -1.647  12.763  -6.796  1.00 61.97 ? 10  G   A N1    1 
ATOM   228  C  C2    . G   A 1 10 ? -1.440  13.769  -7.712  1.00 62.61 ? 10  G   A C2    1 
ATOM   229  N  N2    . G   A 1 10 ? -2.419  14.667  -7.857  1.00 63.88 ? 10  G   A N2    1 
ATOM   230  N  N3    . G   A 1 10 ? -0.350  13.891  -8.438  1.00 60.43 ? 10  G   A N3    1 
ATOM   231  C  C4    . G   A 1 10 ? 0.532   12.909  -8.170  1.00 54.54 ? 10  G   A C4    1 
ATOM   232  P  P     . G   A 1 11 ? 5.562   16.308  -7.297  1.00 65.90 ? 11  G   A P     1 
ATOM   233  O  OP1   . G   A 1 11 ? 6.872   17.014  -7.429  1.00 62.00 ? 11  G   A OP1   1 
ATOM   234  O  OP2   . G   A 1 11 ? 5.470   15.147  -6.386  1.00 59.32 ? 11  G   A OP2   1 
ATOM   235  O  "O5'" . G   A 1 11 ? 4.405   17.353  -6.946  1.00 68.07 ? 11  G   A "O5'" 1 
ATOM   236  C  "C5'" . G   A 1 11 ? 4.106   18.436  -7.817  1.00 64.08 ? 11  G   A "C5'" 1 
ATOM   237  C  "C4'" . G   A 1 11 ? 2.851   19.154  -7.388  1.00 68.47 ? 11  G   A "C4'" 1 
ATOM   238  O  "O4'" . G   A 1 11 ? 1.693   18.352  -7.730  1.00 66.58 ? 11  G   A "O4'" 1 
ATOM   239  C  "C3'" . G   A 1 11 ? 2.699   19.407  -5.891  1.00 70.07 ? 11  G   A "C3'" 1 
ATOM   240  O  "O3'" . G   A 1 11 ? 3.421   20.546  -5.440  1.00 66.30 ? 11  G   A "O3'" 1 
ATOM   241  C  "C2'" . G   A 1 11 ? 1.192   19.539  -5.736  1.00 70.93 ? 11  G   A "C2'" 1 
ATOM   242  O  "O2'" . G   A 1 11 ? 0.754   20.814  -6.185  1.00 69.22 ? 11  G   A "O2'" 1 
ATOM   243  C  "C1'" . G   A 1 11 ? 0.701   18.490  -6.734  1.00 69.84 ? 11  G   A "C1'" 1 
ATOM   244  N  N9    . G   A 1 11 ? 0.494   17.175  -6.097  1.00 70.42 ? 11  G   A N9    1 
ATOM   245  C  C8    . G   A 1 11 ? 1.320   16.081  -6.189  1.00 67.67 ? 11  G   A C8    1 
ATOM   246  N  N7    . G   A 1 11 ? 0.892   15.052  -5.515  1.00 64.19 ? 11  G   A N7    1 
ATOM   247  C  C5    . G   A 1 11 ? -0.289  15.478  -4.940  1.00 67.19 ? 11  G   A C5    1 
ATOM   248  C  C6    . G   A 1 11 ? -1.204  14.781  -4.111  1.00 69.97 ? 11  G   A C6    1 
ATOM   249  O  O6    . G   A 1 11 ? -1.150  13.608  -3.691  1.00 69.61 ? 11  G   A O6    1 
ATOM   250  N  N1    . G   A 1 11 ? -2.271  15.606  -3.760  1.00 73.11 ? 11  G   A N1    1 
ATOM   251  C  C2    . G   A 1 11 ? -2.445  16.911  -4.166  1.00 75.96 ? 11  G   A C2    1 
ATOM   252  N  N2    . G   A 1 11 ? -3.548  17.530  -3.721  1.00 78.89 ? 11  G   A N2    1 
ATOM   253  N  N3    . G   A 1 11 ? -1.600  17.564  -4.950  1.00 74.38 ? 11  G   A N3    1 
ATOM   254  C  C4    . G   A 1 11 ? -0.549  16.791  -5.293  1.00 71.16 ? 11  G   A C4    1 
ATOM   255  P  P     . C   A 1 12 ? 4.224   20.505  -4.042  1.00 74.88 ? 12  C   A P     1 
ATOM   256  O  OP1   . C   A 1 12 ? 5.147   21.675  -4.025  1.00 76.84 ? 12  C   A OP1   1 
ATOM   257  O  OP2   . C   A 1 12 ? 4.801   19.143  -3.906  1.00 75.27 ? 12  C   A OP2   1 
ATOM   258  O  "O5'" . C   A 1 12 ? 3.069   20.712  -2.966  1.00 73.06 ? 12  C   A "O5'" 1 
ATOM   259  C  "C5'" . C   A 1 12 ? 2.363   21.938  -2.888  1.00 76.16 ? 12  C   A "C5'" 1 
ATOM   260  C  "C4'" . C   A 1 12 ? 1.197   21.844  -1.943  1.00 72.76 ? 12  C   A "C4'" 1 
ATOM   261  O  "O4'" . C   A 1 12 ? 0.244   20.874  -2.443  1.00 73.33 ? 12  C   A "O4'" 1 
ATOM   262  C  "C3'" . C   A 1 12 ? 1.511   21.362  -0.536  1.00 73.53 ? 12  C   A "C3'" 1 
ATOM   263  O  "O3'" . C   A 1 12 ? 2.031   22.386  0.298   1.00 71.16 ? 12  C   A "O3'" 1 
ATOM   264  C  "C2'" . C   A 1 12 ? 0.168   20.820  -0.069  1.00 73.09 ? 12  C   A "C2'" 1 
ATOM   265  O  "O2'" . C   A 1 12 ? -0.687  21.880  0.329   1.00 72.13 ? 12  C   A "O2'" 1 
ATOM   266  C  "C1'" . C   A 1 12 ? -0.381  20.213  -1.364  1.00 75.18 ? 12  C   A "C1'" 1 
ATOM   267  N  N1    . C   A 1 12 ? -0.087  18.761  -1.466  1.00 75.59 ? 12  C   A N1    1 
ATOM   268  C  C2    . C   A 1 12 ? -0.873  17.846  -0.756  1.00 73.90 ? 12  C   A C2    1 
ATOM   269  O  O2    . C   A 1 12 ? -1.810  18.259  -0.055  1.00 76.86 ? 12  C   A O2    1 
ATOM   270  N  N3    . C   A 1 12 ? -0.595  16.526  -0.843  1.00 73.89 ? 12  C   A N3    1 
ATOM   271  C  C4    . C   A 1 12 ? 0.414   16.100  -1.602  1.00 73.22 ? 12  C   A C4    1 
ATOM   272  N  N4    . C   A 1 12 ? 0.641   14.787  -1.655  1.00 64.53 ? 12  C   A N4    1 
ATOM   273  C  C5    . C   A 1 12 ? 1.237   17.003  -2.339  1.00 73.02 ? 12  C   A C5    1 
ATOM   274  C  C6    . C   A 1 12 ? 0.949   18.308  -2.242  1.00 74.09 ? 12  C   A C6    1 
ATOM   275  P  P     . C   A 1 13 ? 3.064   22.031  1.481   1.00 81.01 ? 13  C   A P     1 
ATOM   276  O  OP1   . C   A 1 13 ? 3.528   23.321  2.058   1.00 85.28 ? 13  C   A OP1   1 
ATOM   277  O  OP2   . C   A 1 13 ? 4.074   21.102  0.919   1.00 76.83 ? 13  C   A OP2   1 
ATOM   278  O  "O5'" . C   A 1 13 ? 2.150   21.258  2.536   1.00 75.44 ? 13  C   A "O5'" 1 
ATOM   279  C  "C5'" . C   A 1 13 ? 1.171   21.942  3.305   1.00 77.41 ? 13  C   A "C5'" 1 
ATOM   280  C  "C4'" . C   A 1 13 ? 0.274   20.977  4.052   1.00 77.11 ? 13  C   A "C4'" 1 
ATOM   281  O  "O4'" . C   A 1 13 ? -0.357  20.063  3.115   1.00 79.05 ? 13  C   A "O4'" 1 
ATOM   282  C  "C3'" . C   A 1 13 ? 0.959   20.056  5.052   1.00 74.48 ? 13  C   A "C3'" 1 
ATOM   283  O  "O3'" . C   A 1 13 ? 1.235   20.682  6.290   1.00 76.19 ? 13  C   A "O3'" 1 
ATOM   284  C  "C2'" . C   A 1 13 ? -0.025  18.899  5.162   1.00 78.25 ? 13  C   A "C2'" 1 
ATOM   285  O  "O2'" . C   A 1 13 ? -1.121  19.247  5.998   1.00 79.41 ? 13  C   A "O2'" 1 
ATOM   286  C  "C1'" . C   A 1 13 ? -0.527  18.794  3.721   1.00 76.15 ? 13  C   A "C1'" 1 
ATOM   287  N  N1    . C   A 1 13 ? 0.236   17.781  2.941   1.00 73.30 ? 13  C   A N1    1 
ATOM   288  C  C2    . C   A 1 13 ? -0.073  16.421  3.112   1.00 71.81 ? 13  C   A C2    1 
ATOM   289  O  O2    . C   A 1 13 ? -0.986  16.088  3.894   1.00 68.34 ? 13  C   A O2    1 
ATOM   290  N  N3    . C   A 1 13 ? 0.631   15.498  2.409   1.00 68.91 ? 13  C   A N3    1 
ATOM   291  C  C4    . C   A 1 13 ? 1.603   15.873  1.571   1.00 70.98 ? 13  C   A C4    1 
ATOM   292  N  N4    . C   A 1 13 ? 2.262   14.923  0.905   1.00 65.36 ? 13  C   A N4    1 
ATOM   293  C  C5    . C   A 1 13 ? 1.945   17.242  1.377   1.00 72.92 ? 13  C   A C5    1 
ATOM   294  C  C6    . C   A 1 13 ? 1.240   18.143  2.079   1.00 76.47 ? 13  C   A C6    1 
ATOM   295  P  P     . C   A 1 14 ? 2.469   20.179  7.186   1.00 86.55 ? 14  C   A P     1 
ATOM   296  O  OP1   . C   A 1 14 ? 2.640   21.165  8.284   1.00 95.16 ? 14  C   A OP1   1 
ATOM   297  O  OP2   . C   A 1 14 ? 3.612   19.929  6.264   1.00 79.06 ? 14  C   A OP2   1 
ATOM   298  O  "O5'" . C   A 1 14 ? 1.938   18.800  7.778   1.00 78.61 ? 14  C   A "O5'" 1 
ATOM   299  C  "C5'" . C   A 1 14 ? 0.935   18.781  8.777   1.00 75.02 ? 14  C   A "C5'" 1 
ATOM   300  C  "C4'" . C   A 1 14 ? 0.433   17.383  9.037   1.00 73.68 ? 14  C   A "C4'" 1 
ATOM   301  O  "O4'" . C   A 1 14 ? 0.052   16.745  7.785   1.00 73.58 ? 14  C   A "O4'" 1 
ATOM   302  C  "C3'" . C   A 1 14 ? 1.428   16.404  9.639   1.00 71.06 ? 14  C   A "C3'" 1 
ATOM   303  O  "O3'" . C   A 1 14 ? 1.631   16.591  11.031  1.00 67.99 ? 14  C   A "O3'" 1 
ATOM   304  C  "C2'" . C   A 1 14 ? 0.789   15.068  9.296   1.00 71.03 ? 14  C   A "C2'" 1 
ATOM   305  O  "O2'" . C   A 1 14 ? -0.331  14.826  10.132  1.00 65.39 ? 14  C   A "O2'" 1 
ATOM   306  C  "C1'" . C   A 1 14 ? 0.275   15.348  7.882   1.00 69.74 ? 14  C   A "C1'" 1 
ATOM   307  N  N1    . C   A 1 14 ? 1.260   14.939  6.837   1.00 69.69 ? 14  C   A N1    1 
ATOM   308  C  C2    . C   A 1 14 ? 1.553   13.577  6.635   1.00 65.74 ? 14  C   A C2    1 
ATOM   309  O  O2    . C   A 1 14 ? 0.994   12.712  7.340   1.00 63.83 ? 14  C   A O2    1 
ATOM   310  N  N3    . C   A 1 14 ? 2.453   13.219  5.682   1.00 59.46 ? 14  C   A N3    1 
ATOM   311  C  C4    . C   A 1 14 ? 3.054   14.147  4.930   1.00 64.33 ? 14  C   A C4    1 
ATOM   312  N  N4    . C   A 1 14 ? 3.934   13.767  3.993   1.00 50.49 ? 14  C   A N4    1 
ATOM   313  C  C5    . C   A 1 14 ? 2.772   15.532  5.111   1.00 70.58 ? 14  C   A C5    1 
ATOM   314  C  C6    . C   A 1 14 ? 1.881   15.873  6.055   1.00 70.44 ? 14  C   A C6    1 
ATOM   315  P  P     . G   A 1 15 ? 3.066   16.271  11.693  1.00 79.44 ? 15  G   A P     1 
ATOM   316  O  OP1   . G   A 1 15 ? 2.997   16.707  13.115  1.00 77.80 ? 15  G   A OP1   1 
ATOM   317  O  OP2   . G   A 1 15 ? 4.110   16.865  10.805  1.00 66.96 ? 15  G   A OP2   1 
ATOM   318  O  "O5'" . G   A 1 15 ? 3.142   14.686  11.629  1.00 76.20 ? 15  G   A "O5'" 1 
ATOM   319  C  "C5'" . G   A 1 15 ? 2.330   13.890  12.471  1.00 71.38 ? 15  G   A "C5'" 1 
ATOM   320  C  "C4'" . G   A 1 15 ? 2.372   12.447  12.060  1.00 71.18 ? 15  G   A "C4'" 1 
ATOM   321  O  "O4'" . G   A 1 15 ? 2.050   12.330  10.645  1.00 71.27 ? 15  G   A "O4'" 1 
ATOM   322  C  "C3'" . G   A 1 15 ? 3.720   11.765  12.175  1.00 70.63 ? 15  G   A "C3'" 1 
ATOM   323  O  "O3'" . G   A 1 15 ? 4.041   11.379  13.502  1.00 72.22 ? 15  G   A "O3'" 1 
ATOM   324  C  "C2'" . G   A 1 15 ? 3.573   10.597  11.206  1.00 68.06 ? 15  G   A "C2'" 1 
ATOM   325  O  "O2'" . G   A 1 15 ? 2.779   9.567   11.777  1.00 67.79 ? 15  G   A "O2'" 1 
ATOM   326  C  "C1'" . G   A 1 15 ? 2.772   11.252  10.080  1.00 64.09 ? 15  G   A "C1'" 1 
ATOM   327  N  N9    . G   A 1 15 ? 3.649   11.773  9.008   1.00 67.48 ? 15  G   A N9    1 
ATOM   328  C  C8    . G   A 1 15 ? 3.873   13.080  8.637   1.00 65.48 ? 15  G   A C8    1 
ATOM   329  N  N7    . G   A 1 15 ? 4.717   13.204  7.645   1.00 60.86 ? 15  G   A N7    1 
ATOM   330  C  C5    . G   A 1 15 ? 5.079   11.900  7.335   1.00 58.09 ? 15  G   A C5    1 
ATOM   331  C  C6    . G   A 1 15 ? 5.958   11.384  6.348   1.00 53.23 ? 15  G   A C6    1 
ATOM   332  O  O6    . G   A 1 15 ? 6.630   11.994  5.511   1.00 50.65 ? 15  G   A O6    1 
ATOM   333  N  N1    . G   A 1 15 ? 6.028   9.994   6.399   1.00 54.96 ? 15  G   A N1    1 
ATOM   334  C  C2    . G   A 1 15 ? 5.332   9.192   7.276   1.00 56.11 ? 15  G   A C2    1 
ATOM   335  N  N2    . G   A 1 15 ? 5.512   7.863   7.182   1.00 55.06 ? 15  G   A N2    1 
ATOM   336  N  N3    . G   A 1 15 ? 4.507   9.662   8.190   1.00 57.67 ? 15  G   A N3    1 
ATOM   337  C  C4    . G   A 1 15 ? 4.426   11.009  8.164   1.00 61.64 ? 15  G   A C4    1 
ATOM   338  P  P     . C   A 1 16 ? 5.547   11.539  14.048  1.00 79.36 ? 16  C   A P     1 
ATOM   339  O  OP1   . C   A 1 16 ? 5.500   11.367  15.523  1.00 80.84 ? 16  C   A OP1   1 
ATOM   340  O  OP2   . C   A 1 16 ? 6.084   12.808  13.489  1.00 74.91 ? 16  C   A OP2   1 
ATOM   341  O  "O5'" . C   A 1 16 ? 6.290   10.299  13.386  1.00 73.92 ? 16  C   A "O5'" 1 
ATOM   342  C  "C5'" . C   A 1 16 ? 5.867   8.972   13.667  1.00 70.40 ? 16  C   A "C5'" 1 
ATOM   343  C  "C4'" . C   A 1 16 ? 6.448   7.992   12.684  1.00 65.65 ? 16  C   A "C4'" 1 
ATOM   344  O  "O4'" . C   A 1 16 ? 6.050   8.361   11.332  1.00 66.04 ? 16  C   A "O4'" 1 
ATOM   345  C  "C3'" . C   A 1 16 ? 7.964   7.946   12.598  1.00 66.14 ? 16  C   A "C3'" 1 
ATOM   346  O  "O3'" . C   A 1 16 ? 8.573   7.226   13.656  1.00 65.59 ? 16  C   A "O3'" 1 
ATOM   347  C  "C2'" . C   A 1 16 ? 8.179   7.320   11.230  1.00 61.44 ? 16  C   A "C2'" 1 
ATOM   348  O  "O2'" . C   A 1 16 ? 7.886   5.932   11.269  1.00 62.03 ? 16  C   A "O2'" 1 
ATOM   349  C  "C1'" . C   A 1 16 ? 7.080   8.014   10.426  1.00 60.79 ? 16  C   A "C1'" 1 
ATOM   350  N  N1    . C   A 1 16 ? 7.570   9.248   9.765   1.00 59.01 ? 16  C   A N1    1 
ATOM   351  C  C2    . C   A 1 16 ? 8.413   9.111   8.652   1.00 55.49 ? 16  C   A C2    1 
ATOM   352  O  O2    . C   A 1 16 ? 8.727   7.971   8.265   1.00 51.38 ? 16  C   A O2    1 
ATOM   353  N  N3    . C   A 1 16 ? 8.884   10.217  8.020   1.00 55.13 ? 16  C   A N3    1 
ATOM   354  C  C4    . C   A 1 16 ? 8.546   11.432  8.459   1.00 59.98 ? 16  C   A C4    1 
ATOM   355  N  N4    . C   A 1 16 ? 9.039   12.494  7.798   1.00 53.38 ? 16  C   A N4    1 
ATOM   356  C  C5    . C   A 1 16 ? 7.685   11.600  9.596   1.00 59.74 ? 16  C   A C5    1 
ATOM   357  C  C6    . C   A 1 16 ? 7.221   10.496  10.207  1.00 59.40 ? 16  C   A C6    1 
ATOM   358  P  P     . C   A 1 17 ? 10.050  7.625   14.155  1.00 66.64 ? 17  C   A P     1 
ATOM   359  O  OP1   . C   A 1 17 ? 10.251  6.976   15.479  1.00 74.73 ? 17  C   A OP1   1 
ATOM   360  O  OP2   . C   A 1 17 ? 10.162  9.103   14.059  1.00 66.80 ? 17  C   A OP2   1 
ATOM   361  O  "O5'" . C   A 1 17 ? 10.996  6.945   13.066  1.00 65.93 ? 17  C   A "O5'" 1 
ATOM   362  C  "C5'" . C   A 1 17 ? 10.939  5.546   12.813  1.00 63.20 ? 17  C   A "C5'" 1 
ATOM   363  C  "C4'" . C   A 1 17 ? 11.777  5.176   11.612  1.00 62.59 ? 17  C   A "C4'" 1 
ATOM   364  O  "O4'" . C   A 1 17 ? 11.268  5.843   10.426  1.00 57.80 ? 17  C   A "O4'" 1 
ATOM   365  C  "C3'" . C   A 1 17 ? 13.232  5.601   11.668  1.00 62.88 ? 17  C   A "C3'" 1 
ATOM   366  O  "O3'" . C   A 1 17 ? 14.030  4.722   12.424  1.00 70.53 ? 17  C   A "O3'" 1 
ATOM   367  C  "C2'" . C   A 1 17 ? 13.627  5.662   10.198  1.00 63.57 ? 17  C   A "C2'" 1 
ATOM   368  O  "O2'" . C   A 1 17 ? 13.894  4.358   9.699   1.00 60.31 ? 17  C   A "O2'" 1 
ATOM   369  C  "C1'" . C   A 1 17 ? 12.337  6.168   9.559   1.00 56.75 ? 17  C   A "C1'" 1 
ATOM   370  N  N1    . C   A 1 17 ? 12.349  7.635   9.342   1.00 54.98 ? 17  C   A N1    1 
ATOM   371  C  C2    . C   A 1 17 ? 13.147  8.202   8.333   1.00 52.89 ? 17  C   A C2    1 
ATOM   372  O  O2    . C   A 1 17 ? 13.869  7.479   7.637   1.00 51.03 ? 17  C   A O2    1 
ATOM   373  N  N3    . C   A 1 17 ? 13.119  9.544   8.132   1.00 50.90 ? 17  C   A N3    1 
ATOM   374  C  C4    . C   A 1 17 ? 12.333  10.314  8.881   1.00 50.92 ? 17  C   A C4    1 
ATOM   375  N  N4    . C   A 1 17 ? 12.327  11.629  8.659   1.00 49.17 ? 17  C   A N4    1 
ATOM   376  C  C5    . C   A 1 17 ? 11.515  9.768   9.909   1.00 53.72 ? 17  C   A C5    1 
ATOM   377  C  C6    . C   A 1 17 ? 11.545  8.442   10.095  1.00 53.47 ? 17  C   A C6    1 
ATOM   378  P  P     . C   A 1 18 ? 15.176  5.302   13.386  1.00 77.15 ? 18  C   A P     1 
ATOM   379  O  OP1   . C   A 1 18 ? 15.327  4.322   14.511  1.00 65.59 ? 18  C   A OP1   1 
ATOM   380  O  OP2   . C   A 1 18 ? 14.812  6.716   13.701  1.00 68.04 ? 18  C   A OP2   1 
ATOM   381  O  "O5'" . C   A 1 18 ? 16.470  5.269   12.445  1.00 62.32 ? 18  C   A "O5'" 1 
ATOM   382  C  "C5'" . C   A 1 18 ? 16.805  4.091   11.717  1.00 66.61 ? 18  C   A "C5'" 1 
ATOM   383  C  "C4'" . C   A 1 18 ? 17.740  4.377   10.564  1.00 71.28 ? 18  C   A "C4'" 1 
ATOM   384  O  "O4'" . C   A 1 18 ? 17.197  5.464   9.753   1.00 62.54 ? 18  C   A "O4'" 1 
ATOM   385  C  "C3'" . C   A 1 18 ? 19.164  4.794   10.949  1.00 71.24 ? 18  C   A "C3'" 1 
ATOM   386  O  "O3'" . C   A 1 18 ? 20.094  4.222   10.018  1.00 78.16 ? 18  C   A "O3'" 1 
ATOM   387  C  "C2'" . C   A 1 18 ? 19.127  6.312   10.767  1.00 71.07 ? 18  C   A "C2'" 1 
ATOM   388  O  "O2'" . C   A 1 18 ? 20.385  6.903   10.519  1.00 75.09 ? 18  C   A "O2'" 1 
ATOM   389  C  "C1'" . C   A 1 18 ? 18.184  6.454   9.570   1.00 66.41 ? 18  C   A "C1'" 1 
ATOM   390  N  N1    . C   A 1 18 ? 17.508  7.774   9.473   1.00 63.04 ? 18  C   A N1    1 
ATOM   391  C  C2    . C   A 1 18 ? 17.741  8.586   8.354   1.00 62.37 ? 18  C   A C2    1 
ATOM   392  O  O2    . C   A 1 18 ? 18.510  8.192   7.461   1.00 65.32 ? 18  C   A O2    1 
ATOM   393  N  N3    . C   A 1 18 ? 17.125  9.789   8.262   1.00 59.15 ? 18  C   A N3    1 
ATOM   394  C  C4    . C   A 1 18 ? 16.290  10.201  9.221   1.00 59.87 ? 18  C   A C4    1 
ATOM   395  N  N4    . C   A 1 18 ? 15.709  11.401  9.077   1.00 58.29 ? 18  C   A N4    1 
ATOM   396  C  C5    . C   A 1 18 ? 16.025  9.399   10.369  1.00 58.65 ? 18  C   A C5    1 
ATOM   397  C  C6    . C   A 1 18 ? 16.647  8.206   10.450  1.00 64.88 ? 18  C   A C6    1 
ATOM   398  P  P     . A   A 1 19 ? 21.312  3.298   10.537  1.00 83.47 ? 19  A   A P     1 
ATOM   399  O  OP1   . A   A 1 19 ? 21.375  3.454   12.015  1.00 75.77 ? 19  A   A OP1   1 
ATOM   400  O  OP2   . A   A 1 19 ? 22.510  3.653   9.725   1.00 82.38 ? 19  A   A OP2   1 
ATOM   401  O  "O5'" . A   A 1 19 ? 20.833  1.823   10.162  1.00 76.36 ? 19  A   A "O5'" 1 
ATOM   402  C  "C5'" . A   A 1 19 ? 19.775  1.188   10.879  1.00 74.01 ? 19  A   A "C5'" 1 
ATOM   403  C  "C4'" . A   A 1 19 ? 18.812  0.494   9.944   1.00 74.22 ? 19  A   A "C4'" 1 
ATOM   404  O  "O4'" . A   A 1 19 ? 18.366  1.442   8.926   1.00 72.34 ? 19  A   A "O4'" 1 
ATOM   405  C  "C3'" . A   A 1 19 ? 19.388  -0.701  9.180   1.00 73.55 ? 19  A   A "C3'" 1 
ATOM   406  O  "O3'" . A   A 1 19 ? 18.347  -1.652  8.931   1.00 71.97 ? 19  A   A "O3'" 1 
ATOM   407  C  "C2'" . A   A 1 19 ? 19.817  -0.070  7.861   1.00 74.86 ? 19  A   A "C2'" 1 
ATOM   408  O  "O2'" . A   A 1 19 ? 19.934  -0.976  6.782   1.00 74.89 ? 19  A   A "O2'" 1 
ATOM   409  C  "C1'" . A   A 1 19 ? 18.694  0.944   7.639   1.00 71.12 ? 19  A   A "C1'" 1 
ATOM   410  N  N9    . A   A 1 19 ? 19.074  2.070   6.785   1.00 71.67 ? 19  A   A N9    1 
ATOM   411  C  C8    . A   A 1 19 ? 19.533  3.324   7.135   1.00 71.01 ? 19  A   A C8    1 
ATOM   412  N  N7    . A   A 1 19 ? 19.794  4.093   6.098   1.00 69.51 ? 19  A   A N7    1 
ATOM   413  C  C5    . A   A 1 19 ? 19.493  3.288   5.004   1.00 64.30 ? 19  A   A C5    1 
ATOM   414  C  C6    . A   A 1 19 ? 19.556  3.506   3.620   1.00 70.32 ? 19  A   A C6    1 
ATOM   415  N  N6    . A   A 1 19 ? 19.960  4.658   3.068   1.00 70.86 ? 19  A   A N6    1 
ATOM   416  N  N1    . A   A 1 19 ? 19.181  2.484   2.811   1.00 72.64 ? 19  A   A N1    1 
ATOM   417  C  C2    . A   A 1 19 ? 18.769  1.328   3.352   1.00 67.24 ? 19  A   A C2    1 
ATOM   418  N  N3    . A   A 1 19 ? 18.664  1.006   4.638   1.00 70.31 ? 19  A   A N3    1 
ATOM   419  C  C4    . A   A 1 19 ? 19.041  2.044   5.411   1.00 68.30 ? 19  A   A C4    1 
ATOM   420  P  P     . A   A 1 20 ? 18.029  -2.804  10.009  1.00 89.19 ? 20  A   A P     1 
ATOM   421  O  OP1   . A   A 1 20 ? 19.253  -2.969  10.846  1.00 77.22 ? 20  A   A OP1   1 
ATOM   422  O  OP2   . A   A 1 20 ? 17.509  -3.979  9.256   1.00 78.88 ? 20  A   A OP2   1 
ATOM   423  O  "O5'" . A   A 1 20 ? 16.857  -2.161  10.881  1.00 75.43 ? 20  A   A "O5'" 1 
ATOM   424  C  "C5'" . A   A 1 20 ? 15.552  -1.989  10.341  1.00 65.93 ? 20  A   A "C5'" 1 
ATOM   425  C  "C4'" . A   A 1 20 ? 15.034  -0.590  10.575  1.00 68.26 ? 20  A   A "C4'" 1 
ATOM   426  O  "O4'" . A   A 1 20 ? 15.773  0.351   9.756   1.00 69.04 ? 20  A   A "O4'" 1 
ATOM   427  C  "C3'" . A   A 1 20 ? 13.579  -0.353  10.210  1.00 61.92 ? 20  A   A "C3'" 1 
ATOM   428  O  "O3'" . A   A 1 20 ? 12.691  -0.741  11.247  1.00 61.84 ? 20  A   A "O3'" 1 
ATOM   429  C  "C2'" . A   A 1 20 ? 13.531  1.138   9.894   1.00 58.73 ? 20  A   A "C2'" 1 
ATOM   430  O  "O2'" . A   A 1 20 ? 13.382  1.890   11.089  1.00 62.05 ? 20  A   A "O2'" 1 
ATOM   431  C  "C1'" . A   A 1 20 ? 14.933  1.398   9.340   1.00 63.54 ? 20  A   A "C1'" 1 
ATOM   432  N  N9    . A   A 1 20 ? 14.988  1.481   7.862   1.00 59.55 ? 20  A   A N9    1 
ATOM   433  C  C8    . A   A 1 20 ? 14.905  0.479   6.923   1.00 58.98 ? 20  A   A C8    1 
ATOM   434  N  N7    . A   A 1 20 ? 15.078  0.886   5.681   1.00 53.99 ? 20  A   A N7    1 
ATOM   435  C  C5    . A   A 1 20 ? 15.327  2.247   5.813   1.00 55.12 ? 20  A   A C5    1 
ATOM   436  C  C6    . A   A 1 20 ? 15.592  3.275   4.881   1.00 59.60 ? 20  A   A C6    1 
ATOM   437  N  N6    . A   A 1 20 ? 15.653  3.087   3.556   1.00 60.01 ? 20  A   A N6    1 
ATOM   438  N  N1    . A   A 1 20 ? 15.783  4.536   5.344   1.00 60.40 ? 20  A   A N1    1 
ATOM   439  C  C2    . A   A 1 20 ? 15.711  4.740   6.661   1.00 61.75 ? 20  A   A C2    1 
ATOM   440  N  N3    . A   A 1 20 ? 15.469  3.853   7.628   1.00 63.77 ? 20  A   A N3    1 
ATOM   441  C  C4    . A   A 1 20 ? 15.291  2.615   7.142   1.00 55.98 ? 20  A   A C4    1 
ATOM   442  P  P     . A   A 1 21 ? 11.216  -1.246  10.887  1.00 68.69 ? 21  A   A P     1 
ATOM   443  O  OP1   . A   A 1 21 ? 10.558  -1.650  12.156  1.00 66.19 ? 21  A   A OP1   1 
ATOM   444  O  OP2   . A   A 1 21 ? 11.359  -2.253  9.800   1.00 58.83 ? 21  A   A OP2   1 
ATOM   445  O  "O5'" . A   A 1 21 ? 10.528  0.080   10.330  1.00 67.27 ? 21  A   A "O5'" 1 
ATOM   446  C  "C5'" . A   A 1 21 ? 10.170  1.141   11.209  1.00 57.87 ? 21  A   A "C5'" 1 
ATOM   447  C  "C4'" . A   A 1 21 ? 9.692   2.349   10.445  1.00 56.61 ? 21  A   A "C4'" 1 
ATOM   448  O  "O4'" . A   A 1 21 ? 10.750  2.822   9.580   1.00 58.33 ? 21  A   A "O4'" 1 
ATOM   449  C  "C3'" . A   A 1 21 ? 8.515   2.120   9.509   1.00 56.37 ? 21  A   A "C3'" 1 
ATOM   450  O  "O3'" . A   A 1 21 ? 7.271   2.174   10.178  1.00 53.59 ? 21  A   A "O3'" 1 
ATOM   451  C  "C2'" . A   A 1 21 ? 8.681   3.224   8.472   1.00 52.48 ? 21  A   A "C2'" 1 
ATOM   452  O  "O2'" . A   A 1 21 ? 8.129   4.443   8.944   1.00 57.57 ? 21  A   A "O2'" 1 
ATOM   453  C  "C1'" . A   A 1 21 ? 10.202  3.375   8.406   1.00 58.61 ? 21  A   A "C1'" 1 
ATOM   454  N  N9    . A   A 1 21 ? 10.772  2.687   7.235   1.00 54.37 ? 21  A   A N9    1 
ATOM   455  C  C8    . A   A 1 21 ? 10.710  1.356   6.917   1.00 56.58 ? 21  A   A C8    1 
ATOM   456  N  N7    . A   A 1 21 ? 11.294  1.064   5.779   1.00 52.94 ? 21  A   A N7    1 
ATOM   457  C  C5    . A   A 1 21 ? 11.754  2.283   5.325   1.00 50.65 ? 21  A   A C5    1 
ATOM   458  C  C6    . A   A 1 21 ? 12.458  2.643   4.166   1.00 49.38 ? 21  A   A C6    1 
ATOM   459  N  N6    . A   A 1 21 ? 12.827  1.782   3.211   1.00 45.87 ? 21  A   A N6    1 
ATOM   460  N  N1    . A   A 1 21 ? 12.754  3.945   4.009   1.00 46.65 ? 21  A   A N1    1 
ATOM   461  C  C2    . A   A 1 21 ? 12.385  4.813   4.954   1.00 45.95 ? 21  A   A C2    1 
ATOM   462  N  N3    . A   A 1 21 ? 11.727  4.601   6.086   1.00 50.57 ? 21  A   A N3    1 
ATOM   463  C  C4    . A   A 1 21 ? 11.434  3.295   6.204   1.00 51.74 ? 21  A   A C4    1 
ATOM   464  P  P     . C   A 1 22 ? 6.375   0.857   10.355  1.00 56.74 ? 22  C   A P     1 
ATOM   465  O  OP1   . C   A 1 22 ? 5.190   1.241   11.181  1.00 60.39 ? 22  C   A OP1   1 
ATOM   466  O  OP2   . C   A 1 22 ? 7.274   -0.221  10.849  1.00 68.41 ? 22  C   A OP2   1 
ATOM   467  O  "O5'" . C   A 1 22 ? 5.912   0.532   8.862   1.00 55.33 ? 22  C   A "O5'" 1 
ATOM   468  C  "C5'" . C   A 1 22 ? 5.299   1.525   8.050   1.00 54.16 ? 22  C   A "C5'" 1 
ATOM   469  C  "C4'" . C   A 1 22 ? 5.191   1.067   6.619   1.00 49.54 ? 22  C   A "C4'" 1 
ATOM   470  O  "O4'" . C   A 1 22 ? 6.515   1.049   6.008   1.00 50.53 ? 22  C   A "O4'" 1 
ATOM   471  C  "C3'" . C   A 1 22 ? 4.691   -0.355  6.415   1.00 53.25 ? 22  C   A "C3'" 1 
ATOM   472  O  "O3'" . C   A 1 22 ? 3.282   -0.496  6.545   1.00 51.11 ? 22  C   A "O3'" 1 
ATOM   473  C  "C2'" . C   A 1 22 ? 5.227   -0.690  5.030   1.00 52.36 ? 22  C   A "C2'" 1 
ATOM   474  O  "O2'" . C   A 1 22 ? 4.453   -0.067  4.015   1.00 46.96 ? 22  C   A "O2'" 1 
ATOM   475  C  "C1'" . C   A 1 22 ? 6.596   -0.016  5.077   1.00 51.57 ? 22  C   A "C1'" 1 
ATOM   476  N  N1    . C   A 1 22 ? 7.642   -0.968  5.512   1.00 51.51 ? 22  C   A N1    1 
ATOM   477  C  C2    . C   A 1 22 ? 8.129   -1.852  4.536   1.00 57.19 ? 22  C   A C2    1 
ATOM   478  O  O2    . C   A 1 22 ? 7.690   -1.757  3.372   1.00 48.02 ? 22  C   A O2    1 
ATOM   479  N  N3    . C   A 1 22 ? 9.065   -2.784  4.868   1.00 52.45 ? 22  C   A N3    1 
ATOM   480  C  C4    . C   A 1 22 ? 9.504   -2.858  6.118   1.00 54.29 ? 22  C   A C4    1 
ATOM   481  N  N4    . C   A 1 22 ? 10.429  -3.786  6.395   1.00 58.01 ? 22  C   A N4    1 
ATOM   482  C  C5    . C   A 1 22 ? 9.015   -1.984  7.134   1.00 56.91 ? 22  C   A C5    1 
ATOM   483  C  C6    . C   A 1 22 ? 8.087   -1.067  6.799   1.00 54.37 ? 22  C   A C6    1 
ATOM   484  P  P     . U   A 1 23 ? 2.658   -1.895  7.059   1.00 53.72 ? 23  U   A P     1 
ATOM   485  O  OP1   . U   A 1 23 ? 1.179   -1.740  7.061   1.00 53.52 ? 23  U   A OP1   1 
ATOM   486  O  OP2   . U   A 1 23 ? 3.350   -2.243  8.338   1.00 55.43 ? 23  U   A OP2   1 
ATOM   487  O  "O5'" . U   A 1 23 ? 3.094   -2.925  5.923   1.00 52.24 ? 23  U   A "O5'" 1 
ATOM   488  C  "C5'" . U   A 1 23 ? 2.581   -2.820  4.603   1.00 52.51 ? 23  U   A "C5'" 1 
ATOM   489  C  "C4'" . U   A 1 23 ? 3.084   -3.939  3.728   1.00 49.08 ? 23  U   A "C4'" 1 
ATOM   490  O  "O4'" . U   A 1 23 ? 4.531   -3.888  3.634   1.00 47.88 ? 23  U   A "O4'" 1 
ATOM   491  C  "C3'" . U   A 1 23 ? 2.807   -5.345  4.225   1.00 49.03 ? 23  U   A "C3'" 1 
ATOM   492  O  "O3'" . U   A 1 23 ? 1.482   -5.762  3.968   1.00 51.00 ? 23  U   A "O3'" 1 
ATOM   493  C  "C2'" . U   A 1 23 ? 3.861   -6.163  3.488   1.00 54.22 ? 23  U   A "C2'" 1 
ATOM   494  O  "O2'" . U   A 1 23 ? 3.471   -6.385  2.141   1.00 54.35 ? 23  U   A "O2'" 1 
ATOM   495  C  "C1'" . U   A 1 23 ? 5.046   -5.195  3.492   1.00 52.80 ? 23  U   A "C1'" 1 
ATOM   496  N  N1    . U   A 1 23 ? 5.978   -5.464  4.606   1.00 53.10 ? 23  U   A N1    1 
ATOM   497  C  C2    . U   A 1 23 ? 6.918   -6.458  4.392   1.00 52.72 ? 23  U   A C2    1 
ATOM   498  O  O2    . U   A 1 23 ? 6.988   -7.088  3.349   1.00 55.14 ? 23  U   A O2    1 
ATOM   499  N  N3    . U   A 1 23 ? 7.770   -6.698  5.430   1.00 51.50 ? 23  U   A N3    1 
ATOM   500  C  C4    . U   A 1 23 ? 7.787   -6.058  6.649   1.00 54.33 ? 23  U   A C4    1 
ATOM   501  O  O4    . U   A 1 23 ? 8.638   -6.385  7.484   1.00 55.00 ? 23  U   A O4    1 
ATOM   502  C  C5    . U   A 1 23 ? 6.781   -5.041  6.805   1.00 56.04 ? 23  U   A C5    1 
ATOM   503  C  C6    . U   A 1 23 ? 5.928   -4.782  5.801   1.00 51.70 ? 23  U   A C6    1 
ATOM   504  P  P     . G   A 1 24 ? 0.737   -6.757  4.984   1.00 52.88 ? 24  G   A P     1 
ATOM   505  O  OP1   . G   A 1 24 ? 1.401   -6.613  6.306   1.00 57.53 ? 24  G   A OP1   1 
ATOM   506  O  OP2   . G   A 1 24 ? 0.708   -8.101  4.336   1.00 55.29 ? 24  G   A OP2   1 
ATOM   507  O  "O5'" . G   A 1 24 ? -0.737  -6.161  5.053   1.00 52.40 ? 24  G   A "O5'" 1 
ATOM   508  C  "C5'" . G   A 1 24 ? -0.980  -4.859  5.553   1.00 50.62 ? 24  G   A "C5'" 1 
ATOM   509  C  "C4'" . G   A 1 24 ? -2.447  -4.551  5.520   1.00 51.24 ? 24  G   A "C4'" 1 
ATOM   510  O  "O4'" . G   A 1 24 ? -2.857  -4.266  4.149   1.00 44.39 ? 24  G   A "O4'" 1 
ATOM   511  C  "C3'" . G   A 1 24 ? -3.357  -5.693  5.955   1.00 46.54 ? 24  G   A "C3'" 1 
ATOM   512  O  "O3'" . G   A 1 24 ? -3.498  -5.786  7.368   1.00 52.54 ? 24  G   A "O3'" 1 
ATOM   513  C  "C2'" . G   A 1 24 ? -4.656  -5.380  5.226   1.00 49.23 ? 24  G   A "C2'" 1 
ATOM   514  O  "O2'" . G   A 1 24 ? -5.357  -4.333  5.884   1.00 55.52 ? 24  G   A "O2'" 1 
ATOM   515  C  "C1'" . G   A 1 24 ? -4.125  -4.841  3.895   1.00 48.58 ? 24  G   A "C1'" 1 
ATOM   516  N  N9    . G   A 1 24 ? -3.963  -5.914  2.882   1.00 45.07 ? 24  G   A N9    1 
ATOM   517  C  C8    . G   A 1 24 ? -2.776  -6.456  2.427   1.00 43.91 ? 24  G   A C8    1 
ATOM   518  N  N7    . G   A 1 24 ? -2.928  -7.393  1.518   1.00 42.77 ? 24  G   A N7    1 
ATOM   519  C  C5    . G   A 1 24 ? -4.303  -7.476  1.363   1.00 43.21 ? 24  G   A C5    1 
ATOM   520  C  C6    . G   A 1 24 ? -5.069  -8.320  0.529   1.00 45.58 ? 24  G   A C6    1 
ATOM   521  O  O6    . G   A 1 24 ? -4.658  -9.173  -0.266  1.00 49.54 ? 24  G   A O6    1 
ATOM   522  N  N1    . G   A 1 24 ? -6.439  -8.100  0.681   1.00 43.58 ? 24  G   A N1    1 
ATOM   523  C  C2    . G   A 1 24 ? -7.000  -7.184  1.544   1.00 44.63 ? 24  G   A C2    1 
ATOM   524  N  N2    . G   A 1 24 ? -8.344  -7.130  1.558   1.00 47.79 ? 24  G   A N2    1 
ATOM   525  N  N3    . G   A 1 24 ? -6.293  -6.386  2.329   1.00 42.90 ? 24  G   A N3    1 
ATOM   526  C  C4    . G   A 1 24 ? -4.960  -6.577  2.190   1.00 42.49 ? 24  G   A C4    1 
ATOM   527  P  P     . C   A 1 25 ? -3.668  -7.229  8.082   1.00 56.06 ? 25  C   A P     1 
ATOM   528  O  OP1   . C   A 1 25 ? -3.486  -7.018  9.542   1.00 62.71 ? 25  C   A OP1   1 
ATOM   529  O  OP2   . C   A 1 25 ? -2.770  -8.189  7.374   1.00 48.58 ? 25  C   A OP2   1 
ATOM   530  O  "O5'" . C   A 1 25 ? -5.182  -7.587  7.775   1.00 52.57 ? 25  C   A "O5'" 1 
ATOM   531  C  "C5'" . C   A 1 25 ? -6.221  -6.689  8.117   1.00 49.28 ? 25  C   A "C5'" 1 
ATOM   532  C  "C4'" . C   A 1 25 ? -7.527  -7.130  7.519   1.00 55.99 ? 25  C   A "C4'" 1 
ATOM   533  O  "O4'" . C   A 1 25 ? -7.458  -7.029  6.066   1.00 52.02 ? 25  C   A "O4'" 1 
ATOM   534  C  "C3'" . C   A 1 25 ? -7.912  -8.582  7.766   1.00 52.84 ? 25  C   A "C3'" 1 
ATOM   535  O  "O3'" . C   A 1 25 ? -8.474  -8.803  9.054   1.00 55.60 ? 25  C   A "O3'" 1 
ATOM   536  C  "C2'" . C   A 1 25 ? -8.872  -8.858  6.614   1.00 54.53 ? 25  C   A "C2'" 1 
ATOM   537  O  "O2'" . C   A 1 25 ? -10.145 -8.279  6.876   1.00 57.26 ? 25  C   A "O2'" 1 
ATOM   538  C  "C1'" . C   A 1 25 ? -8.209  -8.073  5.477   1.00 54.49 ? 25  C   A "C1'" 1 
ATOM   539  N  N1    . C   A 1 25 ? -7.289  -8.927  4.669   1.00 50.58 ? 25  C   A N1    1 
ATOM   540  C  C2    . C   A 1 25 ? -7.814  -9.739  3.640   1.00 53.95 ? 25  C   A C2    1 
ATOM   541  O  O2    . C   A 1 25 ? -9.042  -9.753  3.396   1.00 48.34 ? 25  C   A O2    1 
ATOM   542  N  N3    . C   A 1 25 ? -6.960  -10.508 2.919   1.00 50.83 ? 25  C   A N3    1 
ATOM   543  C  C4    . C   A 1 25 ? -5.653  -10.498 3.171   1.00 48.18 ? 25  C   A C4    1 
ATOM   544  N  N4    . C   A 1 25 ? -4.867  -11.276 2.429   1.00 50.07 ? 25  C   A N4    1 
ATOM   545  C  C5    . C   A 1 25 ? -5.090  -9.693  4.201   1.00 51.56 ? 25  C   A C5    1 
ATOM   546  C  C6    . C   A 1 25 ? -5.940  -8.928  4.913   1.00 51.07 ? 25  C   A C6    1 
ATOM   547  P  P     . C   A 1 26 ? -8.431  -10.270 9.735   1.00 61.22 ? 26  C   A P     1 
ATOM   548  O  OP1   . C   A 1 26 ? -9.018  -10.130 11.095  1.00 69.45 ? 26  C   A OP1   1 
ATOM   549  O  OP2   . C   A 1 26 ? -7.050  -10.786 9.610   1.00 54.98 ? 26  C   A OP2   1 
ATOM   550  O  "O5'" . C   A 1 26 ? -9.407  -11.116 8.808   1.00 55.67 ? 26  C   A "O5'" 1 
ATOM   551  C  "C5'" . C   A 1 26 ? -10.794 -10.815 8.762   1.00 57.66 ? 26  C   A "C5'" 1 
ATOM   552  C  "C4'" . C   A 1 26 ? -11.530 -11.762 7.855   1.00 54.81 ? 26  C   A "C4'" 1 
ATOM   553  O  "O4'" . C   A 1 26 ? -11.125 -11.542 6.477   1.00 54.02 ? 26  C   A "O4'" 1 
ATOM   554  C  "C3'" . C   A 1 26 ? -11.260 -13.240 8.072   1.00 58.06 ? 26  C   A "C3'" 1 
ATOM   555  O  "O3'" . C   A 1 26 ? -11.955 -13.774 9.185   1.00 63.17 ? 26  C   A "O3'" 1 
ATOM   556  C  "C2'" . C   A 1 26 ? -11.687 -13.827 6.732   1.00 57.50 ? 26  C   A "C2'" 1 
ATOM   557  O  "O2'" . C   A 1 26 ? -13.108 -13.825 6.610   1.00 55.02 ? 26  C   A "O2'" 1 
ATOM   558  C  "C1'" . C   A 1 26 ? -11.132 -12.771 5.777   1.00 53.60 ? 26  C   A "C1'" 1 
ATOM   559  N  N1    . C   A 1 26 ? -9.745  -13.083 5.350   1.00 53.47 ? 26  C   A N1    1 
ATOM   560  C  C2    . C   A 1 26 ? -9.620  -14.040 4.350   1.00 51.54 ? 26  C   A C2    1 
ATOM   561  O  O2    . C   A 1 26 ? -10.665 -14.544 3.906   1.00 48.04 ? 26  C   A O2    1 
ATOM   562  N  N3    . C   A 1 26 ? -8.387  -14.385 3.903   1.00 47.86 ? 26  C   A N3    1 
ATOM   563  C  C4    . C   A 1 26 ? -7.305  -13.792 4.412   1.00 49.26 ? 26  C   A C4    1 
ATOM   564  N  N4    . C   A 1 26 ? -6.119  -14.170 3.925   1.00 44.12 ? 26  C   A N4    1 
ATOM   565  C  C5    . C   A 1 26 ? -7.399  -12.807 5.446   1.00 47.78 ? 26  C   A C5    1 
ATOM   566  C  C6    . C   A 1 26 ? -8.627  -12.488 5.884   1.00 48.75 ? 26  C   A C6    1 
ATOM   567  P  P     . C   A 1 27 ? -11.398 -15.076 9.957   1.00 62.02 ? 27  C   A P     1 
ATOM   568  O  OP1   . C   A 1 27 ? -12.280 -15.287 11.131  1.00 65.54 ? 27  C   A OP1   1 
ATOM   569  O  OP2   . C   A 1 27 ? -9.942  -14.876 10.184  1.00 63.44 ? 27  C   A OP2   1 
ATOM   570  O  "O5'" . C   A 1 27 ? -11.622 -16.236 8.896   1.00 60.20 ? 27  C   A "O5'" 1 
ATOM   571  C  "C5'" . C   A 1 27 ? -12.927 -16.566 8.439   1.00 57.40 ? 27  C   A "C5'" 1 
ATOM   572  C  "C4'" . C   A 1 27 ? -12.893 -17.762 7.523   1.00 58.10 ? 27  C   A "C4'" 1 
ATOM   573  O  "O4'" . C   A 1 27 ? -12.243 -17.405 6.274   1.00 54.74 ? 27  C   A "O4'" 1 
ATOM   574  C  "C3'" . C   A 1 27 ? -12.094 -18.956 8.022   1.00 55.52 ? 27  C   A "C3'" 1 
ATOM   575  O  "O3'" . C   A 1 27 ? -12.808 -19.744 8.957   1.00 54.44 ? 27  C   A "O3'" 1 
ATOM   576  C  "C2'" . C   A 1 27 ? -11.766 -19.688 6.725   1.00 59.96 ? 27  C   A "C2'" 1 
ATOM   577  O  "O2'" . C   A 1 27 ? -12.902 -20.415 6.257   1.00 58.10 ? 27  C   A "O2'" 1 
ATOM   578  C  "C1'" . C   A 1 27 ? -11.520 -18.514 5.775   1.00 52.45 ? 27  C   A "C1'" 1 
ATOM   579  N  N1    . C   A 1 27 ? -10.085 -18.144 5.691   1.00 51.07 ? 27  C   A N1    1 
ATOM   580  C  C2    . C   A 1 27 ? -9.229  -18.905 4.893   1.00 51.67 ? 27  C   A C2    1 
ATOM   581  O  O2    . C   A 1 27 ? -9.694  -19.871 4.270   1.00 54.91 ? 27  C   A O2    1 
ATOM   582  N  N3    . C   A 1 27 ? -7.920  -18.574 4.811   1.00 51.50 ? 27  C   A N3    1 
ATOM   583  C  C4    . C   A 1 27 ? -7.449  -17.519 5.474   1.00 50.82 ? 27  C   A C4    1 
ATOM   584  N  N4    . C   A 1 27 ? -6.153  -17.227 5.355   1.00 51.46 ? 27  C   A N4    1 
ATOM   585  C  C5    . C   A 1 27 ? -8.288  -16.721 6.300   1.00 52.42 ? 27  C   A C5    1 
ATOM   586  C  C6    . C   A 1 27 ? -9.585  -17.069 6.372   1.00 54.13 ? 27  C   A C6    1 
ATOM   587  P  P     . U   A 1 28 ? -12.027 -20.635 10.048  1.00 57.92 ? 28  U   A P     1 
ATOM   588  O  OP1   . U   A 1 28 ? -13.070 -21.323 10.868  1.00 65.87 ? 28  U   A OP1   1 
ATOM   589  O  OP2   . U   A 1 28 ? -11.052 -19.741 10.734  1.00 57.06 ? 28  U   A OP2   1 
ATOM   590  O  "O5'" . U   A 1 28 ? -11.241 -21.700 9.155   1.00 55.45 ? 28  U   A "O5'" 1 
ATOM   591  C  "C5'" . U   A 1 28 ? -11.927 -22.756 8.492   1.00 54.83 ? 28  U   A "C5'" 1 
ATOM   592  C  "C4'" . U   A 1 28 ? -10.970 -23.637 7.720   1.00 55.04 ? 28  U   A "C4'" 1 
ATOM   593  O  "O4'" . U   A 1 28 ? -10.371 -22.881 6.631   1.00 56.24 ? 28  U   A "O4'" 1 
ATOM   594  C  "C3'" . U   A 1 28 ? -9.769  -24.157 8.488   1.00 56.23 ? 28  U   A "C3'" 1 
ATOM   595  O  "O3'" . U   A 1 28 ? -10.064 -25.264 9.316   1.00 57.30 ? 28  U   A "O3'" 1 
ATOM   596  C  "C2'" . U   A 1 28 ? -8.786  -24.480 7.377   1.00 54.20 ? 28  U   A "C2'" 1 
ATOM   597  O  "O2'" . U   A 1 28 ? -9.137  -25.698 6.738   1.00 55.53 ? 28  U   A "O2'" 1 
ATOM   598  C  "C1'" . U   A 1 28 ? -9.047  -23.325 6.412   1.00 53.42 ? 28  U   A "C1'" 1 
ATOM   599  N  N1    . U   A 1 28 ? -8.115  -22.197 6.662   1.00 50.32 ? 28  U   A N1    1 
ATOM   600  C  C2    . U   A 1 28 ? -6.866  -22.338 6.119   1.00 48.00 ? 28  U   A C2    1 
ATOM   601  O  O2    . U   A 1 28 ? -6.572  -23.311 5.442   1.00 48.51 ? 28  U   A O2    1 
ATOM   602  N  N3    . U   A 1 28 ? -5.991  -21.310 6.382   1.00 53.45 ? 28  U   A N3    1 
ATOM   603  C  C4    . U   A 1 28 ? -6.253  -20.183 7.138   1.00 50.82 ? 28  U   A C4    1 
ATOM   604  O  O4    . U   A 1 28 ? -5.375  -19.341 7.284   1.00 51.58 ? 28  U   A O4    1 
ATOM   605  C  C5    . U   A 1 28 ? -7.567  -20.121 7.689   1.00 50.63 ? 28  U   A C5    1 
ATOM   606  C  C6    . U   A 1 28 ? -8.429  -21.106 7.439   1.00 52.32 ? 28  U   A C6    1 
ATOM   607  P  P     . G   A 1 29 ? -9.402  -25.368 10.777  1.00 59.36 ? 29  G   A P     1 
ATOM   608  O  OP1   . G   A 1 29 ? -10.058 -26.520 11.476  1.00 68.22 ? 29  G   A OP1   1 
ATOM   609  O  OP2   . G   A 1 29 ? -9.490  -24.015 11.395  1.00 61.00 ? 29  G   A OP2   1 
ATOM   610  O  "O5'" . G   A 1 29 ? -7.887  -25.713 10.464  1.00 46.53 ? 29  G   A "O5'" 1 
ATOM   611  C  "C5'" . G   A 1 29 ? -7.538  -26.832 9.669   1.00 46.86 ? 29  G   A "C5'" 1 
ATOM   612  C  "C4'" . G   A 1 29 ? -6.055  -26.867 9.400   1.00 47.12 ? 29  G   A "C4'" 1 
ATOM   613  O  "O4'" . G   A 1 29 ? -5.713  -25.895 8.369   1.00 54.72 ? 29  G   A "O4'" 1 
ATOM   614  C  "C3'" . G   A 1 29 ? -5.149  -26.477 10.556  1.00 50.57 ? 29  G   A "C3'" 1 
ATOM   615  O  "O3'" . G   A 1 29 ? -5.005  -27.492 11.539  1.00 59.51 ? 29  G   A "O3'" 1 
ATOM   616  C  "C2'" . G   A 1 29 ? -3.851  -26.128 9.833   1.00 49.19 ? 29  G   A "C2'" 1 
ATOM   617  O  "O2'" . G   A 1 29 ? -3.161  -27.304 9.428   1.00 42.37 ? 29  G   A "O2'" 1 
ATOM   618  C  "C1'" . G   A 1 29 ? -4.399  -25.406 8.592   1.00 47.41 ? 29  G   A "C1'" 1 
ATOM   619  N  N9    . G   A 1 29 ? -4.483  -23.963 8.854   1.00 52.17 ? 29  G   A N9    1 
ATOM   620  C  C8    . G   A 1 29 ? -5.554  -23.243 9.343   1.00 47.37 ? 29  G   A C8    1 
ATOM   621  N  N7    . G   A 1 29 ? -5.249  -21.999 9.568   1.00 47.35 ? 29  G   A N7    1 
ATOM   622  C  C5    . G   A 1 29 ? -3.900  -21.915 9.225   1.00 48.35 ? 29  G   A C5    1 
ATOM   623  C  C6    . G   A 1 29 ? -3.003  -20.825 9.264   1.00 48.77 ? 29  G   A C6    1 
ATOM   624  O  O6    . G   A 1 29 ? -3.258  -19.665 9.606   1.00 58.69 ? 29  G   A O6    1 
ATOM   625  N  N1    . G   A 1 29 ? -1.728  -21.185 8.840   1.00 41.75 ? 29  G   A N1    1 
ATOM   626  C  C2    . G   A 1 29 ? -1.338  -22.438 8.413   1.00 45.86 ? 29  G   A C2    1 
ATOM   627  N  N2    . G   A 1 29 ? -0.054  -22.614 8.037   1.00 40.45 ? 29  G   A N2    1 
ATOM   628  N  N3    . G   A 1 29 ? -2.166  -23.466 8.392   1.00 48.51 ? 29  G   A N3    1 
ATOM   629  C  C4    . G   A 1 29 ? -3.408  -23.124 8.809   1.00 45.41 ? 29  G   A C4    1 
ATOM   630  P  P     . A   A 1 30 ? -5.006  -27.111 13.110  1.00 50.71 ? 30  A   A P     1 
ATOM   631  O  OP1   . A   A 1 30 ? -4.719  -28.367 13.865  1.00 62.61 ? 30  A   A OP1   1 
ATOM   632  O  OP2   . A   A 1 30 ? -6.277  -26.384 13.385  1.00 57.01 ? 30  A   A OP2   1 
ATOM   633  O  "O5'" . A   A 1 30 ? -3.771  -26.113 13.230  1.00 62.21 ? 30  A   A "O5'" 1 
ATOM   634  C  "C5'" . A   A 1 30 ? -3.252  -25.728 14.491  1.00 58.50 ? 30  A   A "C5'" 1 
ATOM   635  C  "C4'" . A   A 1 30 ? -1.772  -25.966 14.554  1.00 58.76 ? 30  A   A "C4'" 1 
ATOM   636  O  "O4'" . A   A 1 30 ? -1.518  -27.387 14.534  1.00 59.67 ? 30  A   A "O4'" 1 
ATOM   637  C  "C3'" . A   A 1 30 ? -0.969  -25.405 13.388  1.00 56.39 ? 30  A   A "C3'" 1 
ATOM   638  O  "O3'" . A   A 1 30 ? -0.596  -24.044 13.596  1.00 67.01 ? 30  A   A "O3'" 1 
ATOM   639  C  "C2'" . A   A 1 30 ? 0.227   -26.353 13.274  1.00 54.82 ? 30  A   A "C2'" 1 
ATOM   640  O  "O2'" . A   A 1 30 ? 1.294   -25.918 14.097  1.00 62.94 ? 30  A   A "O2'" 1 
ATOM   641  C  "C1'" . A   A 1 30 ? -0.321  -27.660 13.843  1.00 56.24 ? 30  A   A "C1'" 1 
ATOM   642  N  N9    . A   A 1 30 ? -0.597  -28.684 12.811  1.00 51.64 ? 30  A   A N9    1 
ATOM   643  C  C8    . A   A 1 30 ? -1.836  -29.226 12.535  1.00 47.30 ? 30  A   A C8    1 
ATOM   644  N  N7    . A   A 1 30 ? -1.798  -30.160 11.610  1.00 48.14 ? 30  A   A N7    1 
ATOM   645  C  C5    . A   A 1 30 ? -0.443  -30.255 11.270  1.00 45.84 ? 30  A   A C5    1 
ATOM   646  C  C6    . A   A 1 30 ? 0.255   -31.070 10.354  1.00 44.83 ? 30  A   A C6    1 
ATOM   647  N  N6    . A   A 1 30 ? -0.324  -32.005 9.572   1.00 41.31 ? 30  A   A N6    1 
ATOM   648  N  N1    . A   A 1 30 ? 1.594   -30.901 10.264  1.00 42.64 ? 30  A   A N1    1 
ATOM   649  C  C2    . A   A 1 30 ? 2.179   -29.980 11.038  1.00 45.93 ? 30  A   A C2    1 
ATOM   650  N  N3    . A   A 1 30 ? 1.628   -29.165 11.934  1.00 47.07 ? 30  A   A N3    1 
ATOM   651  C  C4    . A   A 1 30 ? 0.304   -29.354 12.008  1.00 45.19 ? 30  A   A C4    1 
ATOM   652  P  P     . A   A 1 31 ? -0.696  -22.971 12.395  1.00 64.71 ? 31  A   A P     1 
ATOM   653  O  OP1   . A   A 1 31 ? -0.525  -21.613 12.998  1.00 66.23 ? 31  A   A OP1   1 
ATOM   654  O  OP2   . A   A 1 31 ? -1.954  -23.265 11.647  1.00 51.22 ? 31  A   A OP2   1 
ATOM   655  O  "O5'" . A   A 1 31 ? 0.582   -23.329 11.512  1.00 50.27 ? 31  A   A "O5'" 1 
ATOM   656  C  "C5'" . A   A 1 31 ? 1.889   -22.967 11.951  1.00 52.65 ? 31  A   A "C5'" 1 
ATOM   657  C  "C4'" . A   A 1 31 ? 2.956   -23.763 11.243  1.00 52.83 ? 31  A   A "C4'" 1 
ATOM   658  O  "O4'" . A   A 1 31 ? 2.637   -25.171 11.336  1.00 55.28 ? 31  A   A "O4'" 1 
ATOM   659  C  "C3'" . A   A 1 31 ? 3.122   -23.489 9.745   1.00 52.99 ? 31  A   A "C3'" 1 
ATOM   660  O  "O3'" . A   A 1 31 ? 4.029   -22.424 9.485   1.00 52.87 ? 31  A   A "O3'" 1 
ATOM   661  C  "C2'" . A   A 1 31 ? 3.606   -24.821 9.181   1.00 55.26 ? 31  A   A "C2'" 1 
ATOM   662  O  "O2'" . A   A 1 31 ? 5.023   -24.909 9.243   1.00 55.31 ? 31  A   A "O2'" 1 
ATOM   663  C  "C1'" . A   A 1 31 ? 3.006   -25.843 10.157  1.00 54.15 ? 31  A   A "C1'" 1 
ATOM   664  N  N9    . A   A 1 31 ? 1.807   -26.509 9.613   1.00 46.50 ? 31  A   A N9    1 
ATOM   665  C  C8    . A   A 1 31 ? 0.505   -26.183 9.864   1.00 48.86 ? 31  A   A C8    1 
ATOM   666  N  N7    . A   A 1 31 ? -0.359  -26.968 9.277   1.00 47.14 ? 31  A   A N7    1 
ATOM   667  C  C5    . A   A 1 31 ? 0.454   -27.856 8.585   1.00 44.87 ? 31  A   A C5    1 
ATOM   668  C  C6    . A   A 1 31 ? 0.135   -28.936 7.761   1.00 42.13 ? 31  A   A C6    1 
ATOM   669  N  N6    . A   A 1 31 ? -1.137  -29.279 7.504   1.00 43.87 ? 31  A   A N6    1 
ATOM   670  N  N1    . A   A 1 31 ? 1.163   -29.623 7.221   1.00 42.45 ? 31  A   A N1    1 
ATOM   671  C  C2    . A   A 1 31 ? 2.425   -29.253 7.502   1.00 44.33 ? 31  A   A C2    1 
ATOM   672  N  N3    . A   A 1 31 ? 2.839   -28.251 8.279   1.00 46.24 ? 31  A   A N3    1 
ATOM   673  C  C4    . A   A 1 31 ? 1.785   -27.594 8.789   1.00 40.77 ? 31  A   A C4    1 
ATOM   674  P  P     . A   A 1 32 ? 3.787   -21.415 8.251   1.00 49.22 ? 32  A   A P     1 
ATOM   675  O  OP1   . A   A 1 32 ? 4.773   -20.296 8.405   1.00 58.64 ? 32  A   A OP1   1 
ATOM   676  O  OP2   . A   A 1 32 ? 2.333   -21.086 8.237   1.00 48.89 ? 32  A   A OP2   1 
ATOM   677  O  "O5'" . A   A 1 32 ? 4.166   -22.299 6.973   1.00 41.27 ? 32  A   A "O5'" 1 
ATOM   678  C  "C5'" . A   A 1 32 ? 5.527   -22.509 6.595   1.00 47.81 ? 32  A   A "C5'" 1 
ATOM   679  C  "C4'" . A   A 1 32 ? 5.661   -23.620 5.569   1.00 53.67 ? 32  A   A "C4'" 1 
ATOM   680  O  "O4'" . A   A 1 32 ? 5.065   -24.837 6.098   1.00 53.39 ? 32  A   A "O4'" 1 
ATOM   681  C  "C3'" . A   A 1 32 ? 4.948   -23.399 4.232   1.00 50.32 ? 32  A   A "C3'" 1 
ATOM   682  O  "O3'" . A   A 1 32 ? 5.725   -22.665 3.308   1.00 51.16 ? 32  A   A "O3'" 1 
ATOM   683  C  "C2'" . A   A 1 32 ? 4.661   -24.821 3.767   1.00 47.58 ? 32  A   A "C2'" 1 
ATOM   684  O  "O2'" . A   A 1 32 ? 5.835   -25.414 3.227   1.00 48.35 ? 32  A   A "O2'" 1 
ATOM   685  C  "C1'" . A   A 1 32 ? 4.344   -25.506 5.085   1.00 45.81 ? 32  A   A "C1'" 1 
ATOM   686  N  N9    . A   A 1 32 ? 2.910   -25.436 5.414   1.00 42.16 ? 32  A   A N9    1 
ATOM   687  C  C8    . A   A 1 32 ? 2.221   -24.446 6.071   1.00 47.48 ? 32  A   A C8    1 
ATOM   688  N  N7    . A   A 1 32 ? 0.932   -24.685 6.212   1.00 43.37 ? 32  A   A N7    1 
ATOM   689  C  C5    . A   A 1 32 ? 0.776   -25.932 5.634   1.00 44.71 ? 32  A   A C5    1 
ATOM   690  C  C6    . A   A 1 32 ? -0.356  -26.758 5.494   1.00 41.66 ? 32  A   A C6    1 
ATOM   691  N  N6    . A   A 1 32 ? -1.584  -26.423 5.917   1.00 38.80 ? 32  A   A N6    1 
ATOM   692  N  N1    . A   A 1 32 ? -0.170  -27.934 4.869   1.00 33.77 ? 32  A   A N1    1 
ATOM   693  C  C2    . A   A 1 32 ? 1.055   -28.271 4.438   1.00 39.30 ? 32  A   A C2    1 
ATOM   694  N  N3    . A   A 1 32 ? 2.197   -27.591 4.519   1.00 42.36 ? 32  A   A N3    1 
ATOM   695  C  C4    . A   A 1 32 ? 1.979   -26.410 5.134   1.00 43.82 ? 32  A   A C4    1 
ATOM   696  P  P     . A   A 1 33 ? 5.128   -21.371 2.562   1.00 49.80 ? 33  A   A P     1 
ATOM   697  O  OP1   . A   A 1 33 ? 6.010   -21.109 1.398   1.00 66.46 ? 33  A   A OP1   1 
ATOM   698  O  OP2   . A   A 1 33 ? 4.966   -20.315 3.593   1.00 63.64 ? 33  A   A OP2   1 
ATOM   699  O  "O5'" . A   A 1 33 ? 3.695   -21.827 2.064   1.00 55.07 ? 33  A   A "O5'" 1 
ATOM   700  C  "C5'" . A   A 1 33 ? 3.532   -22.716 0.979   1.00 50.79 ? 33  A   A "C5'" 1 
ATOM   701  C  "C4'" . A   A 1 33 ? 2.348   -23.611 1.215   1.00 53.93 ? 33  A   A "C4'" 1 
ATOM   702  O  "O4'" . A   A 1 33 ? 2.034   -23.629 2.635   1.00 46.45 ? 33  A   A "O4'" 1 
ATOM   703  C  "C3'" . A   A 1 33 ? 1.035   -23.200 0.546   1.00 49.03 ? 33  A   A "C3'" 1 
ATOM   704  O  "O3'" . A   A 1 33 ? 0.974   -23.622 -0.805  1.00 51.48 ? 33  A   A "O3'" 1 
ATOM   705  C  "C2'" . A   A 1 33 ? 0.000   -23.893 1.421   1.00 51.05 ? 33  A   A "C2'" 1 
ATOM   706  O  "O2'" . A   A 1 33 ? -0.086  -25.270 1.073   1.00 55.01 ? 33  A   A "O2'" 1 
ATOM   707  C  "C1'" . A   A 1 33 ? 0.643   -23.793 2.815   1.00 50.44 ? 33  A   A "C1'" 1 
ATOM   708  N  N9    . A   A 1 33 ? 0.124   -22.652 3.593   1.00 45.90 ? 33  A   A N9    1 
ATOM   709  C  C8    . A   A 1 33 ? 0.813   -21.530 3.995   1.00 45.06 ? 33  A   A C8    1 
ATOM   710  N  N7    . A   A 1 33 ? 0.081   -20.665 4.679   1.00 45.22 ? 33  A   A N7    1 
ATOM   711  C  C5    . A   A 1 33 ? -1.185  -21.261 4.746   1.00 49.43 ? 33  A   A C5    1 
ATOM   712  C  C6    . A   A 1 33 ? -2.411  -20.870 5.329   1.00 48.50 ? 33  A   A C6    1 
ATOM   713  N  N6    . A   A 1 33 ? -2.608  -19.727 6.000   1.00 45.38 ? 33  A   A N6    1 
ATOM   714  N  N1    . A   A 1 33 ? -3.467  -21.700 5.198   1.00 47.60 ? 33  A   A N1    1 
ATOM   715  C  C2    . A   A 1 33 ? -3.289  -22.848 4.532   1.00 49.08 ? 33  A   A C2    1 
ATOM   716  N  N3    . A   A 1 33 ? -2.196  -23.321 3.948   1.00 47.09 ? 33  A   A N3    1 
ATOM   717  C  C4    . A   A 1 33 ? -1.164  -22.488 4.085   1.00 44.52 ? 33  A   A C4    1 
ATOM   718  P  P     . G   A 1 34 ? 0.183   -22.767 -1.918  1.00 56.59 ? 34  G   A P     1 
ATOM   719  O  OP1   . G   A 1 34 ? 0.655   -23.262 -3.236  1.00 59.03 ? 34  G   A OP1   1 
ATOM   720  O  OP2   . G   A 1 34 ? 0.351   -21.321 -1.587  1.00 51.39 ? 34  G   A OP2   1 
ATOM   721  O  "O5'" . G   A 1 34 ? -1.336  -23.195 -1.690  1.00 56.06 ? 34  G   A "O5'" 1 
ATOM   722  C  "C5'" . G   A 1 34 ? -1.738  -24.548 -1.812  1.00 51.82 ? 34  G   A "C5'" 1 
ATOM   723  C  "C4'" . G   A 1 34 ? -3.174  -24.719 -1.420  1.00 57.05 ? 34  G   A "C4'" 1 
ATOM   724  O  "O4'" . G   A 1 34 ? -3.314  -24.602 0.025   1.00 56.11 ? 34  G   A "O4'" 1 
ATOM   725  C  "C3'" . G   A 1 34 ? -4.127  -23.675 -1.963  1.00 58.87 ? 34  G   A "C3'" 1 
ATOM   726  O  "O3'" . G   A 1 34 ? -4.485  -23.925 -3.309  1.00 68.04 ? 34  G   A "O3'" 1 
ATOM   727  C  "C2'" . G   A 1 34 ? -5.289  -23.768 -0.989  1.00 56.81 ? 34  G   A "C2'" 1 
ATOM   728  O  "O2'" . G   A 1 34 ? -6.065  -24.928 -1.252  1.00 65.08 ? 34  G   A "O2'" 1 
ATOM   729  C  "C1'" . G   A 1 34 ? -4.545  -23.979 0.333   1.00 56.35 ? 34  G   A "C1'" 1 
ATOM   730  N  N9    . G   A 1 34 ? -4.273  -22.696 1.019   1.00 56.21 ? 34  G   A N9    1 
ATOM   731  C  C8    . G   A 1 34 ? -3.114  -21.947 1.049   1.00 51.34 ? 34  G   A C8    1 
ATOM   732  N  N7    . G   A 1 34 ? -3.226  -20.840 1.741   1.00 48.61 ? 34  G   A N7    1 
ATOM   733  C  C5    . G   A 1 34 ? -4.538  -20.852 2.183   1.00 49.67 ? 34  G   A C5    1 
ATOM   734  C  C6    . G   A 1 34 ? -5.249  -19.921 2.978   1.00 51.01 ? 34  G   A C6    1 
ATOM   735  O  O6    . G   A 1 34 ? -4.820  -18.856 3.453   1.00 46.46 ? 34  G   A O6    1 
ATOM   736  N  N1    . G   A 1 34 ? -6.575  -20.341 3.194   1.00 48.35 ? 34  G   A N1    1 
ATOM   737  C  C2    . G   A 1 34 ? -7.143  -21.503 2.706   1.00 52.43 ? 34  G   A C2    1 
ATOM   738  N  N2    . G   A 1 34 ? -8.448  -21.741 3.013   1.00 49.44 ? 34  G   A N2    1 
ATOM   739  N  N3    . G   A 1 34 ? -6.473  -22.384 1.970   1.00 48.02 ? 34  G   A N3    1 
ATOM   740  C  C4    . G   A 1 34 ? -5.199  -21.990 1.748   1.00 55.11 ? 34  G   A C4    1 
ATOM   741  P  P     . G   A 1 35 ? -5.052  -22.745 -4.242  1.00 70.03 ? 35  G   A P     1 
ATOM   742  O  OP1   . G   A 1 35 ? -4.934  -23.213 -5.648  1.00 68.17 ? 35  G   A OP1   1 
ATOM   743  O  OP2   . G   A 1 35 ? -4.364  -21.472 -3.848  1.00 54.00 ? 35  G   A OP2   1 
ATOM   744  O  "O5'" . G   A 1 35 ? -6.580  -22.695 -3.816  1.00 62.67 ? 35  G   A "O5'" 1 
ATOM   745  C  "C5'" . G   A 1 35 ? -7.295  -21.480 -3.858  1.00 64.72 ? 35  G   A "C5'" 1 
ATOM   746  C  "C4'" . G   A 1 35 ? -8.523  -21.533 -2.995  1.00 65.19 ? 35  G   A "C4'" 1 
ATOM   747  O  "O4'" . G   A 1 35 ? -8.143  -21.820 -1.614  1.00 59.86 ? 35  G   A "O4'" 1 
ATOM   748  C  "C3'" . G   A 1 35 ? -9.308  -20.235 -2.920  1.00 62.28 ? 35  G   A "C3'" 1 
ATOM   749  O  "O3'" . G   A 1 35 ? -10.229 -20.083 -3.992  1.00 66.19 ? 35  G   A "O3'" 1 
ATOM   750  C  "C2'" . G   A 1 35 ? -9.956  -20.314 -1.545  1.00 61.34 ? 35  G   A "C2'" 1 
ATOM   751  O  "O2'" . G   A 1 35 ? -11.062 -21.201 -1.563  1.00 62.78 ? 35  G   A "O2'" 1 
ATOM   752  C  "C1'" . G   A 1 35 ? -8.828  -20.951 -0.738  1.00 55.82 ? 35  G   A "C1'" 1 
ATOM   753  N  N9    . G   A 1 35 ? -7.860  -19.927 -0.271  1.00 59.74 ? 35  G   A N9    1 
ATOM   754  C  C8    . G   A 1 35 ? -6.526  -19.846 -0.608  1.00 53.66 ? 35  G   A C8    1 
ATOM   755  N  N7    . G   A 1 35 ? -5.902  -18.829 -0.066  1.00 49.78 ? 35  G   A N7    1 
ATOM   756  C  C5    . G   A 1 35 ? -6.881  -18.186 0.668   1.00 46.35 ? 35  G   A C5    1 
ATOM   757  C  C6    . G   A 1 35 ? -6.798  -17.014 1.466   1.00 49.38 ? 35  G   A C6    1 
ATOM   758  O  O6    . G   A 1 35 ? -5.810  -16.287 1.682   1.00 49.15 ? 35  G   A O6    1 
ATOM   759  N  N1    . G   A 1 35 ? -8.033  -16.698 2.035   1.00 49.05 ? 35  G   A N1    1 
ATOM   760  C  C2    . G   A 1 35 ? -9.195  -17.416 1.868   1.00 52.78 ? 35  G   A C2    1 
ATOM   761  N  N2    . G   A 1 35 ? -10.280 -16.939 2.516   1.00 50.90 ? 35  G   A N2    1 
ATOM   762  N  N3    . G   A 1 35 ? -9.285  -18.519 1.119   1.00 52.82 ? 35  G   A N3    1 
ATOM   763  C  C4    . G   A 1 35 ? -8.097  -18.841 0.552   1.00 53.33 ? 35  G   A C4    1 
ATOM   764  P  P     . G   A 1 36 ? -10.077 -18.858 -5.022  1.00 72.49 ? 36  G   A P     1 
ATOM   765  O  OP1   . G   A 1 36 ? -10.829 -19.228 -6.243  1.00 81.62 ? 36  G   A OP1   1 
ATOM   766  O  OP2   . G   A 1 36 ? -8.629  -18.554 -5.143  1.00 70.81 ? 36  G   A OP2   1 
ATOM   767  O  "O5'" . G   A 1 36 ? -10.820 -17.666 -4.262  1.00 70.11 ? 36  G   A "O5'" 1 
ATOM   768  C  "C5'" . G   A 1 36 ? -12.091 -17.880 -3.660  1.00 68.84 ? 36  G   A "C5'" 1 
ATOM   769  C  "C4'" . G   A 1 36 ? -12.413 -16.835 -2.618  1.00 68.79 ? 36  G   A "C4'" 1 
ATOM   770  O  "O4'" . G   A 1 36 ? -11.573 -17.011 -1.434  1.00 60.28 ? 36  G   A "O4'" 1 
ATOM   771  C  "C3'" . G   A 1 36 ? -12.169 -15.389 -3.001  1.00 63.36 ? 36  G   A "C3'" 1 
ATOM   772  O  "O3'" . G   A 1 36 ? -13.133 -14.868 -3.913  1.00 64.65 ? 36  G   A "O3'" 1 
ATOM   773  C  "C2'" . G   A 1 36 ? -12.167 -14.715 -1.630  1.00 61.21 ? 36  G   A "C2'" 1 
ATOM   774  O  "O2'" . G   A 1 36 ? -13.492 -14.610 -1.111  1.00 62.46 ? 36  G   A "O2'" 1 
ATOM   775  C  "C1'" . G   A 1 36 ? -11.400 -15.755 -0.798  1.00 54.66 ? 36  G   A "C1'" 1 
ATOM   776  N  N9    . G   A 1 36 ? -9.958  -15.439 -0.740  1.00 54.41 ? 36  G   A N9    1 
ATOM   777  C  C8    . G   A 1 36 ? -8.894  -16.033 -1.372  1.00 51.38 ? 36  G   A C8    1 
ATOM   778  N  N7    . G   A 1 36 ? -7.746  -15.447 -1.104  1.00 50.43 ? 36  G   A N7    1 
ATOM   779  C  C5    . G   A 1 36 ? -8.077  -14.390 -0.257  1.00 49.90 ? 36  G   A C5    1 
ATOM   780  C  C6    . G   A 1 36 ? -7.277  -13.385 0.369   1.00 50.93 ? 36  G   A C6    1 
ATOM   781  O  O6    . G   A 1 36 ? -6.045  -13.199 0.333   1.00 55.63 ? 36  G   A O6    1 
ATOM   782  N  N1    . G   A 1 36 ? -8.055  -12.527 1.138   1.00 48.17 ? 36  G   A N1    1 
ATOM   783  C  C2    . G   A 1 36 ? -9.420  -12.601 1.311   1.00 51.10 ? 36  G   A C2    1 
ATOM   784  N  N2    . G   A 1 36 ? -9.975  -11.660 2.103   1.00 51.07 ? 36  G   A N2    1 
ATOM   785  N  N3    . G   A 1 36 ? -10.176 -13.522 0.739   1.00 51.24 ? 36  G   A N3    1 
ATOM   786  C  C4    . G   A 1 36 ? -9.440  -14.376 -0.025  1.00 55.47 ? 36  G   A C4    1 
ATOM   787  P  P     . C   A 1 37 ? -12.760 -13.615 -4.885  1.00 71.94 ? 37  C   A P     1 
ATOM   788  O  OP1   . C   A 1 37 ? -13.865 -13.480 -5.863  1.00 74.26 ? 37  C   A OP1   1 
ATOM   789  O  OP2   . C   A 1 37 ? -11.373 -13.830 -5.398  1.00 57.96 ? 37  C   A OP2   1 
ATOM   790  O  "O5'" . C   A 1 37 ? -12.781 -12.382 -3.885  1.00 60.97 ? 37  C   A "O5'" 1 
ATOM   791  C  "C5'" . C   A 1 37 ? -13.930 -12.127 -3.087  1.00 61.29 ? 37  C   A "C5'" 1 
ATOM   792  C  "C4'" . C   A 1 37 ? -13.706 -10.961 -2.168  1.00 61.97 ? 37  C   A "C4'" 1 
ATOM   793  O  "O4'" . C   A 1 37 ? -12.728 -11.311 -1.152  1.00 58.76 ? 37  C   A "O4'" 1 
ATOM   794  C  "C3'" . C   A 1 37 ? -13.124 -9.716  -2.811  1.00 62.28 ? 37  C   A "C3'" 1 
ATOM   795  O  "O3'" . C   A 1 37 ? -14.092 -8.965  -3.529  1.00 59.65 ? 37  C   A "O3'" 1 
ATOM   796  C  "C2'" . C   A 1 37 ? -12.533 -8.990  -1.606  1.00 60.96 ? 37  C   A "C2'" 1 
ATOM   797  O  "O2'" . C   A 1 37 ? -13.559 -8.384  -0.833  1.00 65.38 ? 37  C   A "O2'" 1 
ATOM   798  C  "C1'" . C   A 1 37 ? -11.971 -10.163 -0.808  1.00 58.68 ? 37  C   A "C1'" 1 
ATOM   799  N  N1    . C   A 1 37 ? -10.551 -10.419 -1.128  1.00 53.80 ? 37  C   A N1    1 
ATOM   800  C  C2    . C   A 1 37 ? -9.603  -9.566  -0.571  1.00 51.54 ? 37  C   A C2    1 
ATOM   801  O  O2    . C   A 1 37 ? -10.001 -8.639  0.162   1.00 51.80 ? 37  C   A O2    1 
ATOM   802  N  N3    . C   A 1 37 ? -8.288  -9.774  -0.833  1.00 52.55 ? 37  C   A N3    1 
ATOM   803  C  C4    . C   A 1 37 ? -7.915  -10.785 -1.623  1.00 52.87 ? 37  C   A C4    1 
ATOM   804  N  N4    . C   A 1 37 ? -6.606  -10.946 -1.867  1.00 49.03 ? 37  C   A N4    1 
ATOM   805  C  C5    . C   A 1 37 ? -8.870  -11.669 -2.205  1.00 52.88 ? 37  C   A C5    1 
ATOM   806  C  C6    . C   A 1 37 ? -10.162 -11.456 -1.930  1.00 55.03 ? 37  C   A C6    1 
ATOM   807  P  P     . U   A 1 38 ? -13.650 -7.826  -4.583  1.00 68.62 ? 38  U   A P     1 
ATOM   808  O  OP1   . U   A 1 38 ? -14.897 -7.338  -5.234  1.00 72.83 ? 38  U   A OP1   1 
ATOM   809  O  OP2   . U   A 1 38 ? -12.562 -8.391  -5.440  1.00 64.18 ? 38  U   A OP2   1 
ATOM   810  O  "O5'" . U   A 1 38 ? -13.058 -6.691  -3.640  1.00 60.71 ? 38  U   A "O5'" 1 
ATOM   811  C  "C5'" . U   A 1 38 ? -13.910 -5.955  -2.781  1.00 59.34 ? 38  U   A "C5'" 1 
ATOM   812  C  "C4'" . U   A 1 38 ? -13.138 -4.940  -1.987  1.00 58.66 ? 38  U   A "C4'" 1 
ATOM   813  O  "O4'" . U   A 1 38 ? -12.134 -5.605  -1.182  1.00 54.86 ? 38  U   A "O4'" 1 
ATOM   814  C  "C3'" . U   A 1 38 ? -12.326 -3.939  -2.788  1.00 53.06 ? 38  U   A "C3'" 1 
ATOM   815  O  "O3'" . U   A 1 38 ? -13.112 -2.912  -3.376  1.00 55.29 ? 38  U   A "O3'" 1 
ATOM   816  C  "C2'" . U   A 1 38 ? -11.337 -3.437  -1.745  1.00 52.48 ? 38  U   A "C2'" 1 
ATOM   817  O  "O2'" . U   A 1 38 ? -11.955 -2.501  -0.872  1.00 60.51 ? 38  U   A "O2'" 1 
ATOM   818  C  "C1'" . U   A 1 38 ? -11.056 -4.717  -0.955  1.00 53.71 ? 38  U   A "C1'" 1 
ATOM   819  N  N1    . U   A 1 38 ? -9.792  -5.359  -1.377  1.00 51.55 ? 38  U   A N1    1 
ATOM   820  C  C2    . U   A 1 38 ? -8.674  -4.838  -0.779  1.00 48.09 ? 38  U   A C2    1 
ATOM   821  O  O2    . U   A 1 38 ? -8.753  -3.934  0.041   1.00 47.57 ? 38  U   A O2    1 
ATOM   822  N  N3    . U   A 1 38 ? -7.484  -5.418  -1.160  1.00 46.05 ? 38  U   A N3    1 
ATOM   823  C  C4    . U   A 1 38 ? -7.300  -6.439  -2.082  1.00 49.91 ? 38  U   A C4    1 
ATOM   824  O  O4    . U   A 1 38 ? -6.149  -6.845  -2.336  1.00 41.27 ? 38  U   A O4    1 
ATOM   825  C  C5    . U   A 1 38 ? -8.519  -6.925  -2.665  1.00 47.81 ? 38  U   A C5    1 
ATOM   826  C  C6    . U   A 1 38 ? -9.690  -6.373  -2.307  1.00 52.43 ? 38  U   A C6    1 
ATOM   827  P  P     . G   A 1 39 ? -12.673 -2.247  -4.784  1.00 55.68 ? 39  G   A P     1 
ATOM   828  O  OP1   . G   A 1 39 ? -13.786 -1.351  -5.204  1.00 59.64 ? 39  G   A OP1   1 
ATOM   829  O  OP2   . G   A 1 39 ? -12.260 -3.358  -5.697  1.00 52.84 ? 39  G   A OP2   1 
ATOM   830  O  "O5'" . G   A 1 39 ? -11.398 -1.374  -4.378  1.00 55.33 ? 39  G   A "O5'" 1 
ATOM   831  C  "C5'" . G   A 1 39 ? -11.513 -0.321  -3.430  1.00 57.08 ? 39  G   A "C5'" 1 
ATOM   832  C  "C4'" . G   A 1 39 ? -10.163 0.231   -3.034  1.00 50.25 ? 39  G   A "C4'" 1 
ATOM   833  O  "O4'" . G   A 1 39 ? -9.412  -0.773  -2.310  1.00 48.74 ? 39  G   A "O4'" 1 
ATOM   834  C  "C3'" . G   A 1 39 ? -9.239  0.646   -4.175  1.00 49.60 ? 39  G   A "C3'" 1 
ATOM   835  O  "O3'" . G   A 1 39 ? -9.557  1.936   -4.695  1.00 48.83 ? 39  G   A "O3'" 1 
ATOM   836  C  "C2'" . G   A 1 39 ? -7.853  0.566   -3.521  1.00 46.17 ? 39  G   A "C2'" 1 
ATOM   837  O  "O2'" . G   A 1 39 ? -7.567  1.740   -2.774  1.00 49.07 ? 39  G   A "O2'" 1 
ATOM   838  C  "C1'" . G   A 1 39 ? -8.027  -0.604  -2.539  1.00 46.70 ? 39  G   A "C1'" 1 
ATOM   839  N  N9    . G   A 1 39 ? -7.480  -1.853  -3.095  1.00 42.96 ? 39  G   A N9    1 
ATOM   840  C  C8    . G   A 1 39 ? -8.182  -2.815  -3.786  1.00 43.88 ? 39  G   A C8    1 
ATOM   841  N  N7    . G   A 1 39 ? -7.421  -3.800  -4.190  1.00 47.94 ? 39  G   A N7    1 
ATOM   842  C  C5    . G   A 1 39 ? -6.144  -3.451  -3.766  1.00 40.52 ? 39  G   A C5    1 
ATOM   843  C  C6    . G   A 1 39 ? -4.915  -4.118  -3.946  1.00 39.16 ? 39  G   A C6    1 
ATOM   844  O  O6    . G   A 1 39 ? -4.705  -5.192  -4.533  1.00 44.96 ? 39  G   A O6    1 
ATOM   845  N  N1    . G   A 1 39 ? -3.855  -3.434  -3.364  1.00 40.13 ? 39  G   A N1    1 
ATOM   846  C  C2    . G   A 1 39 ? -3.961  -2.236  -2.704  1.00 41.62 ? 39  G   A C2    1 
ATOM   847  N  N2    . G   A 1 39 ? -2.818  -1.729  -2.231  1.00 38.38 ? 39  G   A N2    1 
ATOM   848  N  N3    . G   A 1 39 ? -5.111  -1.591  -2.535  1.00 46.74 ? 39  G   A N3    1 
ATOM   849  C  C4    . G   A 1 39 ? -6.159  -2.252  -3.091  1.00 41.24 ? 39  G   A C4    1 
ATOM   850  P  P     . A   A 1 40 ? -9.357  2.292   -6.264  1.00 48.34 ? 40  A   A P     1 
ATOM   851  O  OP1   . A   A 1 40 ? -9.747  3.725   -6.428  1.00 45.87 ? 40  A   A OP1   1 
ATOM   852  O  OP2   . A   A 1 40 ? -10.069 1.268   -7.059  1.00 45.99 ? 40  A   A OP2   1 
ATOM   853  O  "O5'" . A   A 1 40 ? -7.788  2.118   -6.486  1.00 46.91 ? 40  A   A "O5'" 1 
ATOM   854  C  "C5'" . A   A 1 40 ? -6.855  3.120   -6.094  1.00 38.58 ? 40  A   A "C5'" 1 
ATOM   855  C  "C4'" . A   A 1 40 ? -5.475  2.536   -6.023  1.00 43.53 ? 40  A   A "C4'" 1 
ATOM   856  O  "O4'" . A   A 1 40 ? -5.089  2.050   -7.335  1.00 41.39 ? 40  A   A "O4'" 1 
ATOM   857  C  "C3'" . A   A 1 40 ? -4.357  3.466   -5.544  1.00 41.12 ? 40  A   A "C3'" 1 
ATOM   858  O  "O3'" . A   A 1 40 ? -3.615  2.810   -4.514  1.00 40.87 ? 40  A   A "O3'" 1 
ATOM   859  C  "C2'" . A   A 1 40 ? -3.469  3.627   -6.787  1.00 40.06 ? 40  A   A "C2'" 1 
ATOM   860  O  "O2'" . A   A 1 40 ? -2.089  3.783   -6.510  1.00 42.97 ? 40  A   A "O2'" 1 
ATOM   861  C  "C1'" . A   A 1 40 ? -3.736  2.328   -7.540  1.00 41.24 ? 40  A   A "C1'" 1 
ATOM   862  N  N9    . A   A 1 40 ? -3.481  2.411   -8.979  1.00 42.60 ? 40  A   A N9    1 
ATOM   863  C  C8    . A   A 1 40 ? -3.948  3.341   -9.876  1.00 40.76 ? 40  A   A C8    1 
ATOM   864  N  N7    . A   A 1 40 ? -3.489  3.158   -11.097 1.00 40.71 ? 40  A   A N7    1 
ATOM   865  C  C5    . A   A 1 40 ? -2.663  2.060   -10.998 1.00 38.59 ? 40  A   A C5    1 
ATOM   866  C  C6    . A   A 1 40 ? -1.886  1.369   -11.943 1.00 43.09 ? 40  A   A C6    1 
ATOM   867  N  N6    . A   A 1 40 ? -1.810  1.723   -13.242 1.00 43.46 ? 40  A   A N6    1 
ATOM   868  N  N1    . A   A 1 40 ? -1.164  0.300   -11.503 1.00 37.45 ? 40  A   A N1    1 
ATOM   869  C  C2    . A   A 1 40 ? -1.246  -0.036  -10.213 1.00 40.13 ? 40  A   A C2    1 
ATOM   870  N  N3    . A   A 1 40 ? -1.953  0.533   -9.231  1.00 42.47 ? 40  A   A N3    1 
ATOM   871  C  C4    . A   A 1 40 ? -2.649  1.586   -9.694  1.00 42.02 ? 40  A   A C4    1 
ATOM   872  P  P     . U   A 1 41 ? -3.976  3.043   -2.955  1.00 44.16 ? 41  U   A P     1 
ATOM   873  O  OP1   . U   A 1 41 ? -2.846  2.457   -2.155  1.00 41.74 ? 41  U   A OP1   1 
ATOM   874  O  OP2   . U   A 1 41 ? -5.360  2.524   -2.734  1.00 44.86 ? 41  U   A OP2   1 
ATOM   875  O  "O5'" . U   A 1 41 ? -3.976  4.627   -2.810  1.00 42.79 ? 41  U   A "O5'" 1 
ATOM   876  C  "C5'" . U   A 1 41 ? -2.879  5.402   -3.252  1.00 46.33 ? 41  U   A "C5'" 1 
ATOM   877  C  "C4'" . U   A 1 41 ? -2.871  6.757   -2.596  1.00 49.21 ? 41  U   A "C4'" 1 
ATOM   878  O  "O4'" . U   A 1 41 ? -4.109  7.467   -2.882  1.00 50.85 ? 41  U   A "O4'" 1 
ATOM   879  C  "C3'" . U   A 1 41 ? -2.794  6.750   -1.083  1.00 45.05 ? 41  U   A "C3'" 1 
ATOM   880  O  "O3'" . U   A 1 41 ? -1.475  6.533   -0.621  1.00 48.17 ? 41  U   A "O3'" 1 
ATOM   881  C  "C2'" . U   A 1 41 ? -3.345  8.125   -0.738  1.00 52.79 ? 41  U   A "C2'" 1 
ATOM   882  O  "O2'" . U   A 1 41 ? -2.377  9.134   -1.007  1.00 56.79 ? 41  U   A "O2'" 1 
ATOM   883  C  "C1'" . U   A 1 41 ? -4.470  8.252   -1.769  1.00 53.58 ? 41  U   A "C1'" 1 
ATOM   884  N  N1    . U   A 1 41 ? -5.751  7.748   -1.240  1.00 58.41 ? 41  U   A N1    1 
ATOM   885  C  C2    . U   A 1 41 ? -6.412  8.552   -0.330  1.00 63.04 ? 41  U   A C2    1 
ATOM   886  O  O2    . U   A 1 41 ? -5.984  9.642   0.025   1.00 66.36 ? 41  U   A O2    1 
ATOM   887  N  N3    . U   A 1 41 ? -7.586  8.032   0.145   1.00 63.55 ? 41  U   A N3    1 
ATOM   888  C  C4    . U   A 1 41 ? -8.156  6.815   -0.195  1.00 63.01 ? 41  U   A C4    1 
ATOM   889  O  O4    . U   A 1 41 ? -9.224  6.486   0.319   1.00 66.65 ? 41  U   A O4    1 
ATOM   890  C  C5    . U   A 1 41 ? -7.417  6.041   -1.141  1.00 55.19 ? 41  U   A C5    1 
ATOM   891  C  C6    . U   A 1 41 ? -6.259  6.527   -1.618  1.00 58.19 ? 41  U   A C6    1 
ATOM   892  P  P     . G   A 1 42 ? -1.142  5.344   0.399   1.00 42.43 ? 42  G   A P     1 
ATOM   893  O  OP1   . G   A 1 42 ? 0.334   5.180   0.386   1.00 43.14 ? 42  G   A OP1   1 
ATOM   894  O  OP2   . G   A 1 42 ? -1.997  4.176   0.035   1.00 43.74 ? 42  G   A OP2   1 
ATOM   895  O  "O5'" . G   A 1 42 ? -1.617  5.953   1.800   1.00 49.82 ? 42  G   A "O5'" 1 
ATOM   896  C  "C5'" . G   A 1 42 ? -1.931  5.120   2.914   1.00 45.29 ? 42  G   A "C5'" 1 
ATOM   897  C  "C4'" . G   A 1 42 ? -2.171  5.955   4.147   1.00 51.18 ? 42  G   A "C4'" 1 
ATOM   898  O  "O4'" . G   A 1 42 ? -0.925  6.601   4.526   1.00 60.76 ? 42  G   A "O4'" 1 
ATOM   899  C  "C3'" . G   A 1 42 ? -3.178  7.097   3.974   1.00 53.91 ? 42  G   A "C3'" 1 
ATOM   900  O  "O3'" . G   A 1 42 ? -4.507  6.700   4.298   1.00 52.17 ? 42  G   A "O3'" 1 
ATOM   901  C  "C2'" . G   A 1 42 ? -2.641  8.209   4.875   1.00 54.95 ? 42  G   A "C2'" 1 
ATOM   902  O  "O2'" . G   A 1 42 ? -3.082  8.029   6.214   1.00 57.34 ? 42  G   A "O2'" 1 
ATOM   903  C  "C1'" . G   A 1 42 ? -1.138  7.957   4.841   1.00 55.91 ? 42  G   A "C1'" 1 
ATOM   904  N  N9    . G   A 1 42 ? -0.425  8.798   3.852   1.00 54.18 ? 42  G   A N9    1 
ATOM   905  C  C8    . G   A 1 42 ? 0.386   8.327   2.843   1.00 53.73 ? 42  G   A C8    1 
ATOM   906  N  N7    . G   A 1 42 ? 0.955   9.269   2.131   1.00 51.20 ? 42  G   A N7    1 
ATOM   907  C  C5    . G   A 1 42 ? 0.498   10.445  2.711   1.00 53.90 ? 42  G   A C5    1 
ATOM   908  C  C6    . G   A 1 42 ? 0.777   11.792  2.358   1.00 57.27 ? 42  G   A C6    1 
ATOM   909  O  O6    . G   A 1 42 ? 1.501   12.215  1.443   1.00 53.06 ? 42  G   A O6    1 
ATOM   910  N  N1    . G   A 1 42 ? 0.120   12.680  3.201   1.00 58.83 ? 42  G   A N1    1 
ATOM   911  C  C2    . G   A 1 42 ? -0.705  12.322  4.243   1.00 64.70 ? 42  G   A C2    1 
ATOM   912  N  N2    . G   A 1 42 ? -1.245  13.338  4.937   1.00 67.36 ? 42  G   A N2    1 
ATOM   913  N  N3    . G   A 1 42 ? -0.971  11.067  4.585   1.00 64.01 ? 42  G   A N3    1 
ATOM   914  C  C4    . G   A 1 42 ? -0.339  10.180  3.781   1.00 58.64 ? 42  G   A C4    1 
ATOM   915  P  P     . G   A 1 43 ? -5.692  6.801   3.212   1.00 56.63 ? 43  G   A P     1 
ATOM   916  O  OP1   . G   A 1 43 ? -6.824  5.985   3.729   1.00 62.53 ? 43  G   A OP1   1 
ATOM   917  O  OP2   . G   A 1 43 ? -5.118  6.455   1.894   1.00 52.43 ? 43  G   A OP2   1 
ATOM   918  O  "O5'" . G   A 1 43 ? -6.076  8.349   3.255   1.00 67.47 ? 43  G   A "O5'" 1 
ATOM   919  C  "C5'" . G   A 1 43 ? -6.615  8.921   4.438   1.00 65.07 ? 43  G   A "C5'" 1 
ATOM   920  C  "C4'" . G   A 1 43 ? -6.597  10.428  4.396   1.00 69.12 ? 43  G   A "C4'" 1 
ATOM   921  O  "O4'" . G   A 1 43 ? -5.230  10.909  4.428   1.00 70.27 ? 43  G   A "O4'" 1 
ATOM   922  C  "C3'" . G   A 1 43 ? -7.208  11.081  3.160   1.00 70.85 ? 43  G   A "C3'" 1 
ATOM   923  O  "O3'" . G   A 1 43 ? -8.633  11.162  3.236   1.00 67.06 ? 43  G   A "O3'" 1 
ATOM   924  C  "C2'" . G   A 1 43 ? -6.513  12.447  3.125   1.00 73.80 ? 43  G   A "C2'" 1 
ATOM   925  O  "O2'" . G   A 1 43 ? -7.161  13.365  3.993   1.00 79.29 ? 43  G   A "O2'" 1 
ATOM   926  C  "C1'" . G   A 1 43 ? -5.130  12.125  3.713   1.00 70.51 ? 43  G   A "C1'" 1 
ATOM   927  N  N9    . G   A 1 43 ? -4.090  11.979  2.675   1.00 67.53 ? 43  G   A N9    1 
ATOM   928  C  C8    . G   A 1 43 ? -3.603  10.796  2.171   1.00 63.56 ? 43  G   A C8    1 
ATOM   929  N  N7    . G   A 1 43 ? -2.676  10.964  1.270   1.00 64.94 ? 43  G   A N7    1 
ATOM   930  C  C5    . G   A 1 43 ? -2.528  12.340  1.178   1.00 66.45 ? 43  G   A C5    1 
ATOM   931  C  C6    . G   A 1 43 ? -1.656  13.114  0.371   1.00 66.39 ? 43  G   A C6    1 
ATOM   932  O  O6    . G   A 1 43 ? -0.822  12.721  -0.454  1.00 61.71 ? 43  G   A O6    1 
ATOM   933  N  N1    . G   A 1 43 ? -1.840  14.478  0.596   1.00 71.75 ? 43  G   A N1    1 
ATOM   934  C  C2    . G   A 1 43 ? -2.735  15.032  1.491   1.00 71.13 ? 43  G   A C2    1 
ATOM   935  N  N2    . G   A 1 43 ? -2.764  16.378  1.565   1.00 71.61 ? 43  G   A N2    1 
ATOM   936  N  N3    . G   A 1 43 ? -3.544  14.312  2.254   1.00 68.36 ? 43  G   A N3    1 
ATOM   937  C  C4    . G   A 1 43 ? -3.390  12.986  2.047   1.00 67.40 ? 43  G   A C4    1 
ATOM   938  P  P     . C   A 1 44 ? -9.543  11.312  1.904   1.00 77.63 ? 44  C   A P     1 
ATOM   939  O  OP1   . C   A 1 44 ? -10.962 11.331  2.353   1.00 85.87 ? 44  C   A OP1   1 
ATOM   940  O  OP2   . C   A 1 44 ? -9.118  10.262  0.944   1.00 72.38 ? 44  C   A OP2   1 
ATOM   941  O  "O5'" . C   A 1 44 ? -9.135  12.747  1.346   1.00 82.44 ? 44  C   A "O5'" 1 
ATOM   942  C  "C5'" . C   A 1 44 ? -9.603  13.936  1.968   1.00 80.04 ? 44  C   A "C5'" 1 
ATOM   943  C  "C4'" . C   A 1 44 ? -9.225  15.157  1.171   1.00 77.37 ? 44  C   A "C4'" 1 
ATOM   944  O  "O4'" . C   A 1 44 ? -7.798  15.381  1.265   1.00 80.64 ? 44  C   A "O4'" 1 
ATOM   945  C  "C3'" . C   A 1 44 ? -9.491  15.083  -0.324  1.00 83.71 ? 44  C   A "C3'" 1 
ATOM   946  O  "O3'" . C   A 1 44 ? -10.836 15.373  -0.650  1.00 88.25 ? 44  C   A "O3'" 1 
ATOM   947  C  "C2'" . C   A 1 44 ? -8.499  16.089  -0.894  1.00 83.68 ? 44  C   A "C2'" 1 
ATOM   948  O  "O2'" . C   A 1 44 ? -8.991  17.414  -0.754  1.00 84.87 ? 44  C   A "O2'" 1 
ATOM   949  C  "C1'" . C   A 1 44 ? -7.310  15.912  0.051   1.00 80.56 ? 44  C   A "C1'" 1 
ATOM   950  N  N1    . C   A 1 44 ? -6.296  14.982  -0.495  1.00 82.43 ? 44  C   A N1    1 
ATOM   951  C  C2    . C   A 1 44 ? -5.330  15.496  -1.361  1.00 79.12 ? 44  C   A C2    1 
ATOM   952  O  O2    . C   A 1 44 ? -5.363  16.707  -1.639  1.00 81.42 ? 44  C   A O2    1 
ATOM   953  N  N3    . C   A 1 44 ? -4.391  14.659  -1.871  1.00 78.03 ? 44  C   A N3    1 
ATOM   954  C  C4    . C   A 1 44 ? -4.392  13.362  -1.540  1.00 74.24 ? 44  C   A C4    1 
ATOM   955  N  N4    . C   A 1 44 ? -3.449  12.575  -2.063  1.00 64.76 ? 44  C   A N4    1 
ATOM   956  C  C5    . C   A 1 44 ? -5.370  12.813  -0.662  1.00 74.25 ? 44  C   A C5    1 
ATOM   957  C  C6    . C   A 1 44 ? -6.287  13.650  -0.166  1.00 77.93 ? 44  C   A C6    1 
ATOM   958  P  P     . C   A 1 45 ? -11.501 14.774  -1.986  1.00 99.83 ? 45  C   A P     1 
ATOM   959  O  OP1   . C   A 1 45 ? -12.309 15.870  -2.599  1.00 99.39 ? 45  C   A OP1   1 
ATOM   960  O  OP2   . C   A 1 45 ? -12.184 13.505  -1.602  1.00 87.99 ? 45  C   A OP2   1 
ATOM   961  O  "O5'" . C   A 1 45 ? -10.245 14.456  -2.907  1.00 80.31 ? 45  C   A "O5'" 1 
ATOM   962  C  "C5'" . C   A 1 45 ? -10.377 14.389  -4.316  1.00 80.07 ? 45  C   A "C5'" 1 
ATOM   963  C  "C4'" . C   A 1 45 ? -9.381  15.288  -4.999  1.00 81.90 ? 45  C   A "C4'" 1 
ATOM   964  O  "O4'" . C   A 1 45 ? -8.142  15.298  -4.237  1.00 84.19 ? 45  C   A "O4'" 1 
ATOM   965  C  "C3'" . C   A 1 45 ? -8.966  14.873  -6.404  1.00 77.90 ? 45  C   A "C3'" 1 
ATOM   966  O  "O3'" . C   A 1 45 ? -9.864  15.323  -7.403  1.00 78.03 ? 45  C   A "O3'" 1 
ATOM   967  C  "C2'" . C   A 1 45 ? -7.561  15.453  -6.539  1.00 77.61 ? 45  C   A "C2'" 1 
ATOM   968  O  "O2'" . C   A 1 45 ? -7.613  16.833  -6.876  1.00 68.52 ? 45  C   A "O2'" 1 
ATOM   969  C  "C1'" . C   A 1 45 ? -7.032  15.315  -5.108  1.00 80.11 ? 45  C   A "C1'" 1 
ATOM   970  N  N1    . C   A 1 45 ? -6.257  14.053  -4.910  1.00 77.18 ? 45  C   A N1    1 
ATOM   971  C  C2    . C   A 1 45 ? -4.953  13.968  -5.413  1.00 72.53 ? 45  C   A C2    1 
ATOM   972  O  O2    . C   A 1 45 ? -4.474  14.944  -6.016  1.00 73.74 ? 45  C   A O2    1 
ATOM   973  N  N3    . C   A 1 45 ? -4.242  12.823  -5.240  1.00 71.88 ? 45  C   A N3    1 
ATOM   974  C  C4    . C   A 1 45 ? -4.771  11.775  -4.592  1.00 75.42 ? 45  C   A C4    1 
ATOM   975  N  N4    . C   A 1 45 ? -4.018  10.673  -4.448  1.00 63.61 ? 45  C   A N4    1 
ATOM   976  C  C5    . C   A 1 45 ? -6.101  11.825  -4.059  1.00 76.08 ? 45  C   A C5    1 
ATOM   977  C  C6    . C   A 1 45 ? -6.789  12.971  -4.244  1.00 78.44 ? 45  C   A C6    1 
ATOM   978  P  P     . U   A 1 46 ? -10.281 14.345  -8.607  1.00 90.28 ? 46  U   A P     1 
ATOM   979  O  OP1   . U   A 1 46 ? -11.518 14.902  -9.216  1.00 91.67 ? 46  U   A OP1   1 
ATOM   980  O  OP2   . U   A 1 46 ? -10.317 12.962  -8.050  1.00 79.99 ? 46  U   A OP2   1 
ATOM   981  O  "O5'" . U   A 1 46 ? -9.063  14.490  -9.624  1.00 77.51 ? 46  U   A "O5'" 1 
ATOM   982  C  "C5'" . U   A 1 46 ? -8.783  15.725  -10.263 1.00 68.50 ? 46  U   A "C5'" 1 
ATOM   983  C  "C4'" . U   A 1 46 ? -7.468  15.675  -11.001 1.00 66.48 ? 46  U   A "C4'" 1 
ATOM   984  O  "O4'" . U   A 1 46 ? -6.376  15.589  -10.045 1.00 65.63 ? 46  U   A "O4'" 1 
ATOM   985  C  "C3'" . U   A 1 46 ? -7.251  14.474  -11.908 1.00 66.19 ? 46  U   A "C3'" 1 
ATOM   986  O  "O3'" . U   A 1 46 ? -7.886  14.590  -13.163 1.00 63.78 ? 46  U   A "O3'" 1 
ATOM   987  C  "C2'" . U   A 1 46 ? -5.736  14.404  -12.002 1.00 68.64 ? 46  U   A "C2'" 1 
ATOM   988  O  "O2'" . U   A 1 46 ? -5.239  15.386  -12.899 1.00 71.00 ? 46  U   A "O2'" 1 
ATOM   989  C  "C1'" . U   A 1 46 ? -5.333  14.796  -10.581 1.00 65.61 ? 46  U   A "C1'" 1 
ATOM   990  N  N1    . U   A 1 46 ? -5.139  13.600  -9.716  1.00 68.15 ? 46  U   A N1    1 
ATOM   991  C  C2    . U   A 1 46 ? -3.962  12.883  -9.890  1.00 62.35 ? 46  U   A C2    1 
ATOM   992  O  O2    . U   A 1 46 ? -3.098  13.203  -10.693 1.00 62.62 ? 46  U   A O2    1 
ATOM   993  N  N3    . U   A 1 46 ? -3.819  11.777  -9.087  1.00 58.97 ? 46  U   A N3    1 
ATOM   994  C  C4    . U   A 1 46 ? -4.729  11.322  -8.150  1.00 63.83 ? 46  U   A C4    1 
ATOM   995  O  O4    . U   A 1 46 ? -4.471  10.317  -7.489  1.00 61.61 ? 46  U   A O4    1 
ATOM   996  C  C5    . U   A 1 46 ? -5.921  12.103  -8.032  1.00 63.84 ? 46  U   A C5    1 
ATOM   997  C  C6    . U   A 1 46 ? -6.080  13.185  -8.798  1.00 67.81 ? 46  U   A C6    1 
ATOM   998  P  P     . C   A 1 47 ? -8.358  13.272  -13.946 1.00 62.82 ? 47  C   A P     1 
ATOM   999  O  OP1   . C   A 1 47 ? -9.196  13.714  -15.097 1.00 74.44 ? 47  C   A OP1   1 
ATOM   1000 O  OP2   . C   A 1 47 ? -8.956  12.361  -12.937 1.00 68.99 ? 47  C   A OP2   1 
ATOM   1001 O  "O5'" . C   A 1 47 ? -6.999  12.666  -14.481 1.00 57.52 ? 47  C   A "O5'" 1 
ATOM   1002 C  "C5'" . C   A 1 47 ? -6.255  13.332  -15.476 1.00 67.01 ? 47  C   A "C5'" 1 
ATOM   1003 C  "C4'" . C   A 1 47 ? -4.927  12.670  -15.689 1.00 62.92 ? 47  C   A "C4'" 1 
ATOM   1004 O  "O4'" . C   A 1 47 ? -4.194  12.651  -14.435 1.00 56.79 ? 47  C   A "O4'" 1 
ATOM   1005 C  "C3'" . C   A 1 47 ? -4.975  11.210  -16.090 1.00 65.71 ? 47  C   A "C3'" 1 
ATOM   1006 O  "O3'" . C   A 1 47 ? -5.281  10.995  -17.459 1.00 62.91 ? 47  C   A "O3'" 1 
ATOM   1007 C  "C2'" . C   A 1 47 ? -3.596  10.717  -15.670 1.00 61.07 ? 47  C   A "C2'" 1 
ATOM   1008 O  "O2'" . C   A 1 47 ? -2.596  11.152  -16.580 1.00 54.36 ? 47  C   A "O2'" 1 
ATOM   1009 C  "C1'" . C   A 1 47 ? -3.412  11.477  -14.360 1.00 58.97 ? 47  C   A "C1'" 1 
ATOM   1010 N  N1    . C   A 1 47 ? -3.860  10.676  -13.195 1.00 59.86 ? 47  C   A N1    1 
ATOM   1011 C  C2    . C   A 1 47 ? -2.988  9.670   -12.787 1.00 55.47 ? 47  C   A C2    1 
ATOM   1012 O  O2    . C   A 1 47 ? -1.917  9.535   -13.413 1.00 51.46 ? 47  C   A O2    1 
ATOM   1013 N  N3    . C   A 1 47 ? -3.328  8.882   -11.735 1.00 51.13 ? 47  C   A N3    1 
ATOM   1014 C  C4    . C   A 1 47 ? -4.471  9.081   -11.097 1.00 50.23 ? 47  C   A C4    1 
ATOM   1015 N  N4    . C   A 1 47 ? -4.723  8.281   -10.062 1.00 45.80 ? 47  C   A N4    1 
ATOM   1016 C  C5    . C   A 1 47 ? -5.394  10.100  -11.497 1.00 58.15 ? 47  C   A C5    1 
ATOM   1017 C  C6    . C   A 1 47 ? -5.048  10.871  -12.543 1.00 59.89 ? 47  C   A C6    1 
ATOM   1018 P  P     . U   A 1 48 ? -6.158  9.711   -17.875 1.00 63.06 ? 48  U   A P     1 
ATOM   1019 O  OP1   . U   A 1 48 ? -6.508  9.853   -19.312 1.00 67.36 ? 48  U   A OP1   1 
ATOM   1020 O  OP2   . U   A 1 48 ? -7.256  9.597   -16.874 1.00 59.27 ? 48  U   A OP2   1 
ATOM   1021 O  "O5'" . U   A 1 48 ? -5.129  8.509   -17.690 1.00 60.98 ? 48  U   A "O5'" 1 
ATOM   1022 C  "C5'" . U   A 1 48 ? -4.000  8.385   -18.535 1.00 59.58 ? 48  U   A "C5'" 1 
ATOM   1023 C  "C4'" . U   A 1 48 ? -3.097  7.271   -18.081 1.00 60.79 ? 48  U   A "C4'" 1 
ATOM   1024 O  "O4'" . U   A 1 48 ? -2.679  7.505   -16.703 1.00 59.59 ? 48  U   A "O4'" 1 
ATOM   1025 C  "C3'" . U   A 1 48 ? -3.728  5.895   -18.031 1.00 60.75 ? 48  U   A "C3'" 1 
ATOM   1026 O  "O3'" . U   A 1 48 ? -3.820  5.270   -19.298 1.00 66.71 ? 48  U   A "O3'" 1 
ATOM   1027 C  "C2'" . U   A 1 48 ? -2.835  5.165   -17.041 1.00 51.76 ? 48  U   A "C2'" 1 
ATOM   1028 O  "O2'" . U   A 1 48 ? -1.596  4.825   -17.649 1.00 54.78 ? 48  U   A "O2'" 1 
ATOM   1029 C  "C1'" . U   A 1 48 ? -2.580  6.271   -16.021 1.00 50.15 ? 48  U   A "C1'" 1 
ATOM   1030 N  N1    . U   A 1 48 ? -3.577  6.258   -14.900 1.00 50.73 ? 48  U   A N1    1 
ATOM   1031 C  C2    . U   A 1 48 ? -3.373  5.306   -13.901 1.00 48.37 ? 48  U   A C2    1 
ATOM   1032 O  O2    . U   A 1 48 ? -2.454  4.504   -13.935 1.00 45.59 ? 48  U   A O2    1 
ATOM   1033 N  N3    . U   A 1 48 ? -4.272  5.308   -12.859 1.00 43.94 ? 48  U   A N3    1 
ATOM   1034 C  C4    . U   A 1 48 ? -5.357  6.137   -12.688 1.00 50.35 ? 48  U   A C4    1 
ATOM   1035 O  O4    . U   A 1 48 ? -6.066  5.992   -11.679 1.00 42.25 ? 48  U   A O4    1 
ATOM   1036 C  C5    . U   A 1 48 ? -5.510  7.111   -13.748 1.00 49.16 ? 48  U   A C5    1 
ATOM   1037 C  C6    . U   A 1 48 ? -4.641  7.127   -14.785 1.00 48.74 ? 48  U   A C6    1 
ATOM   1038 P  P     . A   A 1 49 ? -5.165  4.463   -19.687 1.00 69.04 ? 49  A   A P     1 
ATOM   1039 O  OP1   . A   A 1 49 ? -5.118  4.210   -21.152 1.00 60.63 ? 49  A   A OP1   1 
ATOM   1040 O  OP2   . A   A 1 49 ? -6.322  5.232   -19.119 1.00 54.27 ? 49  A   A OP2   1 
ATOM   1041 O  "O5'" . A   A 1 49 ? -4.982  3.093   -18.906 1.00 60.48 ? 49  A   A "O5'" 1 
ATOM   1042 C  "C5'" . A   A 1 49 ? -3.918  2.217   -19.244 1.00 59.59 ? 49  A   A "C5'" 1 
ATOM   1043 C  "C4'" . A   A 1 49 ? -3.806  1.076   -18.271 1.00 63.30 ? 49  A   A "C4'" 1 
ATOM   1044 O  "O4'" . A   A 1 49 ? -3.415  1.572   -16.957 1.00 56.66 ? 49  A   A "O4'" 1 
ATOM   1045 C  "C3'" . A   A 1 49 ? -5.083  0.299   -17.990 1.00 57.56 ? 49  A   A "C3'" 1 
ATOM   1046 O  "O3'" . A   A 1 49 ? -5.429  -0.606  -19.032 1.00 61.51 ? 49  A   A "O3'" 1 
ATOM   1047 C  "C2'" . A   A 1 49 ? -4.733  -0.388  -16.677 1.00 58.62 ? 49  A   A "C2'" 1 
ATOM   1048 O  "O2'" . A   A 1 49 ? -3.828  -1.460  -16.913 1.00 58.69 ? 49  A   A "O2'" 1 
ATOM   1049 C  "C1'" . A   A 1 49 ? -3.968  0.731   -15.960 1.00 54.94 ? 49  A   A "C1'" 1 
ATOM   1050 N  N9    . A   A 1 49 ? -4.842  1.538   -15.075 1.00 50.07 ? 49  A   A N9    1 
ATOM   1051 C  C8    . A   A 1 49 ? -5.438  2.748   -15.332 1.00 49.40 ? 49  A   A C8    1 
ATOM   1052 N  N7    . A   A 1 49 ? -6.148  3.206   -14.316 1.00 51.19 ? 49  A   A N7    1 
ATOM   1053 C  C5    . A   A 1 49 ? -6.000  2.235   -13.324 1.00 46.94 ? 49  A   A C5    1 
ATOM   1054 C  C6    . A   A 1 49 ? -6.500  2.131   -12.011 1.00 49.22 ? 49  A   A C6    1 
ATOM   1055 N  N6    . A   A 1 49 ? -7.285  3.053   -11.425 1.00 50.02 ? 49  A   A N6    1 
ATOM   1056 N  N1    . A   A 1 49 ? -6.169  1.026   -11.303 1.00 45.67 ? 49  A   A N1    1 
ATOM   1057 C  C2    . A   A 1 49 ? -5.383  0.094   -11.866 1.00 45.98 ? 49  A   A C2    1 
ATOM   1058 N  N3    . A   A 1 49 ? -4.854  0.078   -13.090 1.00 48.91 ? 49  A   A N3    1 
ATOM   1059 C  C4    . A   A 1 49 ? -5.196  1.201   -13.775 1.00 48.39 ? 49  A   A C4    1 
ATOM   1060 P  P     . C   A 1 50 ? -6.982  -0.803  -19.480 1.00 77.61 ? 50  C   A P     1 
ATOM   1061 O  OP1   . C   A 1 50 ? -6.968  -1.540  -20.773 1.00 74.50 ? 50  C   A OP1   1 
ATOM   1062 O  OP2   . C   A 1 50 ? -7.646  0.535   -19.419 1.00 51.10 ? 50  C   A OP2   1 
ATOM   1063 O  "O5'" . C   A 1 50 ? -7.577  -1.736  -18.338 1.00 54.03 ? 50  C   A "O5'" 1 
ATOM   1064 C  "C5'" . C   A 1 50 ? -6.842  -2.836  -17.814 1.00 63.92 ? 50  C   A "C5'" 1 
ATOM   1065 C  "C4'" . C   A 1 50 ? -7.484  -3.353  -16.552 1.00 64.72 ? 50  C   A "C4'" 1 
ATOM   1066 O  "O4'" . C   A 1 50 ? -7.457  -2.295  -15.538 1.00 59.29 ? 50  C   A "O4'" 1 
ATOM   1067 C  "C3'" . C   A 1 50 ? -8.958  -3.747  -16.705 1.00 60.72 ? 50  C   A "C3'" 1 
ATOM   1068 O  "O3'" . C   A 1 50 ? -9.248  -4.845  -15.843 1.00 62.13 ? 50  C   A "O3'" 1 
ATOM   1069 C  "C2'" . C   A 1 50 ? -9.678  -2.503  -16.195 1.00 59.13 ? 50  C   A "C2'" 1 
ATOM   1070 O  "O2'" . C   A 1 50 ? -11.005 -2.712  -15.758 1.00 59.95 ? 50  C   A "O2'" 1 
ATOM   1071 C  "C1'" . C   A 1 50 ? -8.765  -2.104  -15.050 1.00 60.74 ? 50  C   A "C1'" 1 
ATOM   1072 N  N1    . C   A 1 50 ? -8.941  -0.708  -14.606 1.00 58.23 ? 50  C   A N1    1 
ATOM   1073 C  C2    . C   A 1 50 ? -9.156  -0.505  -13.235 1.00 56.05 ? 50  C   A C2    1 
ATOM   1074 O  O2    . C   A 1 50 ? -9.084  -1.490  -12.471 1.00 56.87 ? 50  C   A O2    1 
ATOM   1075 N  N3    . C   A 1 50 ? -9.387  0.751   -12.785 1.00 52.99 ? 50  C   A N3    1 
ATOM   1076 C  C4    . C   A 1 50 ? -9.446  1.770   -13.647 1.00 50.67 ? 50  C   A C4    1 
ATOM   1077 N  N4    . C   A 1 50 ? -9.666  2.995   -13.151 1.00 50.68 ? 50  C   A N4    1 
ATOM   1078 C  C5    . C   A 1 50 ? -9.270  1.583   -15.049 1.00 51.60 ? 50  C   A C5    1 
ATOM   1079 C  C6    . C   A 1 50 ? -9.036  0.338   -15.488 1.00 59.11 ? 50  C   A C6    1 
ATOM   1080 P  P     . U   A 1 51 ? -9.436  -6.320  -16.451 1.00 62.74 ? 51  U   A P     1 
ATOM   1081 O  OP1   . U   A 1 51 ? -9.728  -7.227  -15.307 1.00 65.55 ? 51  U   A OP1   1 
ATOM   1082 O  OP2   . U   A 1 51 ? -8.248  -6.603  -17.300 1.00 68.93 ? 51  U   A OP2   1 
ATOM   1083 O  "O5'" . U   A 1 51 ? -10.726 -6.158  -17.373 1.00 58.70 ? 51  U   A "O5'" 1 
ATOM   1084 C  "C5'" . U   A 1 51 ? -11.956 -5.669  -16.848 1.00 57.99 ? 51  U   A "C5'" 1 
ATOM   1085 C  "C4'" . U   A 1 51 ? -13.118 -6.550  -17.243 1.00 60.85 ? 51  U   A "C4'" 1 
ATOM   1086 O  "O4'" . U   A 1 51 ? -13.034 -6.852  -18.666 1.00 54.49 ? 51  U   A "O4'" 1 
ATOM   1087 C  "C3'" . U   A 1 51 ? -13.179 -7.903  -16.528 1.00 61.53 ? 51  U   A "C3'" 1 
ATOM   1088 O  "O3'" . U   A 1 51 ? -14.541 -8.296  -16.376 1.00 64.19 ? 51  U   A "O3'" 1 
ATOM   1089 C  "C2'" . U   A 1 51 ? -12.492 -8.831  -17.524 1.00 58.71 ? 51  U   A "C2'" 1 
ATOM   1090 O  "O2'" . U   A 1 51 ? -12.824 -10.198 -17.393 1.00 52.05 ? 51  U   A "O2'" 1 
ATOM   1091 C  "C1'" . U   A 1 51 ? -12.971 -8.256  -18.852 1.00 54.51 ? 51  U   A "C1'" 1 
ATOM   1092 N  N1    . U   A 1 51 ? -12.059 -8.543  -19.979 1.00 57.28 ? 51  U   A N1    1 
ATOM   1093 C  C2    . U   A 1 51 ? -12.420 -9.559  -20.856 1.00 54.87 ? 51  U   A C2    1 
ATOM   1094 O  O2    . U   A 1 51 ? -13.470 -10.187 -20.755 1.00 50.43 ? 51  U   A O2    1 
ATOM   1095 N  N3    . U   A 1 51 ? -11.510 -9.790  -21.863 1.00 52.41 ? 51  U   A N3    1 
ATOM   1096 C  C4    . U   A 1 51 ? -10.302 -9.117  -22.063 1.00 60.23 ? 51  U   A C4    1 
ATOM   1097 O  O4    . U   A 1 51 ? -9.562  -9.418  -23.006 1.00 59.71 ? 51  U   A O4    1 
ATOM   1098 C  C5    . U   A 1 51 ? -9.998  -8.098  -21.106 1.00 50.11 ? 51  U   A C5    1 
ATOM   1099 C  C6    . U   A 1 51 ? -10.867 -7.858  -20.119 1.00 56.99 ? 51  U   A C6    1 
ATOM   1100 P  P     . G   A 1 52 ? -15.412 -7.745  -15.143 1.00 69.75 ? 52  G   A P     1 
ATOM   1101 O  OP1   . G   A 1 52 ? -14.623 -8.008  -13.906 1.00 67.53 ? 52  G   A OP1   1 
ATOM   1102 O  OP2   . G   A 1 52 ? -16.764 -8.337  -15.266 1.00 69.26 ? 52  G   A OP2   1 
ATOM   1103 O  "O5'" . G   A 1 52 ? -15.477 -6.174  -15.422 1.00 62.27 ? 52  G   A "O5'" 1 
ATOM   1104 C  "C5'" . G   A 1 52 ? -16.517 -5.592  -16.212 1.00 63.77 ? 52  G   A "C5'" 1 
ATOM   1105 C  "C4'" . G   A 1 52 ? -16.429 -4.080  -16.201 1.00 60.56 ? 52  G   A "C4'" 1 
ATOM   1106 O  "O4'" . G   A 1 52 ? -15.139 -3.680  -16.735 1.00 65.45 ? 52  G   A "O4'" 1 
ATOM   1107 C  "C3'" . G   A 1 52 ? -17.497 -3.334  -17.009 1.00 65.94 ? 52  G   A "C3'" 1 
ATOM   1108 O  "O3'" . G   A 1 52 ? -17.928 -2.173  -16.292 1.00 67.82 ? 52  G   A "O3'" 1 
ATOM   1109 C  "C2'" . G   A 1 52 ? -16.761 -2.899  -18.281 1.00 65.68 ? 52  G   A "C2'" 1 
ATOM   1110 O  "O2'" . G   A 1 52 ? -17.228 -1.683  -18.829 1.00 70.45 ? 52  G   A "O2'" 1 
ATOM   1111 C  "C1'" . G   A 1 52 ? -15.300 -2.786  -17.821 1.00 61.58 ? 52  G   A "C1'" 1 
ATOM   1112 N  N9    . G   A 1 52 ? -14.313 -3.166  -18.846 1.00 59.02 ? 52  G   A N9    1 
ATOM   1113 C  C8    . G   A 1 52 ? -13.081 -2.584  -19.033 1.00 60.91 ? 52  G   A C8    1 
ATOM   1114 N  N7    . G   A 1 52 ? -12.370 -3.138  -19.984 1.00 58.28 ? 52  G   A N7    1 
ATOM   1115 C  C5    . G   A 1 52 ? -13.169 -4.169  -20.458 1.00 56.25 ? 52  G   A C5    1 
ATOM   1116 C  C6    . G   A 1 52 ? -12.918 -5.124  -21.487 1.00 58.04 ? 52  G   A C6    1 
ATOM   1117 O  O6    . G   A 1 52 ? -11.908 -5.231  -22.205 1.00 54.81 ? 52  G   A O6    1 
ATOM   1118 N  N1    . G   A 1 52 ? -13.987 -6.017  -21.647 1.00 51.52 ? 52  G   A N1    1 
ATOM   1119 C  C2    . G   A 1 52 ? -15.144 -5.979  -20.910 1.00 58.38 ? 52  G   A C2    1 
ATOM   1120 N  N2    . G   A 1 52 ? -16.077 -6.906  -21.200 1.00 59.13 ? 52  G   A N2    1 
ATOM   1121 N  N3    . G   A 1 52 ? -15.378 -5.095  -19.948 1.00 62.90 ? 52  G   A N3    1 
ATOM   1122 C  C4    . G   A 1 52 ? -14.363 -4.212  -19.763 1.00 58.62 ? 52  G   A C4    1 
HETATM 1123 IR IR    . IRI B 2 .  ? -6.382  -19.469 12.837  0.26 93.66 ? 101 IRI A IR    1 
HETATM 1124 IR IR    . IRI C 2 .  ? -2.981  -16.738 -0.938  0.34 88.40 ? 102 IRI A IR    1 
HETATM 1125 IR IR    . IRI D 2 .  ? 10.986  14.867  2.594   0.19 71.50 ? 103 IRI A IR    1 
HETATM 1126 IR IR    . IRI E 2 .  ? 0.252   8.554   -4.456  0.08 37.54 ? 104 IRI A IR    1 
HETATM 1127 K  K     . K   F 3 .  ? 3.481   1.685   -1.497  1.00 54.02 ? 105 K   A K     1 
HETATM 1128 F  F     . F   G 4 .  ? 0.056   3.244   -1.858  1.00 34.31 ? 106 F   A F     1 
HETATM 1129 MG MG    . MG  H 5 .  ? 17.465  7.328   3.026   1.00 69.34 ? 107 MG  A MG    1 
HETATM 1130 MG MG    . MG  I 5 .  ? 16.275  29.682  -1.458  1.00 73.51 ? 108 MG  A MG    1 
HETATM 1131 MG MG    . MG  J 5 .  ? 11.305  18.548  4.087   1.00 86.68 ? 109 MG  A MG    1 
HETATM 1132 MG MG    . MG  K 5 .  ? 1.057   2.892   -3.481  1.00 32.07 ? 110 MG  A MG    1 
HETATM 1133 MG MG    . MG  L 5 .  ? -9.343  -0.441  -8.505  1.00 49.57 ? 111 MG  A MG    1 
HETATM 1134 MG MG    . MG  M 5 .  ? -1.394  2.426   -0.864  1.00 37.42 ? 112 MG  A MG    1 
HETATM 1135 MG MG    . MG  N 5 .  ? 1.456   4.258   -0.999  1.00 32.81 ? 113 MG  A MG    1 
HETATM 1136 O  O     . HOH O 6 .  ? -5.229  -8.275  -4.861  1.00 54.90 ? 201 HOH A O     1 
HETATM 1137 O  O     . HOH O 6 .  ? 2.377   8.505   -5.782  1.00 43.34 ? 202 HOH A O     1 
HETATM 1138 O  O     . HOH O 6 .  ? 4.670   5.218   8.434   1.00 47.44 ? 203 HOH A O     1 
HETATM 1139 O  O     . HOH O 6 .  ? 10.956  13.245  10.744  1.00 55.92 ? 204 HOH A O     1 
HETATM 1140 O  O     . HOH O 6 .  ? 18.099  -1.563  4.536   1.00 62.91 ? 205 HOH A O     1 
HETATM 1141 O  O     . HOH O 6 .  ? -5.300  -17.786 11.309  1.00 64.81 ? 206 HOH A O     1 
HETATM 1142 O  O     . HOH O 6 .  ? -3.904  -19.899 12.910  1.00 62.66 ? 207 HOH A O     1 
HETATM 1143 O  O     . HOH O 6 .  ? -4.412  -22.191 12.831  1.00 58.80 ? 208 HOH A O     1 
HETATM 1144 O  O     . HOH O 6 .  ? 3.383   -27.273 13.723  1.00 52.90 ? 209 HOH A O     1 
HETATM 1145 O  O     . HOH O 6 .  ? -6.387  -30.780 12.276  1.00 63.00 ? 210 HOH A O     1 
HETATM 1146 O  O     . HOH O 6 .  ? 6.791   4.258   -2.516  1.00 41.05 ? 211 HOH A O     1 
HETATM 1147 O  O     . HOH O 6 .  ? 12.255  16.958  3.137   1.00 76.79 ? 212 HOH A O     1 
HETATM 1148 O  O     . HOH O 6 .  ? -8.351  -20.798 11.861  1.00 59.65 ? 213 HOH A O     1 
HETATM 1149 O  O     . HOH O 6 .  ? -10.868 -1.899  -8.175  1.00 57.33 ? 214 HOH A O     1 
HETATM 1150 O  O     . HOH O 6 .  ? -10.681 -11.166 -18.820 1.00 60.71 ? 215 HOH A O     1 
HETATM 1151 O  O     . HOH O 6 .  ? 17.485  28.818  1.177   1.00 60.73 ? 216 HOH A O     1 
HETATM 1152 O  O     . HOH O 6 .  ? 11.400  14.342  4.988   1.00 62.37 ? 217 HOH A O     1 
HETATM 1153 O  O     . HOH O 6 .  ? -2.197  -14.460 -0.390  1.00 76.18 ? 218 HOH A O     1 
HETATM 1154 O  O     . HOH O 6 .  ? 13.230  15.408  3.679   1.00 71.14 ? 219 HOH A O     1 
HETATM 1155 O  O     . HOH O 6 .  ? 13.314  19.144  4.165   1.00 74.58 ? 220 HOH A O     1 
HETATM 1156 O  O     . HOH O 6 .  ? -7.482  0.583   -8.330  1.00 48.80 ? 221 HOH A O     1 
HETATM 1157 O  O     . HOH O 6 .  ? -2.803  1.449   0.381   1.00 39.86 ? 222 HOH A O     1 
HETATM 1158 O  O     . HOH O 6 .  ? -8.366  -1.393  -6.892  1.00 42.75 ? 223 HOH A O     1 
HETATM 1159 O  O     . HOH O 6 .  ? -9.742  0.495   -10.326 1.00 48.31 ? 224 HOH A O     1 
HETATM 1160 O  O     . HOH O 6 .  ? -8.501  -1.767  -9.791  1.00 44.22 ? 225 HOH A O     1 
HETATM 1161 O  O     . HOH O 6 .  ? 2.545   3.891   -2.626  1.00 28.26 ? 226 HOH A O     1 
HETATM 1162 O  O     . HOH O 6 .  ? -5.265  0.702   -0.640  1.00 40.09 ? 227 HOH A O     1 
HETATM 1163 O  O     . HOH O 6 .  ? -1.080  -4.074  -3.534  1.00 38.66 ? 228 HOH A O     1 
HETATM 1164 O  O     . HOH O 6 .  ? -6.239  -2.692  -9.246  1.00 45.47 ? 229 HOH A O     1 
HETATM 1165 O  O     . HOH O 6 .  ? 5.350   2.161   -3.003  1.00 35.62 ? 230 HOH A O     1 
HETATM 1166 O  O     . HOH O 6 .  ? 4.466   -0.792  -1.665  1.00 44.64 ? 231 HOH A O     1 
HETATM 1167 O  O     . HOH O 6 .  ? -0.615  1.944   -4.191  1.00 34.21 ? 232 HOH A O     1 
HETATM 1168 O  O     . HOH O 6 .  ? 1.213   6.010   -2.218  1.00 34.17 ? 233 HOH A O     1 
HETATM 1169 O  O     . HOH O 6 .  ? 3.107   5.514   -0.606  1.00 32.51 ? 234 HOH A O     1 
HETATM 1170 O  O     . HOH O 6 .  ? 0.572   4.761   -4.319  1.00 30.95 ? 235 HOH A O     1 
# 
